data_4OVV
#
_entry.id   4OVV
#
_cell.length_a   114.259
_cell.length_b   116.083
_cell.length_c   148.743
_cell.angle_alpha   90.000
_cell.angle_beta   90.000
_cell.angle_gamma   90.000
#
_symmetry.space_group_name_H-M   'P 21 21 21'
#
loop_
_entity.id
_entity.type
_entity.pdbx_description
1 polymer 'Phosphatidylinositol 4,5-bisphosphate 3-kinase catalytic subunit alpha isoform'
2 polymer 'Phosphatidylinositol 3-kinase regulatory subunit alpha'
3 non-polymer '(2R)-3-{[(R)-HYDROXY{[(1R,2R,3S,4R,5R,6S)-2,3,6-TRIHYDROXY-4,5-BIS(PHOSPHONOOXY)CYCLOHEXYL]OXY}PHOSPHORYL]OXY}PROPANE-1 ,2-DIYL DIBUTANOATE'
4 non-polymer 'PHOSPHATE ION'
5 water water
#
loop_
_entity_poly.entity_id
_entity_poly.type
_entity_poly.pdbx_seq_one_letter_code
_entity_poly.pdbx_strand_id
1 'polypeptide(L)'
;MSYYHHHHHHDYDIPTTENLYFQGAMGSMPPRPSSGELWGIHLMPPRILVECLLPNGMIVTLECLREATLITIKHELFKE
ARKYPLHQLLQDESSYIFVSVTQEAEREEFFDETRRLCDLRLFQPFLKVIEPVGNREEKILNREIGFAIGMPVCEFDMVK
DPEVQDFRRNILNVCKEAVDLRDLNSPHSRAMYVYPPNVESSPELPKHIYNKLDKGQIIVVIWVIVSPNNDKQKYTLKIN
HDCVPEQVIAEAIRKKTRSMLLSSEQLKLCVLEYQGKYILKVCGCDEYFLEKYPLSQYKYIRSCIMLGRMPNLMLMAKES
LYSQLPMDCFTMPSYSRRISTATPYMNGETSTKSLWVINSALRIKILCATYVNVNIRDIDKIYVRTGIYHGGEPLCDNVN
TQRVPCSNPRWNEWLNYDIYIPDLPRAARLCLSICSVKGRKGAKEEHCPLAWGNINLFDYTDTLVSGKMALNLWPVPHGL
EDLLNPIGVTGSNPNKETPCLELEFDWFSSVVKFPDMSVIEEHANWSVSREAGFSYSHAGLSNRLARDNELRENDKEQLK
AISTRDPLSEITEQEKDFLWSHRHYCVTIPEILPKLLLSVKWNSRDEVAQMYCLVKDWPPIKPEQAMELLDCNYPDPMVR
GFAVRCLEKYLTDDKLSQYLIQLVQVLKYEQYLDNLLVRFLLKKALTNQRIGHFFFWHLKSEMHNKTVSQRFGLLLESYC
RACGMYLKHLNRQVEAMEKLINLTDILKQEKKDETQKVQMKFLVEQMRRPDFMDALQGFLSPLNPAHQLGNLRLEECRIM
SSAKRPLWLNWENPDIMSELLFQNNEIIFKNGDDLRQDMLTLQIIRIMENIWQNQGLDLRMLPYGCLSIGDCVGLIEVVR
NSHTIMQIQCKGGLKGALQFNSHTLHQWLKDKNKGEIYDAAIDLFTRSCAGYCVATFILGIGDRHNSNIMVKDDGQLFHI
DFGHFLDHKKKKFGYKRERVPFVLTQDFLIVISKGAQECTKTREFERFQEMCYKAYLAIRQHANLFINLFSMMLGSGMPE
LQSFDDIAYIRKTLALDKTEQEALEYFMKQMNDAHHGGWTTKMDWIFHTIKQHALN
;
A
2 'polypeptide(L)'
;MNNNMSLQDAEWYWGDISREEVNEKLRDTADGTFLVRDASTKMHGDYTLTLRKGGNNKLIKIFHRDGKYGFSDPLTFSSV
VELINHYRNESLAQYNPKLDVKLLYPVSKYQQDQVVKEDNIEAVGKKLHEYNTQFQEKSREYDRLYEEYTRTSQEIQMKR
TAIEAFNETIKIFEEQCQTQERYSKEYIEKFKREGNEKEIQRIMHNYDKLKSRISEIIDSRRRLEEDLKKQAAEYREIDK
RMNSIKPDLIQLRKTRDQYLMWLTQKGVRQKKLNEWLGN
;
B
#
loop_
_chem_comp.id
_chem_comp.type
_chem_comp.name
_chem_comp.formula
PBU non-polymer '(2R)-3-{[(R)-HYDROXY{[(1R,2R,3S,4R,5R,6S)-2,3,6-TRIHYDROXY-4,5-BIS(PHOSPHONOOXY)CYCLOHEXYL]OXY}PHOSPHORYL]OXY}PROPANE-1 ,2-DIYL DIBUTANOATE' 'C17 H33 O19 P3'
PO4 non-polymer 'PHOSPHATE ION' 'O4 P -3'
#
# COMPACT_ATOMS: atom_id res chain seq x y z
N MET A 1 14.87 20.03 3.43
CA MET A 1 13.86 19.01 3.88
C MET A 1 12.96 18.59 2.64
N SER A 2 13.48 17.63 1.80
CA SER A 2 13.08 17.42 0.36
C SER A 2 13.18 18.76 -0.40
N TYR A 3 13.06 19.83 0.37
CA TYR A 3 13.40 21.16 -0.04
C TYR A 3 14.91 21.31 -0.25
N TYR A 4 15.74 21.06 0.75
CA TYR A 4 17.18 21.43 0.59
C TYR A 4 18.14 20.25 0.69
N HIS A 5 17.64 19.06 0.35
CA HIS A 5 18.32 17.77 0.65
C HIS A 5 18.75 17.66 2.10
N HIS A 6 17.80 17.99 3.00
CA HIS A 6 18.01 18.02 4.46
C HIS A 6 19.33 18.58 4.98
N HIS A 7 19.74 19.71 4.40
CA HIS A 7 21.10 20.24 4.61
C HIS A 7 21.29 21.36 5.59
N HIS A 8 21.57 21.02 6.85
CA HIS A 8 21.73 22.04 7.90
C HIS A 8 22.89 22.97 7.64
N HIS A 9 22.58 24.27 7.74
CA HIS A 9 23.57 25.35 7.68
C HIS A 9 23.87 25.67 9.08
N HIS A 10 25.05 25.28 9.54
CA HIS A 10 25.31 25.20 10.97
C HIS A 10 25.69 26.49 11.60
N ASP A 11 26.42 27.33 10.86
CA ASP A 11 26.81 28.65 11.37
C ASP A 11 25.62 29.61 11.49
N TYR A 12 24.65 29.49 10.59
CA TYR A 12 23.53 30.39 10.56
C TYR A 12 22.84 30.55 11.93
N ASP A 13 23.03 31.71 12.54
CA ASP A 13 22.23 32.12 13.69
C ASP A 13 21.27 33.22 13.23
N ILE A 14 19.98 32.96 13.44
CA ILE A 14 18.91 33.96 13.22
C ILE A 14 19.13 35.18 14.15
N PRO A 15 19.31 34.96 15.49
CA PRO A 15 19.75 36.10 16.33
C PRO A 15 20.85 36.97 15.69
N THR A 16 22.11 36.53 15.82
CA THR A 16 23.36 37.37 15.69
C THR A 16 23.98 37.69 14.26
N THR A 17 23.26 38.44 13.43
CA THR A 17 23.59 38.57 11.99
C THR A 17 23.79 40.04 11.57
N ARG A 32 -0.70 -3.02 -18.94
CA ARG A 32 -0.06 -4.29 -19.47
C ARG A 32 1.52 -4.33 -19.40
N PRO A 33 2.10 -5.48 -18.91
CA PRO A 33 3.59 -5.66 -18.91
C PRO A 33 4.13 -6.11 -20.31
N SER A 34 5.47 -6.32 -20.40
CA SER A 34 6.22 -6.74 -21.64
C SER A 34 5.79 -5.96 -22.92
N SER A 35 4.98 -4.94 -22.64
CA SER A 35 4.23 -4.19 -23.63
C SER A 35 5.17 -3.07 -24.05
N GLY A 36 6.37 -3.47 -24.47
CA GLY A 36 7.20 -2.55 -25.17
C GLY A 36 6.36 -1.93 -26.28
N GLU A 37 6.97 -0.97 -26.94
CA GLU A 37 6.42 -0.39 -28.14
C GLU A 37 5.59 -1.35 -29.05
N LEU A 38 5.94 -2.63 -29.11
CA LEU A 38 5.26 -3.54 -30.00
C LEU A 38 5.20 -4.93 -29.36
N TRP A 39 4.20 -5.72 -29.73
CA TRP A 39 3.99 -7.06 -29.16
C TRP A 39 5.18 -7.97 -29.27
N GLY A 40 5.65 -8.39 -28.10
CA GLY A 40 6.97 -9.02 -27.98
C GLY A 40 8.07 -7.94 -27.95
N ILE A 41 8.31 -7.39 -29.13
CA ILE A 41 9.47 -6.56 -29.33
C ILE A 41 10.07 -5.85 -28.10
N HIS A 42 9.35 -4.97 -27.39
CA HIS A 42 9.98 -4.21 -26.26
C HIS A 42 10.15 -2.73 -26.49
N LEU A 43 11.21 -2.46 -27.23
CA LEU A 43 11.59 -1.17 -27.68
C LEU A 43 11.83 -1.49 -29.14
N MET A 44 11.15 -0.76 -30.02
CA MET A 44 11.03 -1.19 -31.39
C MET A 44 12.18 -0.74 -32.28
N PRO A 45 12.49 -1.52 -33.31
CA PRO A 45 13.67 -1.28 -34.11
C PRO A 45 13.50 0.07 -34.77
N PRO A 46 14.61 0.78 -35.08
CA PRO A 46 14.59 2.18 -35.60
C PRO A 46 13.98 2.46 -36.99
N ARG A 47 14.06 1.50 -37.90
CA ARG A 47 13.27 1.57 -39.11
C ARG A 47 12.36 0.40 -38.99
N ILE A 48 11.10 0.57 -39.38
CA ILE A 48 10.09 -0.46 -39.19
C ILE A 48 9.09 -0.30 -40.32
N LEU A 49 8.75 -1.39 -41.01
CA LEU A 49 7.69 -1.33 -42.03
C LEU A 49 6.28 -1.38 -41.42
N VAL A 50 5.42 -0.51 -41.93
CA VAL A 50 4.04 -0.39 -41.47
C VAL A 50 3.04 -0.64 -42.61
N GLU A 51 2.20 -1.66 -42.47
CA GLU A 51 1.15 -1.88 -43.43
C GLU A 51 0.07 -0.90 -43.16
N CYS A 52 -0.33 -0.18 -44.19
CA CYS A 52 -1.36 0.81 -44.05
C CYS A 52 -2.57 0.42 -44.85
N LEU A 53 -3.57 -0.10 -44.18
CA LEU A 53 -4.75 -0.57 -44.84
C LEU A 53 -5.58 0.64 -45.12
N LEU A 54 -5.84 0.89 -46.42
CA LEU A 54 -6.63 2.05 -46.94
C LEU A 54 -8.14 1.85 -46.96
N PRO A 55 -8.91 2.91 -47.25
CA PRO A 55 -10.34 2.65 -47.33
C PRO A 55 -10.68 2.20 -48.75
N ASN A 56 -9.66 2.09 -49.61
CA ASN A 56 -9.85 1.46 -50.90
C ASN A 56 -9.37 0.02 -50.93
N GLY A 57 -9.22 -0.56 -49.74
CA GLY A 57 -8.86 -1.96 -49.60
C GLY A 57 -7.46 -2.35 -50.04
N MET A 58 -6.53 -1.42 -49.99
CA MET A 58 -5.22 -1.78 -50.39
C MET A 58 -4.18 -1.51 -49.34
N ILE A 59 -3.45 -2.56 -48.99
CA ILE A 59 -2.26 -2.43 -48.17
C ILE A 59 -1.22 -1.71 -48.99
N VAL A 60 -0.52 -0.77 -48.36
CA VAL A 60 0.70 -0.23 -48.92
C VAL A 60 1.66 -0.08 -47.75
N THR A 61 2.88 -0.55 -47.92
CA THR A 61 3.79 -0.74 -46.80
C THR A 61 4.73 0.40 -46.77
N LEU A 62 4.60 1.23 -45.77
CA LEU A 62 5.49 2.37 -45.59
C LEU A 62 6.73 2.03 -44.76
N GLU A 63 7.92 2.46 -45.19
CA GLU A 63 9.08 2.31 -44.33
C GLU A 63 9.22 3.53 -43.44
N CYS A 64 8.96 3.34 -42.14
CA CYS A 64 8.76 4.43 -41.21
C CYS A 64 9.77 4.41 -40.12
N LEU A 65 10.20 5.57 -39.69
CA LEU A 65 11.08 5.59 -38.56
C LEU A 65 10.29 5.42 -37.26
N ARG A 66 10.82 4.55 -36.41
CA ARG A 66 10.42 4.31 -35.04
C ARG A 66 9.70 5.47 -34.37
N GLU A 67 10.14 6.69 -34.61
CA GLU A 67 9.70 7.84 -33.83
C GLU A 67 8.76 8.82 -34.56
N ALA A 68 8.35 8.51 -35.79
CA ALA A 68 7.59 9.44 -36.61
C ALA A 68 6.18 9.67 -36.11
N THR A 69 5.68 10.90 -36.25
CA THR A 69 4.32 11.20 -35.79
C THR A 69 3.32 10.82 -36.83
N LEU A 70 2.16 10.37 -36.39
CA LEU A 70 1.08 10.03 -37.31
C LEU A 70 0.74 11.17 -38.25
N ILE A 71 1.26 12.37 -38.00
CA ILE A 71 1.07 13.47 -38.93
C ILE A 71 1.95 13.28 -40.16
N THR A 72 3.21 12.88 -39.94
CA THR A 72 4.14 12.62 -41.03
C THR A 72 3.74 11.37 -41.77
N ILE A 73 3.25 10.39 -41.02
CA ILE A 73 2.84 9.16 -41.65
C ILE A 73 1.59 9.34 -42.50
N LYS A 74 0.56 10.00 -41.95
CA LYS A 74 -0.64 10.26 -42.74
C LYS A 74 -0.18 10.98 -43.96
N HIS A 75 0.67 11.97 -43.75
CA HIS A 75 1.20 12.76 -44.86
C HIS A 75 1.91 12.00 -45.96
N GLU A 76 2.75 11.02 -45.56
CA GLU A 76 3.54 10.25 -46.53
C GLU A 76 2.68 9.23 -47.27
N LEU A 77 1.67 8.72 -46.57
CA LEU A 77 0.85 7.63 -47.07
C LEU A 77 0.03 8.08 -48.25
N PHE A 78 -0.49 9.30 -48.16
CA PHE A 78 -1.34 9.88 -49.20
C PHE A 78 -0.55 10.51 -50.33
N LYS A 79 0.76 10.53 -50.17
CA LYS A 79 1.61 10.82 -51.28
C LYS A 79 1.99 9.50 -51.93
N GLU A 80 1.81 8.40 -51.21
CA GLU A 80 2.29 7.12 -51.72
C GLU A 80 1.18 6.25 -52.29
N ALA A 81 -0.04 6.44 -51.80
CA ALA A 81 -1.17 5.81 -52.45
C ALA A 81 -1.25 6.35 -53.87
N ARG A 82 -0.93 7.63 -54.06
CA ARG A 82 -0.85 8.27 -55.38
C ARG A 82 -0.25 7.35 -56.43
N LYS A 83 0.50 6.34 -55.99
CA LYS A 83 1.20 5.45 -56.91
C LYS A 83 0.57 4.06 -56.99
N TYR A 84 -0.45 3.79 -56.19
CA TYR A 84 -1.17 2.51 -56.30
C TYR A 84 -2.51 2.71 -57.00
N PRO A 85 -3.06 1.66 -57.64
CA PRO A 85 -4.40 1.73 -58.27
C PRO A 85 -5.51 2.31 -57.36
N LEU A 86 -6.50 2.96 -57.97
CA LEU A 86 -7.68 3.53 -57.26
C LEU A 86 -7.40 4.72 -56.34
N HIS A 87 -7.01 5.85 -56.93
CA HIS A 87 -6.62 7.06 -56.17
C HIS A 87 -7.76 8.04 -55.96
N GLN A 88 -8.52 8.25 -57.03
CA GLN A 88 -9.66 9.15 -57.05
C GLN A 88 -10.75 8.71 -56.07
N LEU A 89 -10.66 7.44 -55.65
CA LEU A 89 -11.58 6.88 -54.66
C LEU A 89 -11.16 7.21 -53.23
N LEU A 90 -10.13 8.03 -53.06
CA LEU A 90 -9.77 8.59 -51.74
C LEU A 90 -9.89 10.11 -51.80
N GLN A 91 -10.05 10.72 -50.63
CA GLN A 91 -10.05 12.18 -50.58
C GLN A 91 -9.01 12.70 -49.57
N ASP A 92 -8.84 14.01 -49.56
CA ASP A 92 -7.84 14.68 -48.72
C ASP A 92 -7.73 14.05 -47.34
N GLU A 93 -6.47 13.79 -46.97
CA GLU A 93 -6.05 13.33 -45.63
C GLU A 93 -6.93 13.91 -44.51
N SER A 94 -6.92 15.24 -44.44
CA SER A 94 -7.80 16.03 -43.61
C SER A 94 -9.03 15.27 -43.19
N SER A 95 -9.57 14.49 -44.12
CA SER A 95 -10.82 13.74 -43.94
C SER A 95 -10.66 12.30 -43.44
N TYR A 96 -9.64 12.02 -42.62
CA TYR A 96 -9.46 10.66 -42.09
C TYR A 96 -8.67 10.62 -40.77
N ILE A 97 -8.81 9.49 -40.10
CA ILE A 97 -8.08 9.21 -38.85
C ILE A 97 -7.46 7.81 -38.92
N PHE A 98 -6.37 7.59 -38.19
CA PHE A 98 -5.72 6.29 -38.10
C PHE A 98 -6.33 5.38 -37.02
N VAL A 99 -6.48 4.10 -37.33
CA VAL A 99 -6.94 3.14 -36.32
C VAL A 99 -6.10 1.87 -36.38
N SER A 100 -5.96 1.20 -35.24
CA SER A 100 -5.34 -0.12 -35.18
C SER A 100 -5.62 -0.87 -33.90
N VAL A 101 -5.40 -2.19 -33.94
CA VAL A 101 -5.44 -3.06 -32.76
C VAL A 101 -4.28 -2.74 -31.82
N THR A 102 -4.58 -2.35 -30.59
CA THR A 102 -3.54 -2.07 -29.59
C THR A 102 -3.16 -3.34 -28.80
N GLN A 103 -2.19 -3.19 -27.90
CA GLN A 103 -1.73 -4.26 -26.97
C GLN A 103 -2.86 -4.96 -26.18
N GLU A 104 -3.45 -4.27 -25.18
CA GLU A 104 -4.81 -4.53 -24.71
C GLU A 104 -5.61 -4.60 -26.01
N ALA A 105 -6.24 -5.73 -26.32
CA ALA A 105 -6.64 -5.97 -27.71
C ALA A 105 -7.90 -5.24 -28.15
N GLU A 106 -7.81 -3.92 -28.23
CA GLU A 106 -8.97 -3.10 -28.52
C GLU A 106 -8.59 -2.13 -29.62
N ARG A 107 -9.43 -2.04 -30.64
CA ARG A 107 -9.25 -1.12 -31.76
C ARG A 107 -9.25 0.34 -31.33
N GLU A 108 -8.07 0.94 -31.21
CA GLU A 108 -7.99 2.35 -30.80
C GLU A 108 -8.01 3.33 -31.99
N GLU A 109 -8.94 4.29 -31.99
CA GLU A 109 -8.90 5.38 -32.96
C GLU A 109 -7.85 6.31 -32.42
N PHE A 110 -7.02 6.86 -33.32
CA PHE A 110 -5.85 7.67 -32.95
C PHE A 110 -6.08 9.13 -33.28
N PHE A 111 -6.83 9.82 -32.42
CA PHE A 111 -7.22 11.22 -32.63
C PHE A 111 -6.06 12.18 -32.58
N ASP A 112 -5.33 12.19 -31.45
CA ASP A 112 -4.08 12.96 -31.35
C ASP A 112 -3.16 12.44 -32.45
N GLU A 113 -2.97 13.23 -33.51
CA GLU A 113 -2.17 12.76 -34.61
C GLU A 113 -0.73 13.16 -34.47
N THR A 114 -0.32 13.54 -33.27
CA THR A 114 1.06 13.93 -33.03
C THR A 114 1.80 12.93 -32.16
N ARG A 115 1.12 11.87 -31.75
CA ARG A 115 1.72 10.74 -31.03
C ARG A 115 2.76 10.02 -31.90
N ARG A 116 3.72 9.34 -31.31
CA ARG A 116 4.71 8.71 -32.19
C ARG A 116 4.51 7.22 -32.48
N LEU A 117 4.91 6.77 -33.64
CA LEU A 117 4.71 5.38 -33.96
C LEU A 117 5.21 4.48 -32.86
N CYS A 118 6.15 4.94 -32.06
CA CYS A 118 6.63 4.09 -30.98
C CYS A 118 5.82 4.19 -29.69
N ASP A 119 4.98 5.19 -29.58
CA ASP A 119 4.34 5.44 -28.33
C ASP A 119 2.93 4.87 -28.24
N LEU A 120 2.48 4.19 -29.29
CA LEU A 120 1.06 3.79 -29.39
C LEU A 120 0.73 2.44 -28.79
N ARG A 121 1.72 1.59 -28.66
CA ARG A 121 1.48 0.28 -28.13
C ARG A 121 0.61 -0.54 -29.08
N LEU A 122 1.19 -1.00 -30.19
CA LEU A 122 0.43 -1.42 -31.37
C LEU A 122 0.09 -2.88 -31.53
N PHE A 123 0.81 -3.74 -30.85
CA PHE A 123 0.74 -5.17 -31.17
C PHE A 123 1.44 -5.50 -32.51
N GLN A 124 0.73 -5.39 -33.63
CA GLN A 124 1.39 -5.59 -34.91
C GLN A 124 1.58 -4.27 -35.59
N PRO A 125 2.66 -4.14 -36.39
CA PRO A 125 2.95 -2.84 -36.98
C PRO A 125 2.12 -2.58 -38.25
N PHE A 126 0.87 -2.18 -38.06
CA PHE A 126 -0.01 -1.85 -39.16
C PHE A 126 -1.05 -0.84 -38.70
N LEU A 127 -1.47 0.02 -39.60
CA LEU A 127 -2.44 1.06 -39.30
C LEU A 127 -3.53 1.02 -40.32
N LYS A 128 -4.73 1.42 -39.93
CA LYS A 128 -5.81 1.49 -40.91
C LYS A 128 -6.46 2.87 -40.98
N VAL A 129 -6.85 3.23 -42.20
CA VAL A 129 -7.47 4.52 -42.50
C VAL A 129 -8.98 4.44 -42.58
N ILE A 130 -9.63 5.31 -41.81
CA ILE A 130 -11.08 5.34 -41.73
C ILE A 130 -11.51 6.81 -41.59
N GLU A 131 -12.75 7.18 -41.93
CA GLU A 131 -13.23 8.52 -41.53
C GLU A 131 -13.91 8.39 -40.18
N PRO A 132 -13.65 9.34 -39.26
CA PRO A 132 -14.05 9.05 -37.89
C PRO A 132 -15.53 9.34 -37.56
N VAL A 133 -16.41 8.36 -37.80
CA VAL A 133 -17.75 8.35 -37.20
C VAL A 133 -17.61 8.19 -35.67
N GLY A 134 -18.64 8.58 -34.94
CA GLY A 134 -18.47 8.78 -33.50
C GLY A 134 -18.20 10.26 -33.20
N ASN A 135 -18.61 11.12 -34.16
CA ASN A 135 -18.81 12.60 -34.07
C ASN A 135 -18.39 13.31 -32.74
N ARG A 136 -18.75 12.71 -31.60
CA ARG A 136 -18.29 13.14 -30.26
C ARG A 136 -16.79 12.81 -30.10
N GLU A 137 -15.97 13.30 -31.05
CA GLU A 137 -14.51 13.20 -30.97
C GLU A 137 -14.07 13.62 -29.57
N GLU A 138 -15.00 14.27 -28.83
CA GLU A 138 -14.77 14.86 -27.48
C GLU A 138 -14.89 13.81 -26.40
N LYS A 139 -16.03 13.12 -26.38
CA LYS A 139 -16.31 12.06 -25.41
C LYS A 139 -15.38 10.86 -25.57
N ILE A 140 -14.73 10.71 -26.74
CA ILE A 140 -13.67 9.68 -26.92
C ILE A 140 -12.26 10.15 -26.54
N LEU A 141 -12.19 11.34 -25.91
CA LEU A 141 -11.02 11.79 -25.11
C LEU A 141 -11.25 11.43 -23.60
N ASN A 142 -10.73 10.25 -23.28
CA ASN A 142 -11.24 9.34 -22.26
C ASN A 142 -10.56 8.03 -22.67
N ARG A 143 -9.97 8.09 -23.86
CA ARG A 143 -8.90 7.18 -24.21
C ARG A 143 -7.77 7.60 -23.27
N GLU A 144 -7.71 8.89 -22.97
CA GLU A 144 -6.88 9.40 -21.89
C GLU A 144 -7.11 8.59 -20.63
N ILE A 145 -8.26 8.79 -19.99
CA ILE A 145 -8.68 8.04 -18.80
C ILE A 145 -8.20 6.60 -18.84
N GLY A 146 -8.23 6.01 -20.02
CA GLY A 146 -7.77 4.66 -20.17
C GLY A 146 -6.26 4.54 -20.14
N PHE A 147 -5.58 5.51 -20.75
CA PHE A 147 -4.14 5.43 -20.77
C PHE A 147 -3.58 5.69 -19.38
N ALA A 148 -4.24 6.61 -18.66
CA ALA A 148 -3.89 6.95 -17.30
C ALA A 148 -4.01 5.74 -16.38
N ILE A 149 -4.97 4.84 -16.62
CA ILE A 149 -5.10 3.65 -15.77
C ILE A 149 -4.49 2.33 -16.31
N GLY A 150 -4.11 2.30 -17.57
CA GLY A 150 -3.44 1.11 -18.11
C GLY A 150 -4.33 -0.09 -18.39
N MET A 151 -5.64 0.13 -18.23
CA MET A 151 -6.71 -0.68 -18.84
C MET A 151 -7.79 0.23 -19.44
N PRO A 152 -8.39 -0.15 -20.61
CA PRO A 152 -9.15 0.83 -21.41
C PRO A 152 -10.62 0.83 -21.10
N VAL A 153 -11.12 2.02 -20.77
CA VAL A 153 -12.49 2.27 -20.26
C VAL A 153 -13.58 1.38 -20.84
N CYS A 154 -13.58 1.23 -22.17
CA CYS A 154 -14.56 0.36 -22.84
C CYS A 154 -14.63 -1.06 -22.22
N GLU A 155 -13.53 -1.51 -21.58
CA GLU A 155 -13.48 -2.82 -20.91
C GLU A 155 -14.43 -2.95 -19.69
N PHE A 156 -14.90 -1.79 -19.20
CA PHE A 156 -15.93 -1.71 -18.17
C PHE A 156 -17.35 -1.85 -18.69
N ASP A 157 -17.68 -1.19 -19.81
CA ASP A 157 -18.98 -1.40 -20.50
C ASP A 157 -19.21 -2.86 -20.92
N MET A 158 -18.12 -3.62 -20.93
CA MET A 158 -18.15 -5.06 -21.11
C MET A 158 -18.39 -5.83 -19.81
N VAL A 159 -18.63 -5.14 -18.69
CA VAL A 159 -18.83 -5.87 -17.44
C VAL A 159 -20.31 -6.15 -17.16
N LYS A 160 -20.61 -7.44 -17.20
CA LYS A 160 -21.93 -7.99 -17.02
C LYS A 160 -22.46 -7.74 -15.61
N ASP A 161 -21.73 -8.26 -14.63
CA ASP A 161 -22.04 -8.11 -13.20
C ASP A 161 -22.69 -6.76 -12.87
N PRO A 162 -23.81 -6.77 -12.13
CA PRO A 162 -24.63 -5.59 -11.94
C PRO A 162 -24.17 -4.68 -10.80
N GLU A 163 -23.25 -5.17 -9.97
CA GLU A 163 -22.75 -4.40 -8.86
C GLU A 163 -21.82 -3.33 -9.39
N VAL A 164 -21.01 -3.73 -10.36
CA VAL A 164 -19.95 -2.91 -10.89
C VAL A 164 -20.60 -1.86 -11.73
N GLN A 165 -21.65 -2.24 -12.41
CA GLN A 165 -22.25 -1.33 -13.35
C GLN A 165 -23.10 -0.32 -12.61
N ASP A 166 -23.33 -0.63 -11.34
CA ASP A 166 -24.04 0.24 -10.48
C ASP A 166 -23.10 1.16 -9.79
N PHE A 167 -21.99 0.65 -9.23
CA PHE A 167 -20.94 1.52 -8.69
C PHE A 167 -20.60 2.61 -9.70
N ARG A 168 -20.46 2.26 -10.98
CA ARG A 168 -20.08 3.25 -12.01
C ARG A 168 -21.00 4.47 -12.13
N ARG A 169 -22.30 4.25 -11.99
CA ARG A 169 -23.27 5.31 -12.11
C ARG A 169 -23.45 6.03 -10.78
N ASN A 170 -23.59 5.28 -9.69
CA ASN A 170 -23.89 5.88 -8.40
C ASN A 170 -22.81 6.87 -7.92
N ILE A 171 -21.56 6.48 -8.05
CA ILE A 171 -20.45 7.28 -7.62
C ILE A 171 -20.47 8.67 -8.27
N LEU A 172 -21.15 8.82 -9.38
CA LEU A 172 -21.03 10.11 -10.03
C LEU A 172 -21.52 11.23 -9.15
N ASN A 173 -22.46 10.94 -8.25
CA ASN A 173 -22.83 11.91 -7.23
C ASN A 173 -21.57 12.63 -6.82
N VAL A 174 -20.62 11.87 -6.26
CA VAL A 174 -19.52 12.40 -5.49
C VAL A 174 -18.72 13.32 -6.35
N CYS A 175 -18.51 12.88 -7.59
CA CYS A 175 -17.79 13.66 -8.58
C CYS A 175 -18.32 15.08 -8.77
N LYS A 176 -19.65 15.21 -8.92
CA LYS A 176 -20.28 16.50 -9.13
C LYS A 176 -20.26 17.29 -7.86
N GLU A 177 -20.20 16.59 -6.75
CA GLU A 177 -20.09 17.27 -5.48
C GLU A 177 -18.78 18.02 -5.44
N ALA A 178 -17.69 17.28 -5.68
CA ALA A 178 -16.34 17.83 -5.71
C ALA A 178 -16.23 18.95 -6.75
N VAL A 179 -16.41 18.63 -8.03
CA VAL A 179 -16.42 19.64 -9.13
C VAL A 179 -17.23 20.90 -8.78
N ASP A 180 -18.31 20.72 -8.02
CA ASP A 180 -19.03 21.85 -7.53
C ASP A 180 -18.28 22.59 -6.43
N LEU A 181 -18.07 21.91 -5.30
CA LEU A 181 -17.41 22.50 -4.12
C LEU A 181 -16.06 23.16 -4.39
N ARG A 182 -15.49 22.85 -5.56
CA ARG A 182 -14.34 23.58 -6.11
C ARG A 182 -14.68 24.94 -6.75
N ASP A 183 -15.50 24.91 -7.80
CA ASP A 183 -15.79 26.09 -8.59
C ASP A 183 -16.54 27.12 -7.73
N LEU A 184 -16.53 26.86 -6.41
CA LEU A 184 -17.32 27.67 -5.44
C LEU A 184 -16.98 29.18 -5.36
N ASN A 185 -15.70 29.53 -5.14
CA ASN A 185 -15.24 30.93 -5.26
C ASN A 185 -14.10 31.07 -6.24
N SER A 186 -14.33 30.51 -7.43
CA SER A 186 -13.53 30.76 -8.63
C SER A 186 -13.18 32.27 -8.79
N PRO A 187 -11.88 32.58 -8.98
CA PRO A 187 -10.87 31.60 -9.29
C PRO A 187 -10.17 31.09 -8.04
N HIS A 188 -10.33 31.81 -6.93
CA HIS A 188 -9.62 31.47 -5.71
C HIS A 188 -9.81 30.06 -5.23
N SER A 189 -10.97 29.47 -5.50
CA SER A 189 -11.30 28.14 -4.95
C SER A 189 -10.69 27.03 -5.77
N ARG A 190 -10.47 27.33 -7.04
CA ARG A 190 -9.86 26.40 -7.90
C ARG A 190 -8.38 26.54 -7.67
N ALA A 191 -7.92 27.71 -7.28
CA ALA A 191 -6.52 27.88 -6.97
C ALA A 191 -6.23 27.20 -5.67
N MET A 192 -7.18 27.24 -4.76
CA MET A 192 -7.06 26.50 -3.56
C MET A 192 -7.11 25.00 -3.82
N TYR A 193 -7.67 24.58 -4.95
CA TYR A 193 -7.79 23.16 -5.26
C TYR A 193 -6.44 22.69 -5.67
N VAL A 194 -5.91 23.28 -6.73
CA VAL A 194 -4.66 22.83 -7.34
C VAL A 194 -3.46 23.01 -6.41
N TYR A 195 -3.42 24.12 -5.72
CA TYR A 195 -2.26 24.46 -4.91
C TYR A 195 -2.50 24.58 -3.39
N PRO A 196 -2.97 23.48 -2.79
CA PRO A 196 -3.42 23.50 -1.40
C PRO A 196 -2.29 23.70 -0.44
N PRO A 197 -2.43 24.67 0.47
CA PRO A 197 -1.42 25.10 1.42
C PRO A 197 -0.79 23.93 2.10
N ASN A 198 0.52 23.82 1.97
CA ASN A 198 1.19 22.73 2.62
C ASN A 198 1.51 23.08 4.08
N VAL A 199 0.85 22.40 5.00
CA VAL A 199 0.76 22.96 6.33
C VAL A 199 0.80 21.94 7.46
N GLU A 200 1.80 22.12 8.34
CA GLU A 200 1.93 21.38 9.59
C GLU A 200 0.67 21.45 10.41
N SER A 201 0.54 20.46 11.29
CA SER A 201 -0.70 20.23 12.03
C SER A 201 -0.90 21.16 13.25
N SER A 202 0.12 21.30 14.11
CA SER A 202 0.01 22.32 15.18
C SER A 202 0.46 23.72 14.72
N PRO A 203 -0.25 24.77 15.17
CA PRO A 203 0.24 26.12 14.90
C PRO A 203 1.20 26.49 16.01
N GLU A 204 0.87 26.00 17.21
CA GLU A 204 1.75 25.98 18.36
C GLU A 204 3.04 25.34 17.91
N LEU A 205 4.10 26.13 17.88
CA LEU A 205 5.44 25.66 17.65
C LEU A 205 5.98 24.81 18.84
N PRO A 206 6.98 23.93 18.62
CA PRO A 206 7.54 23.30 19.82
C PRO A 206 8.69 24.12 20.41
N LYS A 207 8.94 23.93 21.70
CA LYS A 207 9.91 24.75 22.47
C LYS A 207 11.29 24.84 21.85
N HIS A 208 11.82 23.75 21.31
CA HIS A 208 13.18 23.76 20.80
C HIS A 208 13.28 24.50 19.48
N ILE A 209 12.18 24.54 18.72
CA ILE A 209 12.14 25.30 17.46
C ILE A 209 11.97 26.81 17.71
N TYR A 210 10.96 27.17 18.52
CA TYR A 210 10.70 28.56 18.96
C TYR A 210 12.00 29.18 19.38
N ASN A 211 12.88 28.32 19.91
CA ASN A 211 14.09 28.76 20.56
C ASN A 211 15.27 29.16 19.67
N LYS A 212 15.13 28.92 18.36
CA LYS A 212 16.12 29.38 17.38
C LYS A 212 15.71 30.72 16.74
N LEU A 213 15.02 31.57 17.52
CA LEU A 213 14.23 32.67 16.97
C LEU A 213 14.32 34.05 17.68
N ASP A 214 15.27 34.19 18.62
CA ASP A 214 15.38 35.42 19.45
C ASP A 214 13.98 36.04 19.84
N LYS A 215 13.16 35.15 20.42
CA LYS A 215 11.79 35.41 20.90
C LYS A 215 10.76 35.53 19.79
N GLY A 216 11.01 34.82 18.70
CA GLY A 216 9.97 34.56 17.70
C GLY A 216 9.99 35.34 16.39
N GLN A 217 11.17 35.55 15.81
CA GLN A 217 11.25 36.38 14.63
C GLN A 217 12.06 35.82 13.47
N ILE A 218 11.47 35.66 12.29
CA ILE A 218 12.23 35.05 11.18
C ILE A 218 12.69 36.12 10.22
N ILE A 219 13.90 35.98 9.70
CA ILE A 219 14.29 36.78 8.56
C ILE A 219 13.97 35.98 7.30
N VAL A 220 13.31 36.66 6.37
CA VAL A 220 12.71 36.08 5.19
C VAL A 220 13.09 36.95 4.02
N VAL A 221 13.25 36.39 2.85
CA VAL A 221 13.71 37.17 1.74
C VAL A 221 12.67 37.13 0.67
N ILE A 222 12.01 38.26 0.41
CA ILE A 222 10.99 38.27 -0.63
C ILE A 222 11.55 38.77 -1.94
N TRP A 223 11.40 37.96 -2.98
CA TRP A 223 11.86 38.35 -4.30
C TRP A 223 10.70 38.85 -5.09
N VAL A 224 10.99 39.73 -6.05
CA VAL A 224 9.98 40.47 -6.83
C VAL A 224 10.41 40.63 -8.28
N ILE A 225 9.41 40.67 -9.15
CA ILE A 225 9.59 40.69 -10.60
C ILE A 225 8.82 41.90 -11.20
N VAL A 226 9.54 42.89 -11.71
CA VAL A 226 8.85 44.04 -12.33
C VAL A 226 8.93 44.15 -13.90
N SER A 227 10.09 44.54 -14.48
CA SER A 227 10.39 44.45 -15.97
C SER A 227 11.90 44.69 -16.38
N PRO A 228 12.54 43.76 -17.20
CA PRO A 228 12.36 42.61 -18.18
C PRO A 228 11.22 41.53 -18.20
N ASN A 229 11.12 40.63 -17.22
CA ASN A 229 11.99 40.69 -16.04
C ASN A 229 12.86 39.47 -15.62
N ASN A 230 13.88 39.18 -16.44
CA ASN A 230 15.14 38.60 -15.95
C ASN A 230 15.91 39.77 -15.22
N ASP A 231 15.23 40.33 -14.21
CA ASP A 231 15.83 41.12 -13.13
C ASP A 231 15.01 40.86 -11.86
N LYS A 232 15.69 40.89 -10.73
CA LYS A 232 15.12 40.46 -9.44
C LYS A 232 15.38 41.53 -8.43
N GLN A 233 14.66 41.47 -7.33
CA GLN A 233 14.81 42.39 -6.23
C GLN A 233 14.52 41.70 -4.89
N LYS A 234 15.50 41.76 -4.00
CA LYS A 234 15.40 41.14 -2.70
C LYS A 234 14.73 42.07 -1.74
N TYR A 235 13.94 41.57 -0.82
CA TYR A 235 13.58 42.41 0.32
C TYR A 235 13.55 41.50 1.52
N THR A 236 14.56 41.69 2.36
CA THR A 236 14.79 40.90 3.54
C THR A 236 14.00 41.47 4.72
N LEU A 237 12.83 40.89 4.96
CA LEU A 237 12.02 41.25 6.09
C LEU A 237 12.47 40.45 7.28
N LYS A 238 12.16 40.99 8.45
CA LYS A 238 12.36 40.29 9.68
C LYS A 238 11.05 40.47 10.37
N ILE A 239 10.27 39.40 10.45
CA ILE A 239 8.90 39.48 10.97
C ILE A 239 8.63 38.48 12.07
N ASN A 240 7.74 38.86 12.99
CA ASN A 240 7.03 37.91 13.86
C ASN A 240 6.72 36.55 13.21
N HIS A 241 7.00 35.47 13.94
CA HIS A 241 7.05 34.12 13.38
C HIS A 241 5.71 33.67 12.97
N ASP A 242 4.68 34.35 13.45
CA ASP A 242 3.34 33.85 13.25
C ASP A 242 2.44 34.91 12.63
N CYS A 243 2.91 35.54 11.55
CA CYS A 243 2.09 36.53 10.84
C CYS A 243 1.71 36.09 9.43
N VAL A 244 0.40 35.99 9.19
CA VAL A 244 -0.17 35.40 7.96
C VAL A 244 0.39 36.00 6.66
N PRO A 245 0.53 35.18 5.59
CA PRO A 245 1.11 35.63 4.34
C PRO A 245 0.74 37.05 3.95
N GLU A 246 -0.52 37.43 4.16
CA GLU A 246 -0.94 38.82 3.88
C GLU A 246 0.00 39.83 4.53
N GLN A 247 0.14 39.74 5.85
CA GLN A 247 1.00 40.65 6.59
C GLN A 247 2.39 40.72 5.99
N VAL A 248 2.88 39.57 5.54
CA VAL A 248 4.20 39.48 4.98
C VAL A 248 4.22 40.26 3.66
N ILE A 249 3.19 40.08 2.83
CA ILE A 249 3.06 40.84 1.56
C ILE A 249 2.85 42.35 1.78
N ALA A 250 2.08 42.71 2.83
CA ALA A 250 2.02 44.06 3.36
C ALA A 250 3.43 44.62 3.57
N GLU A 251 4.03 44.34 4.72
CA GLU A 251 5.38 44.85 5.05
C GLU A 251 6.43 44.63 3.94
N ALA A 252 6.18 43.70 3.02
CA ALA A 252 7.05 43.56 1.86
C ALA A 252 6.95 44.77 0.94
N ILE A 253 5.75 45.07 0.47
CA ILE A 253 5.51 46.17 -0.45
C ILE A 253 5.83 47.49 0.22
N ARG A 254 5.93 47.44 1.54
CA ARG A 254 6.32 48.59 2.29
C ARG A 254 7.79 48.85 2.05
N LYS A 255 8.65 47.86 2.23
CA LYS A 255 10.06 48.03 1.89
C LYS A 255 10.25 48.53 0.46
N LYS A 256 9.38 48.08 -0.44
CA LYS A 256 9.53 48.29 -1.88
C LYS A 256 9.36 49.77 -2.30
N THR A 257 8.34 50.40 -1.73
CA THR A 257 7.90 51.71 -2.13
C THR A 257 8.57 52.85 -1.36
N ARG A 258 8.35 52.92 -0.05
CA ARG A 258 8.79 54.05 0.76
C ARG A 258 9.84 54.85 0.03
N SER A 259 9.46 55.98 -0.55
CA SER A 259 10.40 56.91 -1.17
C SER A 259 10.46 58.15 -0.31
N MET A 260 11.35 59.07 -0.67
CA MET A 260 11.44 60.39 -0.02
C MET A 260 10.37 61.34 -0.54
N LEU A 261 9.65 60.88 -1.55
CA LEU A 261 8.58 61.65 -2.14
C LEU A 261 7.20 61.05 -1.82
N LEU A 262 7.13 60.23 -0.79
CA LEU A 262 5.87 59.69 -0.39
C LEU A 262 5.53 59.93 1.05
N SER A 263 4.65 60.89 1.28
CA SER A 263 4.02 61.11 2.56
C SER A 263 3.75 59.79 3.26
N SER A 264 3.73 59.81 4.58
CA SER A 264 3.43 58.60 5.31
C SER A 264 2.02 58.12 5.05
N GLU A 265 1.05 59.04 5.04
CA GLU A 265 -0.36 58.69 4.82
C GLU A 265 -0.50 58.01 3.50
N GLN A 266 0.01 58.62 2.45
CA GLN A 266 -0.15 58.07 1.11
C GLN A 266 0.71 56.83 0.87
N LEU A 267 1.57 56.50 1.82
CA LEU A 267 2.30 55.22 1.77
C LEU A 267 1.34 54.11 2.15
N LYS A 268 0.67 54.30 3.28
CA LYS A 268 -0.34 53.37 3.83
C LYS A 268 -1.48 53.11 2.86
N LEU A 269 -1.91 54.15 2.16
CA LEU A 269 -2.90 54.02 1.09
C LEU A 269 -2.43 53.03 0.01
N CYS A 270 -1.21 53.22 -0.48
CA CYS A 270 -0.70 52.37 -1.54
C CYS A 270 -0.58 50.90 -1.10
N VAL A 271 -0.23 50.67 0.15
CA VAL A 271 -0.19 49.31 0.70
C VAL A 271 -1.60 48.77 0.84
N LEU A 272 -2.60 49.65 0.88
CA LEU A 272 -3.94 49.18 0.87
C LEU A 272 -4.30 48.72 -0.54
N GLU A 273 -4.14 49.56 -1.54
CA GLU A 273 -4.54 49.15 -2.89
C GLU A 273 -3.78 47.93 -3.42
N TYR A 274 -2.56 48.16 -3.87
CA TYR A 274 -1.61 47.13 -4.31
C TYR A 274 -1.67 45.82 -3.53
N GLN A 275 -1.55 45.92 -2.21
CA GLN A 275 -1.43 44.79 -1.29
C GLN A 275 -1.88 43.40 -1.71
N GLY A 276 -3.17 43.22 -1.88
CA GLY A 276 -3.73 41.90 -2.12
C GLY A 276 -3.86 41.54 -3.60
N LYS A 277 -3.13 42.20 -4.47
CA LYS A 277 -3.13 41.80 -5.88
C LYS A 277 -2.08 40.75 -6.08
N TYR A 278 -1.39 40.39 -4.99
CA TYR A 278 -0.27 39.50 -5.03
C TYR A 278 -0.51 38.39 -4.04
N ILE A 279 0.12 37.24 -4.28
CA ILE A 279 0.22 36.14 -3.28
C ILE A 279 1.56 35.40 -3.23
N LEU A 280 1.85 34.81 -2.09
CA LEU A 280 3.19 34.35 -1.84
C LEU A 280 3.50 32.98 -2.37
N LYS A 281 4.60 32.87 -3.08
CA LYS A 281 5.00 31.59 -3.66
C LYS A 281 6.35 31.18 -3.12
N VAL A 282 6.57 29.88 -2.87
CA VAL A 282 7.90 29.39 -2.44
C VAL A 282 8.90 29.36 -3.60
N CYS A 283 10.01 30.07 -3.47
CA CYS A 283 11.04 30.11 -4.50
C CYS A 283 11.59 28.73 -4.80
N GLY A 284 11.44 28.33 -6.06
CA GLY A 284 12.07 27.12 -6.54
C GLY A 284 11.18 25.90 -6.70
N CYS A 285 9.92 26.00 -6.28
CA CYS A 285 8.94 24.94 -6.59
C CYS A 285 7.50 25.46 -6.61
N ASP A 286 6.55 24.62 -7.00
CA ASP A 286 5.15 25.04 -7.07
C ASP A 286 4.45 24.91 -5.77
N GLU A 287 5.05 25.44 -4.72
CA GLU A 287 4.32 25.59 -3.49
C GLU A 287 3.91 27.06 -3.26
N TYR A 288 2.61 27.28 -3.05
CA TYR A 288 2.09 28.60 -2.72
C TYR A 288 1.48 28.62 -1.33
N PHE A 289 1.39 29.83 -0.77
CA PHE A 289 0.88 30.07 0.59
C PHE A 289 -0.48 30.78 0.46
N LEU A 290 -1.50 30.03 0.07
CA LEU A 290 -2.68 30.71 -0.40
C LEU A 290 -3.70 31.07 0.66
N GLU A 291 -3.55 30.60 1.90
CA GLU A 291 -4.50 31.05 2.93
C GLU A 291 -3.82 31.51 4.20
N LYS A 292 -4.58 32.13 5.11
CA LYS A 292 -4.10 32.46 6.45
C LYS A 292 -3.54 31.25 7.18
N TYR A 293 -2.28 31.33 7.53
CA TYR A 293 -1.74 30.48 8.56
C TYR A 293 -0.67 31.26 9.29
N PRO A 294 -0.52 31.01 10.57
CA PRO A 294 0.66 31.60 11.10
C PRO A 294 1.80 31.19 10.16
N LEU A 295 2.66 32.14 9.83
CA LEU A 295 3.72 31.91 8.87
C LEU A 295 4.54 30.64 9.14
N SER A 296 4.94 30.45 10.39
CA SER A 296 5.62 29.24 10.88
C SER A 296 4.84 27.93 10.72
N GLN A 297 3.60 28.01 10.26
CA GLN A 297 2.88 26.77 10.06
C GLN A 297 3.13 26.07 8.70
N TYR A 298 3.52 26.83 7.70
CA TYR A 298 3.72 26.22 6.41
C TYR A 298 4.93 25.38 6.57
N LYS A 299 4.89 24.17 6.03
CA LYS A 299 5.97 23.22 6.26
C LYS A 299 7.32 23.77 5.82
N TYR A 300 7.32 24.67 4.84
CA TYR A 300 8.56 25.26 4.31
C TYR A 300 9.31 26.08 5.34
N ILE A 301 8.62 27.05 5.95
CA ILE A 301 9.18 27.99 6.93
C ILE A 301 9.71 27.15 8.04
N ARG A 302 8.88 26.20 8.47
CA ARG A 302 9.21 25.40 9.63
C ARG A 302 10.27 24.36 9.32
N SER A 303 10.52 24.10 8.03
CA SER A 303 11.76 23.42 7.60
C SER A 303 12.86 24.44 7.71
N CYS A 304 12.83 25.48 6.87
CA CYS A 304 13.82 26.58 6.88
C CYS A 304 14.34 26.93 8.28
N ILE A 305 13.46 26.88 9.29
CA ILE A 305 13.85 27.18 10.68
C ILE A 305 14.68 26.02 11.19
N MET A 306 14.11 24.82 11.10
CA MET A 306 14.79 23.59 11.51
C MET A 306 16.20 23.43 10.97
N LEU A 307 16.48 24.02 9.80
CA LEU A 307 17.70 23.78 9.05
C LEU A 307 18.67 24.98 9.02
N GLY A 308 18.31 26.06 9.70
CA GLY A 308 19.15 27.27 9.74
C GLY A 308 19.12 27.98 8.39
N ARG A 309 17.92 28.09 7.86
CA ARG A 309 17.72 28.64 6.53
C ARG A 309 16.90 29.94 6.51
N MET A 310 17.21 30.78 5.52
CA MET A 310 16.50 32.00 5.30
C MET A 310 15.45 31.72 4.25
N PRO A 311 14.18 31.82 4.62
CA PRO A 311 13.17 31.53 3.60
C PRO A 311 13.21 32.51 2.42
N ASN A 312 13.05 31.97 1.24
CA ASN A 312 12.90 32.76 0.07
C ASN A 312 11.52 32.57 -0.51
N LEU A 313 10.75 33.65 -0.50
CA LEU A 313 9.46 33.63 -1.12
C LEU A 313 9.55 34.55 -2.31
N MET A 314 8.60 34.38 -3.22
CA MET A 314 8.57 35.14 -4.42
C MET A 314 7.21 35.82 -4.45
N LEU A 315 7.21 37.13 -4.76
CA LEU A 315 5.96 37.91 -4.94
C LEU A 315 5.27 37.61 -6.22
N MET A 316 4.08 37.02 -6.10
CA MET A 316 3.34 36.56 -7.24
C MET A 316 2.14 37.41 -7.60
N ALA A 317 2.18 37.97 -8.81
CA ALA A 317 0.99 38.48 -9.44
C ALA A 317 -0.12 37.40 -9.33
N LYS A 318 -1.17 37.68 -8.56
CA LYS A 318 -2.30 36.76 -8.39
C LYS A 318 -3.05 36.45 -9.70
N GLU A 319 -3.18 37.47 -10.56
CA GLU A 319 -3.72 37.28 -11.90
C GLU A 319 -2.86 36.33 -12.73
N SER A 320 -1.55 36.60 -12.81
CA SER A 320 -0.59 35.73 -13.49
C SER A 320 -0.63 34.25 -12.99
N LEU A 321 -1.14 34.03 -11.77
CA LEU A 321 -1.42 32.65 -11.33
C LEU A 321 -2.73 32.16 -11.92
N TYR A 322 -3.83 32.84 -11.64
CA TYR A 322 -5.11 32.54 -12.27
C TYR A 322 -5.00 32.51 -13.80
N SER A 323 -3.80 32.79 -14.30
CA SER A 323 -3.58 32.72 -15.72
C SER A 323 -3.19 31.30 -15.96
N GLN A 324 -2.20 30.87 -15.19
CA GLN A 324 -1.60 29.55 -15.32
C GLN A 324 -2.55 28.36 -15.16
N LEU A 325 -3.62 28.48 -14.38
CA LEU A 325 -4.67 27.45 -14.40
C LEU A 325 -5.78 27.94 -15.32
N PRO A 326 -6.43 27.02 -16.05
CA PRO A 326 -7.72 27.31 -16.70
C PRO A 326 -8.68 26.14 -16.39
N MET A 327 -9.92 26.16 -16.96
CA MET A 327 -11.00 25.25 -16.47
C MET A 327 -10.89 23.76 -16.73
N ASP A 328 -11.35 23.04 -15.70
CA ASP A 328 -11.43 21.56 -15.64
C ASP A 328 -12.73 21.05 -16.37
N CYS A 329 -13.78 21.91 -16.42
CA CYS A 329 -14.90 21.73 -17.38
C CYS A 329 -15.57 20.29 -17.40
N PHE A 330 -16.11 19.87 -16.23
CA PHE A 330 -16.74 18.53 -16.01
C PHE A 330 -17.77 18.09 -17.07
N THR A 331 -17.77 16.79 -17.45
CA THR A 331 -19.00 16.16 -18.06
C THR A 331 -19.47 14.85 -17.42
N MET A 332 -20.77 14.80 -17.14
CA MET A 332 -21.45 13.54 -16.85
C MET A 332 -21.28 12.69 -18.09
N PRO A 333 -20.71 11.51 -17.87
CA PRO A 333 -20.27 10.54 -18.89
C PRO A 333 -21.38 9.81 -19.63
N SER A 334 -20.96 9.17 -20.74
CA SER A 334 -21.85 8.51 -21.71
C SER A 334 -22.84 7.51 -21.09
N TYR A 335 -22.31 6.60 -20.27
CA TYR A 335 -23.13 5.71 -19.42
C TYR A 335 -23.86 6.53 -18.28
N SER A 336 -24.30 7.74 -18.63
CA SER A 336 -25.03 8.71 -17.78
C SER A 336 -25.86 8.07 -16.67
N GLU A 349 -38.73 -9.57 -6.79
CA GLU A 349 -39.94 -10.10 -6.12
C GLU A 349 -40.32 -9.21 -4.86
N THR A 350 -41.47 -8.47 -4.96
CA THR A 350 -41.86 -7.19 -4.20
C THR A 350 -41.68 -7.03 -2.66
N SER A 351 -40.77 -6.12 -2.24
CA SER A 351 -40.37 -5.91 -0.79
C SER A 351 -39.66 -7.17 -0.20
N THR A 352 -39.59 -8.21 -1.03
CA THR A 352 -39.02 -9.55 -0.75
C THR A 352 -39.56 -10.31 0.49
N LYS A 353 -38.75 -10.38 1.56
CA LYS A 353 -39.07 -11.16 2.73
C LYS A 353 -37.96 -10.94 3.73
N SER A 354 -38.33 -10.42 4.91
CA SER A 354 -37.42 -10.12 6.06
C SER A 354 -36.58 -11.35 6.42
N LEU A 355 -35.25 -11.19 6.48
CA LEU A 355 -34.35 -12.33 6.83
C LEU A 355 -34.81 -12.99 8.13
N TRP A 356 -35.39 -12.20 9.02
CA TRP A 356 -35.67 -12.64 10.34
C TRP A 356 -36.86 -13.54 10.46
N VAL A 357 -37.46 -13.91 9.33
CA VAL A 357 -38.61 -14.80 9.29
C VAL A 357 -38.23 -16.23 8.96
N ILE A 358 -37.04 -16.44 8.40
CA ILE A 358 -36.60 -17.76 7.98
C ILE A 358 -36.37 -18.71 9.17
N ASN A 359 -37.21 -19.74 9.22
CA ASN A 359 -37.31 -20.62 10.38
C ASN A 359 -36.42 -21.87 10.34
N SER A 360 -35.13 -21.73 10.02
CA SER A 360 -34.19 -22.90 10.03
C SER A 360 -32.72 -22.57 10.14
N ALA A 361 -31.89 -23.58 10.33
CA ALA A 361 -30.44 -23.44 10.36
C ALA A 361 -29.99 -23.05 8.97
N LEU A 362 -28.69 -22.97 8.74
CA LEU A 362 -28.24 -22.69 7.40
C LEU A 362 -27.81 -23.99 6.71
N ARG A 363 -28.46 -24.31 5.58
CA ARG A 363 -27.96 -25.36 4.66
C ARG A 363 -26.96 -24.71 3.69
N ILE A 364 -25.84 -25.40 3.48
CA ILE A 364 -24.91 -25.08 2.37
C ILE A 364 -24.42 -26.40 1.73
N LYS A 365 -24.54 -26.51 0.42
CA LYS A 365 -24.22 -27.74 -0.25
C LYS A 365 -23.01 -27.53 -1.08
N ILE A 366 -21.96 -28.26 -0.79
CA ILE A 366 -20.77 -28.22 -1.62
C ILE A 366 -20.95 -29.29 -2.68
N LEU A 367 -21.08 -28.91 -3.94
CA LEU A 367 -21.22 -29.90 -5.00
C LEU A 367 -19.85 -30.46 -5.35
N CYS A 368 -19.37 -30.31 -6.57
CA CYS A 368 -18.12 -30.93 -6.96
C CYS A 368 -17.03 -29.91 -6.84
N ALA A 369 -15.79 -30.33 -7.11
CA ALA A 369 -14.71 -29.39 -7.49
C ALA A 369 -13.96 -29.86 -8.74
N THR A 370 -13.47 -28.90 -9.51
CA THR A 370 -13.01 -29.16 -10.87
C THR A 370 -11.52 -29.50 -11.00
N TYR A 371 -10.66 -28.53 -10.68
CA TYR A 371 -9.29 -28.52 -11.21
C TYR A 371 -8.25 -28.29 -10.09
N VAL A 372 -8.19 -29.28 -9.20
CA VAL A 372 -7.13 -29.45 -8.20
C VAL A 372 -5.99 -30.19 -8.86
N ASN A 373 -4.77 -29.73 -8.65
CA ASN A 373 -3.68 -30.44 -9.26
C ASN A 373 -2.78 -30.93 -8.17
N VAL A 374 -2.69 -32.25 -8.02
CA VAL A 374 -1.85 -32.91 -7.02
C VAL A 374 -1.37 -34.23 -7.58
N ASN A 375 -0.25 -34.71 -7.03
CA ASN A 375 0.26 -36.05 -7.32
C ASN A 375 -0.62 -37.14 -6.66
N ILE A 376 -1.46 -37.83 -7.46
CA ILE A 376 -2.42 -38.83 -6.92
C ILE A 376 -1.77 -39.80 -5.90
N ARG A 377 -0.46 -40.05 -6.07
CA ARG A 377 0.31 -40.96 -5.19
C ARG A 377 0.81 -40.29 -3.90
N ASP A 378 1.18 -39.02 -4.03
CA ASP A 378 1.85 -38.21 -3.01
C ASP A 378 0.92 -37.77 -1.86
N ILE A 379 -0.38 -37.93 -2.03
CA ILE A 379 -1.32 -37.42 -1.05
C ILE A 379 -2.41 -38.42 -0.70
N ASP A 380 -2.89 -38.43 0.55
CA ASP A 380 -3.93 -39.39 0.97
C ASP A 380 -5.35 -39.12 0.36
N LYS A 381 -5.99 -38.00 0.73
CA LYS A 381 -7.33 -37.65 0.25
C LYS A 381 -7.56 -36.13 0.28
N ILE A 382 -8.77 -35.69 -0.07
CA ILE A 382 -9.14 -34.27 0.04
C ILE A 382 -10.59 -34.04 0.41
N TYR A 383 -10.82 -33.03 1.23
CA TYR A 383 -12.13 -32.74 1.78
C TYR A 383 -12.33 -31.24 1.93
N VAL A 384 -13.54 -30.76 1.66
CA VAL A 384 -13.80 -29.31 1.66
C VAL A 384 -14.12 -28.79 3.05
N ARG A 385 -13.36 -27.80 3.48
CA ARG A 385 -13.47 -27.31 4.82
C ARG A 385 -14.10 -25.96 4.74
N THR A 386 -15.22 -25.80 5.45
CA THR A 386 -15.94 -24.53 5.50
C THR A 386 -16.15 -23.98 6.91
N GLY A 387 -16.53 -22.71 6.95
CA GLY A 387 -16.95 -22.01 8.16
C GLY A 387 -17.72 -20.71 7.84
N ILE A 388 -18.43 -20.18 8.81
CA ILE A 388 -19.06 -18.89 8.63
C ILE A 388 -18.29 -17.93 9.54
N TYR A 389 -17.97 -16.71 9.09
CA TYR A 389 -17.14 -15.79 9.88
C TYR A 389 -17.70 -14.37 9.97
N HIS A 390 -17.17 -13.54 10.88
CA HIS A 390 -17.41 -12.07 10.91
C HIS A 390 -16.12 -11.40 11.38
N GLY A 391 -14.99 -11.50 10.64
CA GLY A 391 -13.66 -11.25 11.26
C GLY A 391 -13.11 -12.44 12.07
N GLY A 392 -13.86 -12.95 13.04
CA GLY A 392 -13.58 -14.25 13.67
C GLY A 392 -14.93 -14.94 13.89
N GLU A 393 -15.06 -16.19 13.43
CA GLU A 393 -16.36 -16.94 13.22
C GLU A 393 -17.53 -16.91 14.23
N PRO A 394 -18.77 -17.20 13.75
CA PRO A 394 -19.83 -17.30 14.72
C PRO A 394 -20.40 -18.71 14.92
N LEU A 395 -19.82 -19.77 14.34
CA LEU A 395 -20.26 -21.16 14.68
C LEU A 395 -19.18 -22.22 14.71
N CYS A 396 -19.59 -23.41 15.13
CA CYS A 396 -18.74 -24.58 15.24
C CYS A 396 -18.30 -24.97 13.81
N ASP A 397 -17.31 -24.28 13.27
CA ASP A 397 -16.66 -24.65 12.00
C ASP A 397 -16.90 -26.11 11.57
N ASN A 398 -17.06 -26.39 10.28
CA ASN A 398 -17.16 -27.82 9.88
C ASN A 398 -16.64 -28.31 8.49
N VAL A 399 -16.28 -29.61 8.45
CA VAL A 399 -15.61 -30.28 7.32
C VAL A 399 -16.64 -30.91 6.38
N ASN A 400 -16.30 -32.04 5.77
CA ASN A 400 -17.24 -32.91 5.02
C ASN A 400 -16.58 -34.18 4.45
N THR A 401 -17.12 -35.35 4.79
CA THR A 401 -16.35 -36.60 4.61
C THR A 401 -15.33 -36.57 3.44
N GLN A 402 -14.18 -37.18 3.68
CA GLN A 402 -12.99 -37.18 2.81
C GLN A 402 -13.23 -37.86 1.44
N ARG A 403 -14.51 -38.15 1.16
CA ARG A 403 -14.93 -38.82 -0.09
C ARG A 403 -14.32 -38.23 -1.39
N VAL A 404 -14.74 -38.82 -2.52
CA VAL A 404 -13.89 -38.97 -3.73
C VAL A 404 -12.63 -38.08 -3.64
N PRO A 405 -11.53 -38.71 -3.16
CA PRO A 405 -10.20 -38.13 -3.24
C PRO A 405 -9.79 -37.77 -4.69
N CYS A 406 -9.13 -36.63 -4.84
CA CYS A 406 -8.11 -36.42 -5.87
C CYS A 406 -8.61 -36.58 -7.30
N SER A 407 -8.63 -37.80 -7.84
CA SER A 407 -9.14 -38.01 -9.21
C SER A 407 -10.68 -37.81 -9.34
N ASN A 408 -11.01 -36.77 -10.12
CA ASN A 408 -12.35 -36.14 -10.29
C ASN A 408 -13.29 -36.08 -9.06
N PRO A 409 -13.10 -35.05 -8.19
CA PRO A 409 -13.63 -34.97 -6.82
C PRO A 409 -15.01 -34.31 -6.67
N ARG A 410 -16.01 -35.15 -6.37
CA ARG A 410 -17.37 -34.71 -6.04
C ARG A 410 -17.71 -35.00 -4.60
N TRP A 411 -18.48 -34.11 -3.99
CA TRP A 411 -19.26 -34.45 -2.80
C TRP A 411 -20.64 -34.05 -3.19
N ASN A 412 -21.65 -34.55 -2.50
CA ASN A 412 -22.96 -33.98 -2.71
C ASN A 412 -23.55 -33.57 -1.41
N GLU A 413 -22.66 -33.26 -0.48
CA GLU A 413 -23.07 -32.99 0.87
C GLU A 413 -23.72 -31.63 0.99
N TRP A 414 -24.83 -31.58 1.74
CA TRP A 414 -25.33 -30.35 2.38
C TRP A 414 -24.61 -30.14 3.69
N LEU A 415 -24.28 -28.92 4.03
CA LEU A 415 -23.67 -28.75 5.33
C LEU A 415 -24.59 -28.06 6.33
N ASN A 416 -24.72 -28.69 7.50
CA ASN A 416 -25.61 -28.26 8.59
C ASN A 416 -24.83 -27.44 9.56
N TYR A 417 -24.86 -26.12 9.39
CA TYR A 417 -24.19 -25.17 10.25
C TYR A 417 -25.15 -24.83 11.34
N ASP A 418 -24.73 -24.98 12.58
CA ASP A 418 -25.62 -24.58 13.68
C ASP A 418 -25.54 -23.07 14.03
N ILE A 419 -26.50 -22.35 13.49
CA ILE A 419 -26.68 -20.91 13.58
C ILE A 419 -28.01 -20.70 12.90
N TYR A 420 -28.94 -19.99 13.53
CA TYR A 420 -30.25 -19.86 12.90
C TYR A 420 -30.15 -18.76 11.87
N ILE A 421 -30.95 -18.82 10.82
CA ILE A 421 -30.74 -17.91 9.70
C ILE A 421 -31.01 -16.46 10.05
N PRO A 422 -32.01 -16.19 10.92
CA PRO A 422 -32.20 -14.80 11.39
C PRO A 422 -30.98 -14.20 12.13
N ASP A 423 -30.02 -15.04 12.51
CA ASP A 423 -28.93 -14.64 13.36
C ASP A 423 -27.67 -14.36 12.60
N LEU A 424 -27.78 -14.36 11.29
CA LEU A 424 -26.65 -14.04 10.49
C LEU A 424 -26.48 -12.55 10.51
N PRO A 425 -25.25 -12.08 10.77
CA PRO A 425 -24.80 -10.68 10.74
C PRO A 425 -24.83 -10.14 9.34
N ARG A 426 -24.98 -8.83 9.18
CA ARG A 426 -24.88 -8.28 7.84
C ARG A 426 -23.58 -8.76 7.17
N ALA A 427 -22.47 -8.52 7.88
CA ALA A 427 -21.16 -8.77 7.30
C ALA A 427 -20.70 -10.20 7.34
N ALA A 428 -21.63 -11.13 7.57
CA ALA A 428 -21.28 -12.54 7.69
C ALA A 428 -20.88 -13.17 6.38
N ARG A 429 -19.99 -14.16 6.43
CA ARG A 429 -19.30 -14.67 5.26
C ARG A 429 -18.96 -16.15 5.33
N LEU A 430 -19.27 -16.88 4.25
CA LEU A 430 -18.79 -18.24 4.06
C LEU A 430 -17.30 -18.24 3.70
N CYS A 431 -16.54 -19.13 4.33
CA CYS A 431 -15.11 -19.27 4.07
C CYS A 431 -14.72 -20.70 3.90
N LEU A 432 -14.34 -21.08 2.69
CA LEU A 432 -14.02 -22.47 2.47
C LEU A 432 -12.61 -22.70 2.01
N SER A 433 -12.18 -23.95 2.01
CA SER A 433 -10.89 -24.34 1.45
C SER A 433 -10.81 -25.85 1.25
N ILE A 434 -10.20 -26.25 0.14
CA ILE A 434 -9.95 -27.64 -0.13
C ILE A 434 -8.69 -28.08 0.58
N CYS A 435 -8.76 -29.21 1.28
CA CYS A 435 -7.65 -29.67 2.10
C CYS A 435 -7.15 -31.09 1.73
N SER A 436 -5.95 -31.43 2.19
CA SER A 436 -5.27 -32.70 1.89
C SER A 436 -5.06 -33.38 3.20
N VAL A 437 -5.21 -34.71 3.22
CA VAL A 437 -4.96 -35.50 4.44
C VAL A 437 -3.91 -36.57 4.21
N GLU A 446 -1.95 -35.48 8.92
CA GLU A 446 -1.59 -35.23 7.51
C GLU A 446 -2.22 -33.90 6.95
N HIS A 447 -3.01 -33.17 7.76
CA HIS A 447 -3.89 -32.01 7.32
C HIS A 447 -3.22 -30.85 6.59
N CYS A 448 -3.69 -30.50 5.38
CA CYS A 448 -3.02 -29.43 4.58
C CYS A 448 -3.78 -28.61 3.44
N PRO A 449 -3.95 -27.27 3.57
CA PRO A 449 -4.81 -26.50 2.66
C PRO A 449 -4.22 -26.22 1.29
N LEU A 450 -5.03 -26.39 0.24
CA LEU A 450 -4.54 -26.30 -1.15
C LEU A 450 -4.90 -25.01 -1.85
N ALA A 451 -6.15 -24.58 -1.65
CA ALA A 451 -6.71 -23.33 -2.21
C ALA A 451 -7.90 -22.89 -1.38
N TRP A 452 -8.05 -21.57 -1.19
CA TRP A 452 -9.05 -20.98 -0.31
C TRP A 452 -9.96 -20.03 -1.00
N GLY A 453 -11.15 -19.85 -0.46
CA GLY A 453 -12.11 -18.95 -1.05
C GLY A 453 -13.07 -18.40 -0.01
N ASN A 454 -13.45 -17.14 -0.17
CA ASN A 454 -14.38 -16.55 0.75
C ASN A 454 -15.51 -15.90 0.00
N ILE A 455 -16.75 -16.18 0.40
CA ILE A 455 -17.95 -15.67 -0.29
C ILE A 455 -18.79 -14.82 0.63
N ASN A 456 -19.25 -13.69 0.14
CA ASN A 456 -20.05 -12.78 0.93
C ASN A 456 -21.47 -13.25 1.07
N LEU A 457 -21.86 -13.71 2.25
CA LEU A 457 -23.22 -14.25 2.41
C LEU A 457 -24.36 -13.28 2.18
N PHE A 458 -24.08 -12.02 1.87
CA PHE A 458 -25.12 -11.07 1.51
C PHE A 458 -24.61 -10.25 0.32
N ASP A 459 -25.42 -9.99 -0.70
CA ASP A 459 -24.94 -9.17 -1.83
C ASP A 459 -25.21 -7.73 -1.48
N TYR A 460 -24.77 -6.81 -2.33
CA TYR A 460 -24.83 -5.41 -1.93
C TYR A 460 -26.23 -4.89 -1.68
N THR A 461 -27.17 -5.18 -2.56
CA THR A 461 -28.53 -4.70 -2.34
C THR A 461 -29.21 -5.24 -1.05
N ASP A 462 -28.54 -6.16 -0.34
CA ASP A 462 -28.98 -6.74 0.95
C ASP A 462 -29.65 -8.13 0.89
N THR A 463 -29.50 -8.83 -0.22
CA THR A 463 -30.21 -10.07 -0.46
C THR A 463 -29.40 -11.23 0.08
N LEU A 464 -30.02 -12.19 0.76
CA LEU A 464 -29.30 -13.35 1.28
C LEU A 464 -29.02 -14.30 0.15
N VAL A 465 -27.75 -14.49 -0.16
CA VAL A 465 -27.29 -15.35 -1.26
C VAL A 465 -28.07 -16.69 -1.37
N SER A 466 -28.46 -17.02 -2.60
CA SER A 466 -29.17 -18.28 -2.90
C SER A 466 -28.83 -18.75 -4.31
N GLY A 467 -29.02 -20.05 -4.58
CA GLY A 467 -28.85 -20.56 -5.95
C GLY A 467 -27.48 -21.14 -6.20
N LYS A 468 -27.10 -21.21 -7.46
CA LYS A 468 -25.74 -21.61 -7.80
C LYS A 468 -24.76 -20.48 -7.49
N MET A 469 -23.54 -20.88 -7.06
CA MET A 469 -22.30 -20.07 -7.14
C MET A 469 -21.11 -20.97 -7.52
N ALA A 470 -20.45 -20.62 -8.63
CA ALA A 470 -19.15 -21.19 -8.93
C ALA A 470 -18.13 -20.19 -8.44
N LEU A 471 -17.48 -20.54 -7.34
CA LEU A 471 -16.44 -19.72 -6.78
C LEU A 471 -15.13 -20.20 -7.39
N ASN A 472 -14.11 -19.35 -7.29
CA ASN A 472 -12.85 -19.54 -7.97
C ASN A 472 -11.65 -19.32 -7.05
N LEU A 473 -11.07 -20.36 -6.50
CA LEU A 473 -10.17 -20.17 -5.34
C LEU A 473 -8.78 -19.46 -5.57
N TRP A 474 -8.19 -19.01 -4.47
CA TRP A 474 -6.87 -18.33 -4.40
C TRP A 474 -5.79 -19.29 -3.97
N PRO A 475 -4.52 -19.05 -4.34
CA PRO A 475 -3.54 -20.03 -3.90
C PRO A 475 -3.02 -19.64 -2.52
N VAL A 476 -2.85 -20.64 -1.65
CA VAL A 476 -2.49 -20.35 -0.26
C VAL A 476 -1.12 -19.70 -0.14
N PRO A 477 -1.03 -18.60 0.64
CA PRO A 477 0.19 -17.79 0.63
C PRO A 477 1.25 -18.22 1.63
N HIS A 478 2.47 -17.76 1.33
CA HIS A 478 3.63 -17.76 2.25
C HIS A 478 3.28 -18.01 3.72
N GLY A 479 2.82 -16.92 4.38
CA GLY A 479 2.42 -16.87 5.79
C GLY A 479 1.54 -18.04 6.19
N LEU A 480 0.21 -17.83 6.14
CA LEU A 480 -0.83 -18.82 6.52
C LEU A 480 -0.46 -20.28 6.29
N GLU A 481 -0.24 -20.99 7.40
CA GLU A 481 -0.10 -22.44 7.33
C GLU A 481 -1.29 -23.07 8.12
N ASP A 482 -2.26 -22.18 8.47
CA ASP A 482 -3.63 -22.48 9.03
C ASP A 482 -4.55 -23.15 8.03
N LEU A 483 -5.73 -23.58 8.48
CA LEU A 483 -6.63 -24.28 7.56
C LEU A 483 -7.58 -23.45 6.65
N LEU A 484 -8.18 -22.41 7.20
CA LEU A 484 -9.07 -21.55 6.43
C LEU A 484 -8.42 -20.22 6.01
N ASN A 485 -9.15 -19.11 5.99
CA ASN A 485 -8.55 -17.77 5.71
C ASN A 485 -9.53 -16.55 5.78
N PRO A 486 -10.07 -16.26 6.95
CA PRO A 486 -11.02 -15.15 6.95
C PRO A 486 -10.38 -13.77 6.78
N ILE A 487 -9.06 -13.68 7.04
CA ILE A 487 -8.31 -12.44 6.82
C ILE A 487 -8.31 -12.10 5.30
N GLY A 488 -8.43 -13.16 4.48
CA GLY A 488 -8.33 -13.08 3.03
C GLY A 488 -9.43 -12.27 2.37
N VAL A 489 -9.35 -12.08 1.05
CA VAL A 489 -10.35 -11.29 0.37
C VAL A 489 -11.52 -12.08 -0.12
N THR A 490 -12.63 -11.36 -0.15
CA THR A 490 -13.91 -11.95 -0.47
C THR A 490 -14.19 -11.72 -1.91
N GLY A 491 -14.31 -12.82 -2.63
CA GLY A 491 -14.63 -12.76 -4.05
C GLY A 491 -13.96 -13.92 -4.74
N SER A 492 -14.40 -14.18 -5.96
CA SER A 492 -13.77 -15.18 -6.82
C SER A 492 -12.49 -14.66 -7.44
N ASN A 493 -11.44 -15.45 -7.33
CA ASN A 493 -10.21 -15.30 -8.11
C ASN A 493 -10.49 -15.41 -9.65
N PRO A 494 -10.13 -14.35 -10.42
CA PRO A 494 -10.36 -14.37 -11.85
C PRO A 494 -9.25 -15.11 -12.60
N ASN A 495 -9.56 -16.34 -12.99
CA ASN A 495 -8.63 -17.28 -13.65
C ASN A 495 -9.41 -18.48 -14.25
N LYS A 496 -9.41 -18.62 -15.57
CA LYS A 496 -9.93 -19.88 -16.19
C LYS A 496 -9.23 -21.16 -15.60
N GLU A 497 -7.96 -20.99 -15.16
CA GLU A 497 -7.14 -22.11 -14.66
C GLU A 497 -6.72 -21.92 -13.18
N THR A 498 -7.73 -21.95 -12.31
CA THR A 498 -7.57 -22.19 -10.89
C THR A 498 -8.64 -23.18 -10.51
N PRO A 499 -8.55 -23.76 -9.31
CA PRO A 499 -9.51 -24.74 -8.81
C PRO A 499 -10.86 -24.10 -8.59
N CYS A 500 -11.84 -24.50 -9.38
CA CYS A 500 -13.16 -23.94 -9.27
C CYS A 500 -14.00 -24.91 -8.44
N LEU A 501 -14.64 -24.40 -7.40
CA LEU A 501 -15.46 -25.23 -6.54
C LEU A 501 -16.88 -24.72 -6.64
N GLU A 502 -17.83 -25.62 -6.79
CA GLU A 502 -19.19 -25.23 -7.17
C GLU A 502 -20.21 -25.51 -6.07
N LEU A 503 -20.91 -24.46 -5.62
CA LEU A 503 -21.76 -24.54 -4.43
C LEU A 503 -23.21 -24.27 -4.73
N GLU A 504 -24.05 -24.59 -3.74
CA GLU A 504 -25.48 -24.34 -3.78
C GLU A 504 -25.95 -23.85 -2.41
N PHE A 505 -26.45 -22.61 -2.37
CA PHE A 505 -27.05 -22.02 -1.17
C PHE A 505 -28.55 -22.23 -1.21
N ASP A 506 -29.11 -22.53 -0.04
CA ASP A 506 -30.52 -22.86 0.16
C ASP A 506 -31.50 -21.88 -0.50
N TRP A 507 -32.65 -22.43 -0.85
CA TRP A 507 -33.71 -21.69 -1.53
C TRP A 507 -34.87 -21.46 -0.62
N PHE A 508 -35.45 -20.26 -0.67
CA PHE A 508 -36.56 -19.97 0.26
C PHE A 508 -37.86 -19.46 -0.38
N SER A 509 -38.08 -19.85 -1.64
CA SER A 509 -39.33 -19.58 -2.39
C SER A 509 -39.75 -18.10 -2.49
N SER A 510 -38.87 -17.23 -1.99
CA SER A 510 -38.85 -15.78 -2.20
C SER A 510 -37.39 -15.40 -1.98
N VAL A 511 -36.92 -14.32 -2.61
CA VAL A 511 -35.56 -13.83 -2.32
C VAL A 511 -35.65 -13.11 -1.02
N VAL A 512 -34.55 -13.07 -0.28
CA VAL A 512 -34.61 -12.66 1.11
C VAL A 512 -33.71 -11.47 1.41
N LYS A 513 -34.26 -10.41 1.96
CA LYS A 513 -33.44 -9.23 2.24
C LYS A 513 -33.19 -8.95 3.75
N PHE A 514 -32.04 -8.34 4.08
CA PHE A 514 -31.67 -8.07 5.46
C PHE A 514 -32.43 -6.88 5.95
N PRO A 515 -33.00 -6.98 7.17
CA PRO A 515 -33.91 -6.09 7.88
C PRO A 515 -33.64 -4.60 7.77
N ASP A 516 -34.72 -3.84 7.59
CA ASP A 516 -34.70 -2.36 7.48
C ASP A 516 -34.09 -1.74 8.73
N MET A 517 -33.40 -0.61 8.54
CA MET A 517 -32.69 0.00 9.65
C MET A 517 -33.60 0.42 10.81
N SER A 518 -34.91 0.58 10.53
CA SER A 518 -35.92 0.85 11.57
C SER A 518 -36.35 -0.41 12.30
N VAL A 519 -36.73 -1.42 11.51
CA VAL A 519 -37.16 -2.75 11.98
C VAL A 519 -36.13 -3.40 12.91
N ILE A 520 -34.98 -2.74 13.10
CA ILE A 520 -34.00 -3.20 14.08
C ILE A 520 -34.08 -2.37 15.35
N GLU A 521 -34.18 -1.04 15.20
CA GLU A 521 -34.33 -0.16 16.36
C GLU A 521 -35.61 -0.47 17.14
N GLU A 522 -36.52 -1.17 16.49
CA GLU A 522 -37.67 -1.71 17.18
C GLU A 522 -37.33 -3.01 17.89
N HIS A 523 -36.28 -3.70 17.44
CA HIS A 523 -35.84 -4.89 18.15
C HIS A 523 -35.10 -4.55 19.39
N ALA A 524 -34.18 -3.62 19.29
CA ALA A 524 -33.46 -3.15 20.46
C ALA A 524 -34.42 -2.83 21.57
N ASN A 525 -35.27 -1.84 21.33
CA ASN A 525 -36.18 -1.36 22.33
C ASN A 525 -36.91 -2.47 23.02
N TRP A 526 -37.16 -3.54 22.29
CA TRP A 526 -37.77 -4.69 22.89
C TRP A 526 -36.82 -5.34 23.85
N SER A 527 -35.68 -5.80 23.35
CA SER A 527 -34.65 -6.46 24.16
C SER A 527 -34.41 -5.75 25.48
N VAL A 528 -34.24 -4.42 25.41
CA VAL A 528 -33.96 -3.52 26.54
C VAL A 528 -35.11 -3.50 27.57
N SER A 529 -36.35 -3.34 27.09
CA SER A 529 -37.52 -3.50 27.94
C SER A 529 -37.67 -4.94 28.46
N ARG A 530 -36.96 -5.88 27.85
CA ARG A 530 -37.03 -7.30 28.27
C ARG A 530 -35.95 -7.55 29.33
N GLU A 531 -34.76 -6.99 29.07
CA GLU A 531 -33.58 -7.14 29.92
C GLU A 531 -33.82 -6.51 31.24
N ALA A 532 -34.80 -5.61 31.31
CA ALA A 532 -35.13 -4.89 32.55
C ALA A 532 -36.12 -5.62 33.48
N GLY A 533 -36.31 -6.92 33.30
CA GLY A 533 -37.27 -7.62 34.11
C GLY A 533 -36.96 -9.07 34.45
N PHE A 534 -35.71 -9.36 34.81
CA PHE A 534 -35.27 -10.72 35.23
C PHE A 534 -34.88 -10.78 36.74
N SER A 535 -34.16 -11.80 37.23
CA SER A 535 -33.54 -11.72 38.61
C SER A 535 -32.43 -12.70 39.11
N TYR A 536 -32.42 -13.93 38.58
CA TYR A 536 -31.21 -14.76 38.53
C TYR A 536 -30.16 -13.98 37.66
N SER A 537 -28.90 -14.40 37.70
CA SER A 537 -27.85 -13.73 36.90
C SER A 537 -26.88 -14.70 36.19
N HIS A 538 -26.50 -14.38 34.95
CA HIS A 538 -25.48 -15.17 34.24
C HIS A 538 -24.66 -14.60 33.11
N ALA A 539 -23.40 -14.28 33.44
CA ALA A 539 -22.38 -13.74 32.52
C ALA A 539 -22.69 -12.32 31.98
N GLY A 540 -23.71 -12.20 31.11
CA GLY A 540 -24.40 -10.92 30.85
C GLY A 540 -25.25 -10.51 32.06
N LEU A 541 -24.75 -10.85 33.27
CA LEU A 541 -25.31 -10.39 34.58
C LEU A 541 -25.19 -8.84 34.75
N SER A 542 -26.06 -8.09 34.07
CA SER A 542 -25.95 -6.62 33.96
C SER A 542 -26.38 -5.80 35.18
N ASP A 548 -32.98 1.47 34.83
CA ASP A 548 -32.85 2.20 36.12
C ASP A 548 -31.43 2.69 36.56
N ASN A 549 -31.06 2.37 37.81
CA ASN A 549 -29.70 2.59 38.34
C ASN A 549 -28.92 1.25 38.53
N GLU A 550 -27.96 0.97 37.64
CA GLU A 550 -27.07 -0.21 37.81
C GLU A 550 -25.94 -0.01 38.88
N LEU A 551 -25.74 -1.03 39.76
CA LEU A 551 -24.48 -1.21 40.58
C LEU A 551 -23.19 -1.38 39.67
N ARG A 552 -22.43 -0.29 39.59
CA ARG A 552 -21.23 -0.22 38.77
C ARG A 552 -20.13 0.40 39.63
N GLU A 553 -20.51 0.86 40.82
CA GLU A 553 -19.72 1.84 41.61
C GLU A 553 -18.19 1.55 41.72
N ASN A 554 -17.45 2.51 41.15
CA ASN A 554 -15.98 2.77 41.34
C ASN A 554 -15.04 1.59 41.03
N ASP A 555 -15.04 0.61 41.95
CA ASP A 555 -14.32 -0.66 41.82
C ASP A 555 -14.32 -1.25 40.40
N LYS A 556 -15.45 -1.14 39.71
CA LYS A 556 -15.51 -1.59 38.32
C LYS A 556 -15.01 -0.48 37.39
N GLU A 557 -14.06 0.30 37.92
CA GLU A 557 -13.21 1.18 37.10
C GLU A 557 -12.03 0.46 36.46
N GLN A 558 -12.18 -0.86 36.46
CA GLN A 558 -11.43 -1.74 35.64
C GLN A 558 -11.85 -1.51 34.16
N LEU A 559 -12.85 -0.66 33.93
CA LEU A 559 -13.36 -0.42 32.58
C LEU A 559 -12.54 0.60 31.84
N LYS A 560 -12.16 1.66 32.56
CA LYS A 560 -11.21 2.62 32.02
C LYS A 560 -9.83 1.97 31.92
N ALA A 561 -9.68 0.78 32.54
CA ALA A 561 -8.48 -0.06 32.46
C ALA A 561 -8.36 -0.82 31.13
N ILE A 562 -9.36 -1.63 30.81
CA ILE A 562 -9.36 -2.37 29.53
C ILE A 562 -9.13 -1.39 28.37
N SER A 563 -10.05 -0.43 28.28
CA SER A 563 -9.90 0.79 27.51
C SER A 563 -8.46 1.04 27.01
N THR A 564 -7.53 1.15 27.97
CA THR A 564 -6.18 1.67 27.75
C THR A 564 -5.20 0.71 27.08
N ARG A 565 -5.53 -0.58 27.14
CA ARG A 565 -4.71 -1.59 26.50
C ARG A 565 -4.79 -1.51 24.97
N ASP A 566 -3.72 -1.88 24.31
CA ASP A 566 -3.67 -1.81 22.86
C ASP A 566 -4.50 -2.93 22.21
N PRO A 567 -4.58 -2.94 20.85
CA PRO A 567 -5.42 -3.89 20.15
C PRO A 567 -4.93 -5.34 20.17
N LEU A 568 -3.71 -5.61 19.73
CA LEU A 568 -3.30 -7.01 19.64
C LEU A 568 -3.59 -7.69 20.94
N SER A 569 -3.58 -6.94 22.04
CA SER A 569 -3.70 -7.56 23.38
C SER A 569 -5.13 -8.10 23.70
N GLU A 570 -5.29 -9.41 23.60
CA GLU A 570 -6.60 -10.02 23.54
C GLU A 570 -7.55 -9.68 24.71
N ILE A 571 -8.86 -9.83 24.48
CA ILE A 571 -9.86 -9.62 25.53
C ILE A 571 -10.31 -10.98 26.03
N THR A 572 -10.34 -11.14 27.35
CA THR A 572 -10.70 -12.42 27.98
C THR A 572 -12.18 -12.70 27.84
N GLU A 573 -12.60 -13.89 28.24
CA GLU A 573 -14.01 -14.22 28.22
C GLU A 573 -14.82 -13.31 29.11
N GLN A 574 -14.48 -13.34 30.41
CA GLN A 574 -15.07 -12.48 31.43
C GLN A 574 -15.13 -11.03 30.98
N GLU A 575 -13.97 -10.51 30.55
CA GLU A 575 -13.85 -9.11 30.09
C GLU A 575 -14.88 -8.76 29.01
N LYS A 576 -15.10 -9.70 28.07
CA LYS A 576 -16.12 -9.57 27.02
C LYS A 576 -17.53 -9.55 27.57
N ASP A 577 -17.85 -10.52 28.43
CA ASP A 577 -19.14 -10.49 29.12
C ASP A 577 -19.25 -9.23 29.98
N PHE A 578 -18.17 -8.90 30.70
CA PHE A 578 -18.10 -7.74 31.59
C PHE A 578 -18.49 -6.48 30.86
N LEU A 579 -17.80 -6.25 29.75
CA LEU A 579 -18.04 -5.11 28.85
C LEU A 579 -19.46 -5.12 28.30
N TRP A 580 -19.84 -6.23 27.66
CA TRP A 580 -21.21 -6.38 27.21
C TRP A 580 -22.23 -6.02 28.28
N SER A 581 -21.92 -6.29 29.54
CA SER A 581 -22.85 -6.03 30.62
C SER A 581 -22.86 -4.59 31.10
N HIS A 582 -21.86 -3.80 30.69
CA HIS A 582 -21.86 -2.40 31.05
C HIS A 582 -21.72 -1.57 29.85
N ARG A 583 -22.33 -2.04 28.76
CA ARG A 583 -22.35 -1.34 27.48
C ARG A 583 -22.89 0.08 27.54
N HIS A 584 -23.85 0.29 28.43
CA HIS A 584 -24.47 1.59 28.52
C HIS A 584 -23.58 2.54 29.22
N TYR A 585 -22.66 2.02 30.03
CA TYR A 585 -21.70 2.87 30.69
C TYR A 585 -20.62 3.35 29.77
N CYS A 586 -20.05 2.43 29.01
CA CYS A 586 -18.94 2.69 28.05
C CYS A 586 -19.02 3.98 27.27
N VAL A 587 -20.23 4.40 26.90
CA VAL A 587 -20.45 5.71 26.25
C VAL A 587 -19.67 6.86 26.90
N THR A 588 -19.58 6.82 28.23
CA THR A 588 -18.73 7.73 28.99
C THR A 588 -17.26 7.64 28.60
N ILE A 589 -16.70 6.43 28.61
CA ILE A 589 -15.33 6.22 28.11
C ILE A 589 -15.40 5.80 26.64
N PRO A 590 -15.76 6.73 25.73
CA PRO A 590 -16.24 6.35 24.40
C PRO A 590 -15.18 5.63 23.53
N GLU A 591 -13.93 6.02 23.69
CA GLU A 591 -12.87 5.35 23.00
C GLU A 591 -12.66 3.90 23.51
N ILE A 592 -13.66 3.31 24.15
CA ILE A 592 -13.55 1.89 24.53
C ILE A 592 -14.14 0.99 23.45
N LEU A 593 -14.90 1.61 22.53
CA LEU A 593 -15.70 0.92 21.52
C LEU A 593 -14.99 -0.18 20.78
N PRO A 594 -13.79 0.10 20.26
CA PRO A 594 -13.10 -0.98 19.54
C PRO A 594 -13.08 -2.29 20.31
N LYS A 595 -13.12 -2.25 21.63
CA LYS A 595 -13.22 -3.49 22.41
C LYS A 595 -14.67 -3.92 22.48
N LEU A 596 -15.52 -3.15 23.14
CA LEU A 596 -16.94 -3.45 23.21
C LEU A 596 -17.42 -4.23 21.99
N LEU A 597 -17.20 -3.70 20.80
CA LEU A 597 -17.57 -4.40 19.58
C LEU A 597 -17.10 -5.80 19.55
N LEU A 598 -15.86 -6.04 19.90
CA LEU A 598 -15.35 -7.39 19.88
C LEU A 598 -16.08 -8.22 20.88
N SER A 599 -16.81 -7.57 21.78
CA SER A 599 -17.49 -8.24 22.89
C SER A 599 -18.90 -8.67 22.58
N VAL A 600 -19.51 -8.11 21.55
CA VAL A 600 -20.80 -8.61 21.05
C VAL A 600 -20.62 -10.06 20.55
N LYS A 601 -21.62 -10.89 20.84
CA LYS A 601 -21.75 -12.17 20.16
C LYS A 601 -22.47 -11.87 18.83
N TRP A 602 -21.70 -11.84 17.73
CA TRP A 602 -22.20 -11.40 16.42
C TRP A 602 -23.15 -12.34 15.75
N ASN A 603 -23.32 -13.51 16.37
CA ASN A 603 -24.37 -14.41 16.01
C ASN A 603 -25.53 -14.32 16.97
N SER A 604 -25.96 -13.11 17.30
CA SER A 604 -27.10 -12.92 18.20
C SER A 604 -27.77 -11.61 17.93
N ARG A 605 -28.81 -11.65 17.11
CA ARG A 605 -29.40 -10.41 16.67
C ARG A 605 -29.73 -9.45 17.82
N ASP A 606 -30.28 -9.96 18.91
CA ASP A 606 -30.56 -9.15 20.11
C ASP A 606 -29.36 -8.33 20.51
N GLU A 607 -28.18 -8.95 20.49
CA GLU A 607 -27.00 -8.25 20.89
C GLU A 607 -26.60 -7.27 19.80
N VAL A 608 -26.62 -7.75 18.57
CA VAL A 608 -26.18 -6.97 17.46
C VAL A 608 -27.16 -5.84 17.20
N ALA A 609 -28.44 -6.11 17.39
CA ALA A 609 -29.49 -5.10 17.22
C ALA A 609 -29.37 -3.97 18.22
N GLN A 610 -28.82 -4.28 19.39
CA GLN A 610 -28.62 -3.25 20.37
C GLN A 610 -27.34 -2.51 20.09
N MET A 611 -26.32 -3.25 19.68
CA MET A 611 -25.03 -2.65 19.43
C MET A 611 -25.12 -1.66 18.26
N TYR A 612 -26.16 -1.80 17.43
CA TYR A 612 -26.47 -0.79 16.43
C TYR A 612 -26.91 0.51 17.04
N CYS A 613 -27.81 0.46 18.03
CA CYS A 613 -28.34 1.68 18.67
C CYS A 613 -27.34 2.45 19.50
N LEU A 614 -26.26 1.80 19.90
CA LEU A 614 -25.27 2.55 20.61
C LEU A 614 -24.43 3.29 19.59
N VAL A 615 -23.96 2.58 18.56
CA VAL A 615 -23.12 3.14 17.50
C VAL A 615 -23.74 4.41 16.94
N LYS A 616 -25.07 4.41 16.82
CA LYS A 616 -25.88 5.57 16.43
C LYS A 616 -25.53 6.89 17.15
N ASP A 617 -25.52 6.84 18.48
CA ASP A 617 -25.25 8.03 19.29
C ASP A 617 -24.03 7.85 20.15
N TRP A 618 -23.06 7.13 19.60
CA TRP A 618 -21.75 7.05 20.19
C TRP A 618 -21.08 8.30 19.78
N PRO A 619 -20.35 8.92 20.73
CA PRO A 619 -19.47 10.09 20.61
C PRO A 619 -18.49 9.97 19.45
N PRO A 620 -18.36 11.02 18.65
CA PRO A 620 -17.38 10.81 17.60
C PRO A 620 -15.99 10.75 18.26
N ILE A 621 -15.11 9.90 17.73
CA ILE A 621 -13.77 9.70 18.29
C ILE A 621 -12.61 10.09 17.38
N LYS A 622 -11.46 10.31 18.02
CA LYS A 622 -10.27 10.78 17.34
C LYS A 622 -9.72 9.69 16.37
N PRO A 623 -9.42 10.10 15.12
CA PRO A 623 -8.95 9.32 14.00
C PRO A 623 -7.90 8.28 14.31
N GLU A 624 -6.86 8.62 15.06
CA GLU A 624 -5.83 7.62 15.42
C GLU A 624 -6.43 6.31 16.02
N GLN A 625 -7.75 6.32 16.25
CA GLN A 625 -8.45 5.19 16.89
C GLN A 625 -9.75 4.80 16.24
N ALA A 626 -10.24 5.65 15.34
CA ALA A 626 -11.38 5.30 14.53
C ALA A 626 -10.86 4.47 13.42
N MET A 627 -9.55 4.43 13.27
CA MET A 627 -8.92 3.76 12.13
C MET A 627 -8.69 2.28 12.29
N GLU A 628 -8.61 1.85 13.53
CA GLU A 628 -8.73 0.45 13.79
C GLU A 628 -10.09 -0.06 13.35
N LEU A 629 -11.11 0.79 13.43
CA LEU A 629 -12.45 0.43 13.06
C LEU A 629 -12.63 0.10 11.59
N LEU A 630 -11.60 0.36 10.80
CA LEU A 630 -11.64 0.04 9.39
C LEU A 630 -10.76 -1.16 9.08
N ASP A 631 -9.94 -1.62 10.03
CA ASP A 631 -9.16 -2.82 9.79
C ASP A 631 -10.11 -4.00 9.62
N CYS A 632 -9.54 -5.16 9.38
CA CYS A 632 -10.32 -6.36 9.03
C CYS A 632 -11.13 -6.97 10.16
N ASN A 633 -11.07 -6.38 11.34
CA ASN A 633 -11.77 -6.96 12.46
C ASN A 633 -13.13 -6.34 12.66
N TYR A 634 -13.42 -5.35 11.85
CA TYR A 634 -14.64 -4.63 11.95
C TYR A 634 -15.16 -4.53 10.54
N PRO A 635 -16.03 -5.46 10.17
CA PRO A 635 -16.48 -5.50 8.80
C PRO A 635 -17.93 -5.07 8.69
N ASP A 636 -18.55 -4.69 9.79
CA ASP A 636 -19.94 -4.33 9.76
C ASP A 636 -20.08 -2.98 9.13
N PRO A 637 -21.15 -2.75 8.36
CA PRO A 637 -21.35 -1.43 7.75
C PRO A 637 -21.55 -0.25 8.70
N MET A 638 -22.40 -0.40 9.71
CA MET A 638 -22.69 0.68 10.68
C MET A 638 -21.45 1.12 11.42
N VAL A 639 -20.64 0.13 11.77
CA VAL A 639 -19.38 0.35 12.47
C VAL A 639 -18.48 1.18 11.60
N ARG A 640 -18.18 0.66 10.41
CA ARG A 640 -17.31 1.34 9.51
C ARG A 640 -17.88 2.67 9.08
N GLY A 641 -19.19 2.77 9.09
CA GLY A 641 -19.81 4.02 8.70
C GLY A 641 -19.46 5.07 9.73
N PHE A 642 -19.55 4.68 11.01
CA PHE A 642 -19.13 5.51 12.15
C PHE A 642 -17.65 5.89 12.01
N ALA A 643 -16.79 4.88 11.83
CA ALA A 643 -15.39 5.14 11.68
C ALA A 643 -15.18 6.23 10.68
N VAL A 644 -16.03 6.27 9.65
CA VAL A 644 -15.94 7.34 8.65
C VAL A 644 -16.47 8.65 9.24
N ARG A 645 -17.64 8.62 9.88
CA ARG A 645 -18.22 9.83 10.52
C ARG A 645 -17.24 10.49 11.47
N CYS A 646 -16.46 9.65 12.15
CA CYS A 646 -15.33 10.10 12.94
C CYS A 646 -14.33 10.85 12.05
N LEU A 647 -13.66 10.17 11.11
CA LEU A 647 -12.85 10.87 10.13
C LEU A 647 -13.53 12.13 9.55
N GLU A 648 -14.74 11.94 9.04
CA GLU A 648 -15.53 13.03 8.50
C GLU A 648 -15.37 14.25 9.34
N LYS A 649 -15.45 14.06 10.66
CA LYS A 649 -15.32 15.13 11.63
C LYS A 649 -13.88 15.61 11.86
N TYR A 650 -13.03 14.74 12.40
CA TYR A 650 -11.70 15.14 12.89
C TYR A 650 -10.54 15.19 11.88
N LEU A 651 -10.14 14.07 11.30
CA LEU A 651 -8.96 13.99 10.41
C LEU A 651 -8.87 15.21 9.52
N THR A 652 -7.70 15.84 9.51
CA THR A 652 -7.48 16.99 8.62
C THR A 652 -7.08 16.54 7.20
N ASP A 653 -6.95 17.50 6.27
CA ASP A 653 -6.44 17.19 4.95
C ASP A 653 -4.96 16.82 4.97
N ASP A 654 -4.33 17.03 6.13
CA ASP A 654 -2.93 16.72 6.29
C ASP A 654 -2.69 15.39 7.01
N LYS A 655 -3.42 15.17 8.10
CA LYS A 655 -3.39 13.87 8.76
C LYS A 655 -3.75 12.78 7.78
N LEU A 656 -4.63 13.12 6.82
CA LEU A 656 -5.14 12.21 5.76
C LEU A 656 -4.10 11.76 4.74
N SER A 657 -3.25 12.72 4.31
CA SER A 657 -2.09 12.43 3.43
C SER A 657 -0.97 11.74 4.17
N GLN A 658 -0.97 11.85 5.50
CA GLN A 658 -0.05 11.12 6.36
C GLN A 658 -0.42 9.66 6.41
N TYR A 659 -1.72 9.36 6.55
CA TYR A 659 -2.25 7.97 6.59
C TYR A 659 -2.94 7.53 5.30
N LEU A 660 -2.55 8.09 4.17
CA LEU A 660 -3.29 7.75 2.99
C LEU A 660 -3.15 6.27 2.66
N ILE A 661 -1.95 5.71 2.77
CA ILE A 661 -1.79 4.31 2.37
C ILE A 661 -2.74 3.48 3.19
N GLN A 662 -2.60 3.58 4.51
CA GLN A 662 -3.45 2.84 5.38
C GLN A 662 -4.87 2.97 4.88
N LEU A 663 -5.27 4.16 4.44
CA LEU A 663 -6.68 4.36 4.06
C LEU A 663 -6.97 3.65 2.76
N VAL A 664 -6.15 3.92 1.76
CA VAL A 664 -6.28 3.30 0.44
C VAL A 664 -6.29 1.82 0.64
N GLN A 665 -5.20 1.31 1.19
CA GLN A 665 -5.02 -0.14 1.39
C GLN A 665 -6.21 -0.80 2.08
N VAL A 666 -6.77 -0.17 3.09
CA VAL A 666 -7.78 -0.82 3.90
C VAL A 666 -9.04 -1.16 3.11
N LEU A 667 -9.16 -0.57 1.93
CA LEU A 667 -10.35 -0.70 1.14
C LEU A 667 -10.71 -2.14 0.84
N LYS A 668 -9.70 -3.00 0.73
CA LYS A 668 -9.92 -4.42 0.44
C LYS A 668 -10.93 -5.05 1.39
N TYR A 669 -10.96 -4.53 2.62
CA TYR A 669 -11.83 -5.04 3.68
C TYR A 669 -13.25 -4.49 3.67
N GLU A 670 -13.52 -3.57 2.75
CA GLU A 670 -14.87 -3.15 2.54
C GLU A 670 -15.53 -4.19 1.65
N GLN A 671 -16.77 -4.56 2.00
CA GLN A 671 -17.48 -5.71 1.41
C GLN A 671 -17.99 -5.49 0.00
N TYR A 672 -18.48 -4.31 -0.30
CA TYR A 672 -19.00 -4.07 -1.62
C TYR A 672 -18.26 -2.91 -2.23
N LEU A 673 -18.59 -2.56 -3.46
CA LEU A 673 -17.84 -1.54 -4.14
C LEU A 673 -18.24 -0.18 -3.60
N ASP A 674 -19.55 0.10 -3.59
CA ASP A 674 -20.07 1.38 -3.17
C ASP A 674 -20.23 1.40 -1.66
N ASN A 675 -19.20 1.85 -0.96
CA ASN A 675 -19.21 1.90 0.50
C ASN A 675 -18.77 3.28 1.01
N LEU A 676 -19.05 3.58 2.27
CA LEU A 676 -18.90 4.94 2.75
C LEU A 676 -17.46 5.44 2.76
N LEU A 677 -16.52 4.53 3.00
CA LEU A 677 -15.13 4.94 2.98
C LEU A 677 -14.82 5.39 1.56
N VAL A 678 -14.91 4.51 0.57
CA VAL A 678 -14.66 4.87 -0.84
C VAL A 678 -15.14 6.29 -1.16
N ARG A 679 -16.36 6.60 -0.72
CA ARG A 679 -16.99 7.88 -1.02
C ARG A 679 -16.35 9.07 -0.32
N PHE A 680 -15.85 8.86 0.90
CA PHE A 680 -15.19 9.91 1.69
C PHE A 680 -13.86 10.25 1.04
N LEU A 681 -13.06 9.22 0.81
CA LEU A 681 -11.80 9.34 0.12
C LEU A 681 -11.97 10.05 -1.22
N LEU A 682 -12.87 9.56 -2.08
CA LEU A 682 -12.97 10.12 -3.43
C LEU A 682 -13.21 11.61 -3.42
N LYS A 683 -14.18 12.05 -2.62
CA LYS A 683 -14.44 13.47 -2.39
C LYS A 683 -13.17 14.22 -1.93
N LYS A 684 -12.36 13.60 -1.08
CA LYS A 684 -11.13 14.26 -0.63
C LYS A 684 -10.18 14.34 -1.78
N ALA A 685 -10.13 13.31 -2.60
CA ALA A 685 -9.21 13.25 -3.72
C ALA A 685 -9.50 14.37 -4.67
N LEU A 686 -10.78 14.63 -4.92
CA LEU A 686 -11.18 15.62 -5.89
C LEU A 686 -11.25 17.07 -5.36
N THR A 687 -11.13 17.23 -4.04
CA THR A 687 -11.07 18.53 -3.40
C THR A 687 -9.64 19.02 -3.23
N ASN A 688 -8.71 18.14 -2.90
CA ASN A 688 -7.32 18.52 -2.72
C ASN A 688 -6.31 17.79 -3.64
N GLN A 689 -5.88 18.46 -4.71
CA GLN A 689 -5.16 17.83 -5.81
C GLN A 689 -3.81 17.28 -5.42
N ARG A 690 -3.42 17.47 -4.18
CA ARG A 690 -2.15 16.93 -3.70
C ARG A 690 -2.42 15.62 -2.98
N ILE A 691 -3.66 15.42 -2.55
CA ILE A 691 -4.14 14.13 -2.07
C ILE A 691 -4.58 13.38 -3.30
N GLY A 692 -5.05 14.13 -4.27
CA GLY A 692 -5.47 13.54 -5.49
C GLY A 692 -4.29 12.81 -6.06
N HIS A 693 -3.12 13.40 -5.88
CA HIS A 693 -1.95 12.90 -6.58
C HIS A 693 -1.57 11.54 -6.11
N PHE A 694 -1.42 11.42 -4.81
CA PHE A 694 -0.97 10.21 -4.15
C PHE A 694 -2.09 9.22 -3.95
N PHE A 695 -3.31 9.63 -4.26
CA PHE A 695 -4.40 8.69 -4.21
C PHE A 695 -4.33 7.98 -5.53
N PHE A 696 -3.99 8.69 -6.60
CA PHE A 696 -4.00 8.09 -7.90
C PHE A 696 -2.95 7.03 -7.89
N TRP A 697 -1.73 7.40 -7.55
CA TRP A 697 -0.61 6.48 -7.57
C TRP A 697 -0.73 5.32 -6.67
N HIS A 698 -1.18 5.52 -5.44
CA HIS A 698 -1.24 4.41 -4.54
C HIS A 698 -2.12 3.36 -5.13
N LEU A 699 -3.23 3.80 -5.73
CA LEU A 699 -4.17 2.88 -6.38
C LEU A 699 -3.56 2.23 -7.57
N LYS A 700 -2.93 3.02 -8.42
CA LYS A 700 -2.37 2.50 -9.62
C LYS A 700 -1.20 1.54 -9.34
N SER A 701 -0.50 1.73 -8.22
CA SER A 701 0.61 0.85 -7.81
C SER A 701 0.10 -0.60 -7.79
N GLU A 702 -0.96 -0.82 -7.02
CA GLU A 702 -1.60 -2.13 -6.94
C GLU A 702 -2.42 -2.48 -8.20
N MET A 703 -2.31 -1.71 -9.28
CA MET A 703 -3.26 -1.94 -10.35
C MET A 703 -3.14 -3.34 -10.84
N HIS A 704 -1.97 -3.91 -10.70
CA HIS A 704 -1.73 -5.23 -11.26
C HIS A 704 -2.19 -6.31 -10.33
N ASN A 705 -2.62 -5.98 -9.12
CA ASN A 705 -2.84 -7.03 -8.16
C ASN A 705 -4.24 -7.58 -8.20
N LYS A 706 -4.36 -8.77 -8.81
CA LYS A 706 -5.65 -9.48 -9.00
C LYS A 706 -6.73 -9.29 -7.88
N THR A 707 -6.33 -9.21 -6.61
CA THR A 707 -7.32 -9.06 -5.52
C THR A 707 -8.08 -7.71 -5.59
N VAL A 708 -7.45 -6.71 -6.22
CA VAL A 708 -8.02 -5.40 -6.22
C VAL A 708 -8.14 -4.78 -7.59
N SER A 709 -7.51 -5.39 -8.59
CA SER A 709 -7.53 -4.79 -9.94
C SER A 709 -8.92 -4.22 -10.26
N GLN A 710 -9.96 -5.01 -10.03
CA GLN A 710 -11.34 -4.59 -10.28
C GLN A 710 -11.71 -3.38 -9.47
N ARG A 711 -11.65 -3.53 -8.16
CA ARG A 711 -12.10 -2.46 -7.32
C ARG A 711 -11.43 -1.16 -7.71
N PHE A 712 -10.09 -1.22 -7.85
CA PHE A 712 -9.20 -0.05 -7.96
C PHE A 712 -9.09 0.52 -9.37
N GLY A 713 -9.58 -0.19 -10.37
CA GLY A 713 -9.69 0.40 -11.67
C GLY A 713 -10.91 1.31 -11.71
N LEU A 714 -12.03 0.81 -11.26
CA LEU A 714 -13.24 1.54 -11.36
C LEU A 714 -13.11 2.84 -10.63
N LEU A 715 -12.41 2.79 -9.49
CA LEU A 715 -12.24 3.95 -8.63
C LEU A 715 -11.38 4.97 -9.30
N LEU A 716 -10.35 4.50 -10.01
CA LEU A 716 -9.53 5.36 -10.82
C LEU A 716 -10.30 5.95 -12.00
N GLU A 717 -11.07 5.15 -12.74
CA GLU A 717 -11.91 5.73 -13.77
C GLU A 717 -12.69 6.90 -13.18
N SER A 718 -12.98 6.84 -11.88
CA SER A 718 -13.83 7.85 -11.27
C SER A 718 -13.01 9.06 -11.07
N TYR A 719 -11.85 8.87 -10.44
CA TYR A 719 -10.98 9.99 -10.14
C TYR A 719 -10.70 10.75 -11.44
N CYS A 720 -10.24 10.01 -12.45
CA CYS A 720 -9.68 10.60 -13.65
C CYS A 720 -10.70 11.36 -14.45
N ARG A 721 -11.97 11.00 -14.29
CA ARG A 721 -13.03 11.65 -15.04
C ARG A 721 -13.40 13.02 -14.45
N ALA A 722 -13.14 13.21 -13.16
CA ALA A 722 -13.59 14.39 -12.44
C ALA A 722 -12.47 15.27 -11.90
N CYS A 723 -11.22 14.82 -11.93
CA CYS A 723 -10.18 15.64 -11.38
C CYS A 723 -9.78 16.86 -12.23
N GLY A 724 -10.39 16.99 -13.40
CA GLY A 724 -10.19 18.16 -14.22
C GLY A 724 -9.00 18.15 -15.14
N MET A 725 -8.16 19.17 -15.00
CA MET A 725 -6.95 19.33 -15.84
C MET A 725 -5.87 18.39 -15.44
N TYR A 726 -5.76 18.14 -14.13
CA TYR A 726 -4.72 17.28 -13.61
C TYR A 726 -4.54 15.98 -14.37
N LEU A 727 -5.63 15.35 -14.79
CA LEU A 727 -5.56 14.15 -15.63
C LEU A 727 -4.56 14.29 -16.78
N LYS A 728 -4.52 15.46 -17.41
CA LYS A 728 -3.52 15.73 -18.45
C LYS A 728 -2.08 15.72 -17.91
N HIS A 729 -1.90 16.19 -16.69
CA HIS A 729 -0.61 16.12 -16.07
C HIS A 729 -0.19 14.76 -15.70
N LEU A 730 -1.15 13.89 -15.41
CA LEU A 730 -0.88 12.54 -14.94
C LEU A 730 -0.55 11.67 -16.08
N ASN A 731 -1.27 11.82 -17.17
CA ASN A 731 -0.93 11.12 -18.42
C ASN A 731 0.56 11.23 -18.74
N ARG A 732 1.12 12.40 -18.51
CA ARG A 732 2.49 12.67 -18.84
C ARG A 732 3.50 12.05 -17.92
N GLN A 733 3.20 11.97 -16.61
CA GLN A 733 3.99 11.21 -15.65
C GLN A 733 3.87 9.76 -16.04
N VAL A 734 2.64 9.26 -16.11
CA VAL A 734 2.36 7.91 -16.63
C VAL A 734 3.11 7.60 -17.93
N GLU A 735 3.21 8.58 -18.83
CA GLU A 735 3.87 8.42 -20.13
C GLU A 735 5.36 8.16 -20.00
N ALA A 736 5.98 8.73 -18.97
CA ALA A 736 7.41 8.61 -18.75
C ALA A 736 7.70 7.34 -18.03
N MET A 737 6.97 7.13 -16.96
CA MET A 737 7.19 5.94 -16.16
C MET A 737 7.09 4.69 -17.02
N GLU A 738 6.50 4.79 -18.20
CA GLU A 738 6.42 3.63 -19.05
C GLU A 738 7.69 3.54 -19.76
N LYS A 739 8.09 4.62 -20.45
CA LYS A 739 9.37 4.61 -21.20
C LYS A 739 10.51 4.13 -20.32
N LEU A 740 10.47 4.59 -19.06
CA LEU A 740 11.37 4.19 -18.01
C LEU A 740 11.23 2.73 -17.63
N ILE A 741 10.03 2.18 -17.57
CA ILE A 741 9.90 0.75 -17.32
C ILE A 741 10.55 -0.06 -18.47
N ASN A 742 10.19 0.28 -19.71
CA ASN A 742 10.63 -0.43 -20.94
C ASN A 742 12.08 -0.25 -21.29
N LEU A 743 12.77 0.63 -20.57
CA LEU A 743 14.20 0.85 -20.76
C LEU A 743 14.96 -0.06 -19.84
N THR A 744 14.72 0.04 -18.54
CA THR A 744 15.31 -0.91 -17.58
C THR A 744 14.96 -2.35 -17.91
N ASP A 745 13.76 -2.56 -18.46
CA ASP A 745 13.36 -3.91 -18.85
C ASP A 745 14.23 -4.50 -19.96
N ILE A 746 14.80 -3.68 -20.84
CA ILE A 746 15.73 -4.23 -21.80
C ILE A 746 17.10 -4.41 -21.20
N LEU A 747 17.48 -3.52 -20.29
CA LEU A 747 18.78 -3.59 -19.63
C LEU A 747 18.93 -4.86 -18.80
N LYS A 748 17.85 -5.25 -18.11
CA LYS A 748 17.91 -6.37 -17.21
C LYS A 748 17.98 -7.66 -17.98
N GLN A 749 17.11 -7.82 -18.98
CA GLN A 749 17.16 -9.03 -19.80
C GLN A 749 18.13 -8.76 -20.95
N GLU A 750 18.45 -9.78 -21.73
CA GLU A 750 19.48 -9.64 -22.79
C GLU A 750 20.09 -8.23 -22.95
N LYS A 751 21.07 -7.92 -22.10
CA LYS A 751 21.83 -6.64 -22.08
C LYS A 751 22.71 -6.51 -20.86
N LYS A 752 22.42 -7.30 -19.82
CA LYS A 752 23.39 -7.48 -18.75
C LYS A 752 24.31 -8.60 -19.21
N ASP A 753 25.53 -8.57 -18.68
CA ASP A 753 26.66 -9.36 -19.17
C ASP A 753 27.66 -8.49 -19.91
N GLU A 754 27.23 -7.31 -20.36
CA GLU A 754 28.14 -6.37 -21.01
C GLU A 754 28.55 -5.36 -19.97
N THR A 755 29.84 -5.03 -19.94
CA THR A 755 30.41 -4.15 -18.92
C THR A 755 29.67 -2.82 -18.85
N GLN A 756 29.40 -2.38 -17.62
CA GLN A 756 28.78 -1.10 -17.36
C GLN A 756 29.03 -0.16 -18.53
N LYS A 757 30.30 0.08 -18.81
CA LYS A 757 30.65 0.93 -19.92
C LYS A 757 29.71 0.66 -21.13
N VAL A 758 29.45 -0.59 -21.53
CA VAL A 758 28.67 -0.84 -22.76
C VAL A 758 27.22 -0.52 -22.53
N GLN A 759 26.71 -1.04 -21.42
CA GLN A 759 25.33 -0.87 -20.98
C GLN A 759 24.92 0.59 -20.91
N MET A 760 25.88 1.44 -20.55
CA MET A 760 25.68 2.85 -20.32
C MET A 760 25.59 3.51 -21.63
N LYS A 761 26.46 3.15 -22.55
CA LYS A 761 26.54 3.80 -23.86
C LYS A 761 25.40 3.31 -24.75
N PHE A 762 24.53 2.51 -24.14
CA PHE A 762 23.26 2.14 -24.72
C PHE A 762 22.16 2.97 -24.11
N LEU A 763 22.10 2.99 -22.78
CA LEU A 763 21.12 3.72 -21.99
C LEU A 763 21.09 5.13 -22.47
N VAL A 764 22.26 5.64 -22.87
CA VAL A 764 22.37 7.02 -23.30
C VAL A 764 21.92 7.13 -24.74
N GLU A 765 22.48 6.27 -25.59
CA GLU A 765 22.05 6.17 -26.96
C GLU A 765 20.51 6.28 -27.04
N GLN A 766 19.85 5.61 -26.11
CA GLN A 766 18.42 5.42 -26.10
C GLN A 766 17.63 6.57 -25.57
N MET A 767 18.22 7.38 -24.72
CA MET A 767 17.46 8.49 -24.20
C MET A 767 17.72 9.71 -25.06
N ARG A 768 18.43 9.52 -26.17
CA ARG A 768 18.67 10.60 -27.13
C ARG A 768 17.56 10.57 -28.12
N ARG A 769 17.02 9.38 -28.31
CA ARG A 769 15.84 9.17 -29.11
C ARG A 769 14.92 10.36 -28.93
N PRO A 770 14.33 10.85 -30.03
CA PRO A 770 13.39 11.96 -29.99
C PRO A 770 12.17 11.65 -29.12
N ASP A 771 11.64 10.44 -29.26
CA ASP A 771 10.46 10.04 -28.54
C ASP A 771 10.65 10.04 -27.04
N PHE A 772 11.89 9.98 -26.60
CA PHE A 772 12.21 9.86 -25.20
C PHE A 772 12.46 11.19 -24.59
N MET A 773 13.21 12.00 -25.32
CA MET A 773 13.58 13.32 -24.88
C MET A 773 12.30 14.01 -24.59
N ASP A 774 11.32 13.70 -25.42
CA ASP A 774 10.05 14.31 -25.39
C ASP A 774 9.22 13.86 -24.23
N ALA A 775 9.37 12.59 -23.87
CA ALA A 775 8.48 11.89 -22.95
C ALA A 775 9.01 11.90 -21.56
N LEU A 776 10.32 12.03 -21.42
CA LEU A 776 10.97 12.12 -20.14
C LEU A 776 11.36 13.53 -19.70
N GLN A 777 10.84 14.58 -20.32
CA GLN A 777 11.40 15.91 -20.05
C GLN A 777 10.47 17.00 -19.49
N GLY A 778 9.20 17.02 -19.82
CA GLY A 778 8.48 18.14 -19.30
C GLY A 778 7.39 17.66 -18.41
N PHE A 779 7.72 17.22 -17.19
CA PHE A 779 6.65 16.70 -16.30
C PHE A 779 6.82 16.96 -14.80
N LEU A 780 5.82 16.54 -14.03
CA LEU A 780 5.93 16.72 -12.61
C LEU A 780 6.51 15.48 -11.95
N SER A 781 7.29 15.67 -10.90
CA SER A 781 7.92 14.55 -10.24
C SER A 781 6.82 13.79 -9.61
N PRO A 782 6.74 12.47 -9.84
CA PRO A 782 5.70 11.74 -9.13
C PRO A 782 5.95 11.64 -7.64
N LEU A 783 7.20 11.78 -7.22
CA LEU A 783 7.61 11.83 -5.80
C LEU A 783 7.09 13.01 -4.98
N ASN A 784 7.01 14.19 -5.60
CA ASN A 784 6.26 15.30 -5.04
C ASN A 784 5.97 16.34 -6.10
N PRO A 785 4.69 16.45 -6.48
CA PRO A 785 4.22 17.06 -7.72
C PRO A 785 4.44 18.53 -7.75
N ALA A 786 4.89 19.09 -6.65
CA ALA A 786 5.22 20.46 -6.64
C ALA A 786 6.58 20.63 -7.30
N HIS A 787 7.29 19.51 -7.48
CA HIS A 787 8.62 19.61 -8.06
C HIS A 787 8.51 19.34 -9.50
N GLN A 788 8.67 20.39 -10.28
CA GLN A 788 8.77 20.31 -11.72
C GLN A 788 10.08 19.62 -12.14
N LEU A 789 9.99 18.86 -13.23
CA LEU A 789 11.16 18.28 -13.87
C LEU A 789 11.36 18.86 -15.30
N GLY A 790 12.42 19.63 -15.54
CA GLY A 790 12.62 20.25 -16.86
C GLY A 790 13.43 19.40 -17.81
N ASN A 791 14.29 20.02 -18.61
CA ASN A 791 15.24 19.25 -19.40
C ASN A 791 15.97 18.25 -18.53
N LEU A 792 16.05 17.02 -19.03
CA LEU A 792 16.99 16.03 -18.57
C LEU A 792 18.39 16.54 -18.80
N ARG A 793 19.34 15.97 -18.05
CA ARG A 793 20.72 16.34 -18.15
C ARG A 793 21.39 14.98 -18.04
N LEU A 794 21.96 14.54 -19.15
CA LEU A 794 22.34 13.12 -19.30
C LEU A 794 23.66 12.75 -18.64
N GLU A 795 24.63 13.64 -18.65
CA GLU A 795 25.98 13.36 -18.16
C GLU A 795 25.88 13.10 -16.69
N GLU A 796 24.78 13.62 -16.12
CA GLU A 796 24.42 13.35 -14.75
C GLU A 796 23.48 12.14 -14.59
N CYS A 797 22.86 11.67 -15.66
CA CYS A 797 22.18 10.36 -15.61
C CYS A 797 23.19 9.22 -15.58
N ARG A 798 22.78 8.04 -15.08
CA ARG A 798 23.64 6.82 -15.11
C ARG A 798 22.98 5.60 -14.44
N ILE A 799 23.45 4.39 -14.77
CA ILE A 799 23.01 3.17 -14.08
C ILE A 799 23.85 3.00 -12.83
N MET A 800 23.21 2.78 -11.69
CA MET A 800 23.97 2.57 -10.51
C MET A 800 24.62 1.20 -10.52
N SER A 801 25.20 0.80 -9.39
CA SER A 801 26.03 -0.39 -9.31
C SER A 801 25.19 -1.63 -9.11
N SER A 802 23.99 -1.45 -8.54
CA SER A 802 23.17 -2.52 -8.01
C SER A 802 22.76 -3.47 -9.08
N ALA A 803 22.59 -4.73 -8.69
CA ALA A 803 22.25 -5.78 -9.64
C ALA A 803 20.98 -5.40 -10.39
N LYS A 804 20.09 -4.73 -9.69
CA LYS A 804 18.78 -4.53 -10.18
C LYS A 804 18.76 -3.42 -11.22
N ARG A 805 19.93 -3.00 -11.70
CA ARG A 805 20.08 -1.86 -12.65
C ARG A 805 19.19 -0.59 -12.42
N PRO A 806 19.42 0.15 -11.31
CA PRO A 806 18.59 1.35 -11.14
C PRO A 806 19.04 2.45 -12.06
N LEU A 807 18.14 3.37 -12.40
CA LEU A 807 18.48 4.53 -13.20
C LEU A 807 18.56 5.73 -12.29
N TRP A 808 19.72 6.34 -12.29
CA TRP A 808 19.95 7.56 -11.57
C TRP A 808 19.73 8.65 -12.55
N LEU A 809 18.64 9.38 -12.39
CA LEU A 809 18.28 10.40 -13.35
C LEU A 809 18.34 11.79 -12.75
N ASN A 810 18.65 12.78 -13.59
CA ASN A 810 18.86 14.14 -13.13
C ASN A 810 18.24 15.14 -14.08
N TRP A 811 17.35 15.93 -13.54
CA TRP A 811 16.61 16.93 -14.30
C TRP A 811 16.94 18.33 -13.82
N GLU A 812 16.77 19.30 -14.72
CA GLU A 812 17.06 20.70 -14.41
C GLU A 812 15.80 21.29 -13.91
N ASN A 813 15.87 22.10 -12.87
CA ASN A 813 14.69 22.77 -12.37
C ASN A 813 14.37 23.99 -13.24
N PRO A 814 13.23 23.95 -13.94
CA PRO A 814 12.92 24.99 -14.88
C PRO A 814 12.15 26.12 -14.25
N ASP A 815 12.07 26.14 -12.92
CA ASP A 815 11.69 27.33 -12.17
C ASP A 815 12.60 28.51 -12.49
N ILE A 816 12.06 29.72 -12.60
CA ILE A 816 12.91 30.93 -12.79
C ILE A 816 13.90 31.22 -11.63
N MET A 817 13.53 30.77 -10.42
CA MET A 817 14.35 30.78 -9.21
C MET A 817 15.00 29.41 -8.86
N SER A 818 15.18 28.57 -9.88
CA SER A 818 15.89 27.31 -9.83
C SER A 818 16.95 27.43 -8.75
N GLU A 819 17.95 28.26 -9.04
CA GLU A 819 18.99 28.69 -8.11
C GLU A 819 18.70 28.50 -6.61
N LEU A 820 17.76 29.30 -6.11
CA LEU A 820 17.42 29.43 -4.69
C LEU A 820 16.83 28.19 -4.01
N LEU A 821 16.72 27.08 -4.71
CA LEU A 821 16.23 25.91 -4.02
C LEU A 821 17.14 24.74 -4.36
N PHE A 822 17.11 24.31 -5.60
CA PHE A 822 18.11 23.38 -6.10
C PHE A 822 18.12 23.47 -7.62
N GLN A 823 19.26 23.89 -8.18
CA GLN A 823 19.30 24.15 -9.60
C GLN A 823 19.02 22.88 -10.35
N ASN A 824 19.61 21.79 -9.90
CA ASN A 824 19.36 20.49 -10.48
C ASN A 824 18.49 19.74 -9.52
N ASN A 825 18.12 18.52 -9.87
CA ASN A 825 17.06 17.77 -9.17
C ASN A 825 17.06 16.33 -9.61
N GLU A 826 17.44 15.42 -8.71
CA GLU A 826 17.68 14.04 -9.13
C GLU A 826 16.84 13.05 -8.33
N ILE A 827 16.37 12.01 -9.02
CA ILE A 827 15.67 10.89 -8.37
C ILE A 827 16.14 9.55 -8.96
N ILE A 828 15.93 8.43 -8.27
CA ILE A 828 16.40 7.14 -8.79
C ILE A 828 15.19 6.34 -9.19
N PHE A 829 15.29 5.50 -10.23
CA PHE A 829 14.15 4.71 -10.69
C PHE A 829 14.56 3.30 -10.63
N LYS A 830 14.03 2.56 -9.65
CA LYS A 830 14.38 1.14 -9.41
C LYS A 830 13.30 0.13 -9.78
N ASN A 831 13.68 -0.77 -10.69
CA ASN A 831 12.78 -1.77 -11.25
C ASN A 831 13.18 -3.17 -10.81
N GLY A 832 12.55 -3.64 -9.75
CA GLY A 832 12.79 -5.00 -9.31
C GLY A 832 12.80 -5.17 -7.82
N ASP A 833 12.24 -4.22 -7.10
CA ASP A 833 12.14 -4.33 -5.66
C ASP A 833 10.76 -3.94 -5.20
N ASP A 834 10.07 -4.84 -4.50
CA ASP A 834 8.82 -4.47 -3.91
C ASP A 834 9.22 -3.33 -3.03
N LEU A 835 8.82 -2.10 -3.39
CA LEU A 835 9.19 -0.90 -2.64
C LEU A 835 8.31 -0.71 -1.40
N ARG A 836 7.05 -1.13 -1.52
CA ARG A 836 6.06 -1.22 -0.44
C ARG A 836 6.54 -1.35 0.97
N GLN A 837 7.65 -2.03 1.16
CA GLN A 837 8.21 -2.17 2.47
C GLN A 837 9.06 -0.96 2.86
N ASP A 838 10.10 -0.66 2.07
CA ASP A 838 10.90 0.53 2.29
C ASP A 838 9.98 1.71 2.56
N MET A 839 8.85 1.73 1.85
CA MET A 839 7.81 2.76 1.87
C MET A 839 7.07 2.80 3.19
N LEU A 840 6.68 1.65 3.70
CA LEU A 840 5.96 1.62 4.95
C LEU A 840 6.87 2.03 6.12
N THR A 841 8.12 1.57 6.14
CA THR A 841 9.08 1.95 7.19
C THR A 841 9.32 3.45 7.18
N LEU A 842 9.60 3.96 5.99
CA LEU A 842 9.79 5.38 5.76
C LEU A 842 8.58 6.17 6.18
N GLN A 843 7.40 5.59 6.10
CA GLN A 843 6.23 6.26 6.62
C GLN A 843 6.13 6.12 8.12
N ILE A 844 6.66 5.03 8.67
CA ILE A 844 6.66 4.77 10.11
C ILE A 844 7.81 5.55 10.77
N ILE A 845 8.76 6.04 9.99
CA ILE A 845 9.81 6.85 10.55
C ILE A 845 9.34 8.31 10.67
N ARG A 846 8.68 8.74 9.62
CA ARG A 846 8.12 10.08 9.49
C ARG A 846 7.12 10.30 10.61
N ILE A 847 6.42 9.26 11.01
CA ILE A 847 5.43 9.43 12.04
C ILE A 847 6.08 9.53 13.42
N MET A 848 6.96 8.60 13.73
CA MET A 848 7.78 8.69 14.92
C MET A 848 8.40 10.07 15.04
N GLU A 849 8.97 10.60 13.97
CA GLU A 849 9.59 11.91 14.09
C GLU A 849 8.62 12.97 14.60
N ASN A 850 7.64 13.40 13.78
CA ASN A 850 6.52 14.28 14.24
C ASN A 850 6.08 14.03 15.69
N ILE A 851 5.85 12.76 16.06
CA ILE A 851 5.50 12.39 17.42
C ILE A 851 6.45 13.05 18.43
N TRP A 852 7.76 12.79 18.28
CA TRP A 852 8.78 13.25 19.23
C TRP A 852 8.82 14.73 19.23
N GLN A 853 9.23 15.25 18.08
CA GLN A 853 9.36 16.67 17.86
C GLN A 853 8.07 17.41 18.22
N ASN A 854 7.02 17.29 17.38
CA ASN A 854 5.62 17.76 17.72
C ASN A 854 5.21 17.35 19.17
N GLN A 855 6.17 17.39 20.11
CA GLN A 855 5.94 17.16 21.55
C GLN A 855 7.03 17.86 22.36
N GLY A 856 8.09 18.27 21.66
CA GLY A 856 9.31 18.74 22.31
C GLY A 856 10.16 17.52 22.63
N LEU A 857 11.24 17.33 21.87
CA LEU A 857 12.16 16.17 21.90
C LEU A 857 12.71 16.04 20.51
N ASP A 858 13.93 16.53 20.33
CA ASP A 858 14.44 16.71 18.98
C ASP A 858 15.40 15.65 18.50
N LEU A 859 14.86 14.66 17.80
CA LEU A 859 15.66 13.68 17.07
C LEU A 859 15.36 14.01 15.62
N ARG A 860 16.36 13.90 14.76
CA ARG A 860 16.15 14.25 13.36
C ARG A 860 16.37 13.09 12.36
N MET A 861 15.27 12.38 12.16
CA MET A 861 15.19 11.34 11.16
C MET A 861 15.05 11.99 9.78
N LEU A 862 15.51 11.29 8.76
CA LEU A 862 15.43 11.80 7.42
C LEU A 862 14.74 10.78 6.56
N PRO A 863 13.40 10.67 6.67
CA PRO A 863 12.70 9.66 5.87
C PRO A 863 12.56 10.12 4.41
N TYR A 864 13.64 9.83 3.66
CA TYR A 864 13.76 10.12 2.27
C TYR A 864 12.59 9.56 1.50
N GLY A 865 12.20 10.22 0.43
CA GLY A 865 10.94 9.88 -0.22
C GLY A 865 11.01 8.70 -1.16
N CYS A 866 9.88 8.01 -1.29
CA CYS A 866 9.84 6.71 -1.89
C CYS A 866 8.48 6.46 -2.50
N LEU A 867 8.37 6.03 -3.74
CA LEU A 867 7.03 5.80 -4.29
C LEU A 867 6.93 4.51 -5.13
N SER A 868 6.03 3.59 -4.73
CA SER A 868 5.78 2.39 -5.49
C SER A 868 4.82 2.80 -6.55
N ILE A 869 5.23 2.67 -7.80
CA ILE A 869 4.41 3.05 -8.95
C ILE A 869 4.04 1.86 -9.85
N GLY A 870 3.99 0.67 -9.27
CA GLY A 870 3.73 -0.49 -10.07
C GLY A 870 4.21 -1.73 -9.36
N ASP A 871 4.30 -2.82 -10.09
CA ASP A 871 4.71 -4.08 -9.54
C ASP A 871 6.22 -4.15 -9.44
N CYS A 872 6.75 -3.85 -8.26
CA CYS A 872 8.19 -3.78 -8.08
C CYS A 872 8.87 -2.75 -8.97
N VAL A 873 8.29 -1.56 -9.04
CA VAL A 873 8.82 -0.49 -9.86
C VAL A 873 8.50 0.75 -9.06
N GLY A 874 9.52 1.52 -8.66
CA GLY A 874 9.33 2.59 -7.68
C GLY A 874 10.33 3.68 -7.90
N LEU A 875 10.12 4.82 -7.24
CA LEU A 875 10.99 5.96 -7.36
C LEU A 875 11.57 6.18 -5.99
N ILE A 876 12.89 6.28 -5.88
CA ILE A 876 13.57 6.57 -4.60
C ILE A 876 14.27 7.93 -4.66
N GLU A 877 13.89 8.84 -3.74
CA GLU A 877 14.52 10.17 -3.58
C GLU A 877 16.01 10.11 -3.18
N VAL A 878 16.77 11.07 -3.71
CA VAL A 878 18.20 11.11 -3.49
C VAL A 878 18.61 12.19 -2.54
N VAL A 879 19.12 11.79 -1.39
CA VAL A 879 19.73 12.73 -0.50
C VAL A 879 21.13 13.07 -1.02
N ARG A 880 21.27 14.34 -1.45
CA ARG A 880 22.56 14.91 -1.92
C ARG A 880 23.48 15.07 -0.72
N ASN A 881 24.79 14.86 -0.93
CA ASN A 881 25.79 14.96 0.15
C ASN A 881 25.74 13.90 1.23
N SER A 882 25.21 12.75 0.88
CA SER A 882 25.33 11.65 1.78
C SER A 882 26.43 10.73 1.29
N HIS A 883 26.88 9.91 2.22
CA HIS A 883 27.92 8.92 1.96
C HIS A 883 27.72 7.66 2.79
N THR A 884 28.15 6.52 2.26
CA THR A 884 28.08 5.27 3.01
C THR A 884 29.25 5.22 3.92
N ILE A 885 28.98 4.81 5.16
CA ILE A 885 30.04 4.70 6.12
C ILE A 885 31.22 4.10 5.37
N MET A 886 30.97 3.10 4.56
CA MET A 886 32.05 2.42 3.86
C MET A 886 33.01 3.39 3.18
N GLN A 887 32.48 4.37 2.44
CA GLN A 887 33.29 5.33 1.68
C GLN A 887 34.00 6.30 2.57
N ILE A 888 33.29 6.74 3.59
CA ILE A 888 33.88 7.62 4.58
C ILE A 888 35.18 6.93 5.00
N GLN A 889 35.08 5.70 5.47
CA GLN A 889 36.25 4.90 5.78
C GLN A 889 37.15 4.61 4.58
N CYS A 890 36.63 4.72 3.37
CA CYS A 890 37.43 4.39 2.19
C CYS A 890 38.09 5.61 1.58
N LYS A 891 37.50 6.79 1.81
CA LYS A 891 38.06 8.04 1.32
C LYS A 891 39.33 8.38 2.07
N GLY A 892 39.41 7.94 3.32
CA GLY A 892 40.63 8.17 4.11
C GLY A 892 41.07 6.97 4.94
N GLY A 893 42.35 6.95 5.32
CA GLY A 893 42.90 5.81 6.06
C GLY A 893 43.95 5.09 5.23
N LEU A 894 45.09 4.85 5.88
CA LEU A 894 46.42 4.55 5.29
C LEU A 894 46.58 3.83 3.91
N LYS A 895 47.75 4.10 3.32
CA LYS A 895 48.30 3.53 2.06
C LYS A 895 48.17 2.00 1.87
N GLY A 896 49.14 1.25 2.41
CA GLY A 896 49.15 -0.22 2.37
C GLY A 896 47.86 -0.79 2.96
N ALA A 897 46.86 -1.02 2.09
CA ALA A 897 45.47 -1.37 2.42
C ALA A 897 45.30 -2.43 3.51
N LEU A 898 45.67 -2.08 4.76
CA LEU A 898 45.95 -3.06 5.85
C LEU A 898 45.05 -3.06 7.13
N GLN A 899 44.10 -2.12 7.21
CA GLN A 899 42.88 -2.21 8.07
C GLN A 899 42.34 -0.90 8.67
N PHE A 900 41.03 -0.69 8.45
CA PHE A 900 40.27 0.54 8.73
C PHE A 900 40.62 1.24 10.05
N ASN A 901 40.98 2.51 10.00
CA ASN A 901 41.19 3.28 11.23
C ASN A 901 39.87 3.72 11.89
N SER A 902 39.59 3.14 13.05
CA SER A 902 38.29 3.27 13.75
C SER A 902 37.92 4.70 14.08
N HIS A 903 38.86 5.61 13.81
CA HIS A 903 38.67 7.03 14.07
C HIS A 903 38.31 7.84 12.88
N THR A 904 38.46 7.27 11.68
CA THR A 904 38.24 8.06 10.48
C THR A 904 36.83 8.58 10.24
N LEU A 905 35.80 8.08 10.94
CA LEU A 905 34.47 8.74 10.80
C LEU A 905 34.51 10.10 11.41
N HIS A 906 34.81 10.13 12.70
CA HIS A 906 35.07 11.37 13.41
C HIS A 906 35.88 12.32 12.56
N GLN A 907 37.09 11.89 12.19
CA GLN A 907 38.05 12.65 11.35
C GLN A 907 37.38 13.31 10.15
N TRP A 908 36.69 12.49 9.38
CA TRP A 908 36.05 12.94 8.15
C TRP A 908 35.06 14.04 8.44
N LEU A 909 34.32 13.88 9.52
CA LEU A 909 33.35 14.87 9.96
C LEU A 909 34.10 16.12 10.34
N LYS A 910 35.14 15.93 11.15
CA LYS A 910 36.01 16.98 11.75
C LYS A 910 36.84 17.72 10.71
N ASP A 911 36.85 17.18 9.51
CA ASP A 911 37.29 17.86 8.32
C ASP A 911 36.14 18.76 7.82
N LYS A 912 35.00 18.15 7.50
CA LYS A 912 33.90 18.90 6.93
C LYS A 912 33.32 19.97 7.87
N ASN A 913 33.74 20.01 9.11
CA ASN A 913 33.10 20.93 10.04
C ASN A 913 34.05 21.48 11.12
N LYS A 914 34.84 22.50 10.80
CA LYS A 914 35.63 23.18 11.83
C LYS A 914 34.89 24.35 12.44
N GLY A 915 35.11 24.61 13.72
CA GLY A 915 34.47 25.74 14.38
C GLY A 915 33.58 25.34 15.54
N GLU A 916 32.58 26.16 15.79
CA GLU A 916 31.46 25.67 16.56
C GLU A 916 30.69 24.83 15.53
N ILE A 917 30.89 25.13 14.23
CA ILE A 917 30.43 24.27 13.14
C ILE A 917 30.81 22.80 13.39
N TYR A 918 31.77 22.59 14.30
CA TYR A 918 32.03 21.28 14.90
C TYR A 918 31.00 20.93 15.97
N ASP A 919 31.01 21.61 17.10
CA ASP A 919 30.08 21.31 18.19
C ASP A 919 28.66 21.13 17.64
N ALA A 920 28.38 21.87 16.58
CA ALA A 920 27.08 21.94 15.92
C ALA A 920 26.69 20.67 15.17
N ALA A 921 27.63 20.17 14.37
CA ALA A 921 27.47 18.96 13.58
C ALA A 921 27.43 17.70 14.43
N ILE A 922 28.11 17.70 15.57
CA ILE A 922 28.06 16.56 16.49
C ILE A 922 26.71 16.42 17.17
N ASP A 923 26.06 17.54 17.45
CA ASP A 923 24.78 17.48 18.12
C ASP A 923 23.78 16.79 17.23
N LEU A 924 23.81 17.11 15.94
CA LEU A 924 22.94 16.52 14.93
C LEU A 924 23.23 15.05 14.81
N PHE A 925 24.49 14.71 14.55
CA PHE A 925 24.92 13.30 14.54
C PHE A 925 24.49 12.55 15.78
N THR A 926 24.52 13.19 16.94
CA THR A 926 24.10 12.56 18.19
C THR A 926 22.59 12.45 18.19
N ARG A 927 21.93 13.52 17.80
CA ARG A 927 20.49 13.58 17.89
C ARG A 927 19.82 12.63 16.88
N SER A 928 20.40 12.47 15.70
CA SER A 928 19.86 11.56 14.72
C SER A 928 20.23 10.11 15.01
N CYS A 929 21.44 9.88 15.50
CA CYS A 929 21.91 8.53 15.85
C CYS A 929 21.02 7.91 16.90
N ALA A 930 20.59 8.69 17.86
CA ALA A 930 19.69 8.20 18.89
C ALA A 930 18.32 7.84 18.30
N GLY A 931 17.91 8.56 17.27
CA GLY A 931 16.62 8.37 16.67
C GLY A 931 16.64 7.13 15.84
N TYR A 932 17.47 7.10 14.80
CA TYR A 932 17.55 5.93 13.95
C TYR A 932 18.02 4.72 14.73
N CYS A 933 17.88 4.73 16.05
CA CYS A 933 18.32 3.61 16.86
C CYS A 933 17.10 3.02 17.48
N VAL A 934 16.34 3.84 18.20
CA VAL A 934 15.05 3.45 18.80
C VAL A 934 14.11 2.90 17.73
N ALA A 935 13.91 3.70 16.68
CA ALA A 935 12.99 3.40 15.60
C ALA A 935 13.42 2.09 15.07
N THR A 936 14.70 2.01 14.82
CA THR A 936 15.30 0.81 14.34
C THR A 936 15.10 -0.43 15.23
N PHE A 937 15.25 -0.30 16.55
CA PHE A 937 15.07 -1.43 17.46
C PHE A 937 13.63 -1.82 17.48
N ILE A 938 12.76 -0.81 17.44
CA ILE A 938 11.32 -1.02 17.51
C ILE A 938 10.86 -1.79 16.30
N LEU A 939 11.02 -1.22 15.12
CA LEU A 939 10.46 -1.83 13.93
C LEU A 939 11.22 -3.05 13.56
N GLY A 940 12.23 -3.39 14.34
CA GLY A 940 13.06 -4.57 14.06
C GLY A 940 13.32 -4.73 12.56
N ILE A 941 14.04 -3.78 11.99
CA ILE A 941 14.36 -3.85 10.57
C ILE A 941 15.64 -4.68 10.37
N GLY A 942 16.14 -4.71 9.12
CA GLY A 942 17.24 -5.59 8.77
C GLY A 942 18.51 -5.16 9.45
N ASP A 943 19.51 -6.05 9.49
CA ASP A 943 20.81 -5.70 10.06
C ASP A 943 21.41 -4.43 9.45
N ARG A 944 22.03 -3.62 10.32
CA ARG A 944 22.70 -2.38 9.92
C ARG A 944 24.19 -2.63 9.81
N HIS A 945 24.55 -3.45 8.83
CA HIS A 945 25.95 -3.70 8.50
C HIS A 945 26.55 -2.44 7.86
N ASN A 946 27.89 -2.38 7.69
CA ASN A 946 28.54 -1.08 7.37
C ASN A 946 28.37 -0.26 6.03
N SER A 947 27.32 -0.51 5.26
CA SER A 947 27.01 0.28 4.06
C SER A 947 25.52 0.31 3.74
N ASN A 948 24.72 0.33 4.79
CA ASN A 948 23.37 0.84 4.70
C ASN A 948 23.07 1.89 5.78
N ILE A 949 24.13 2.46 6.33
CA ILE A 949 24.05 3.63 7.17
C ILE A 949 24.81 4.71 6.48
N MET A 950 24.22 5.89 6.43
CA MET A 950 24.77 6.97 5.64
C MET A 950 25.01 8.19 6.51
N VAL A 951 26.08 8.92 6.20
CA VAL A 951 26.37 10.18 6.87
C VAL A 951 26.43 11.37 5.89
N LYS A 952 25.72 12.43 6.27
CA LYS A 952 25.72 13.68 5.53
C LYS A 952 26.78 14.63 6.09
N ASP A 953 27.18 15.59 5.27
CA ASP A 953 28.24 16.54 5.59
C ASP A 953 27.99 17.36 6.85
N ASP A 954 26.74 17.77 7.07
CA ASP A 954 26.39 18.48 8.30
C ASP A 954 26.38 17.55 9.51
N GLY A 955 26.61 16.25 9.30
CA GLY A 955 26.75 15.26 10.36
C GLY A 955 25.53 14.40 10.64
N GLN A 956 24.57 14.46 9.74
CA GLN A 956 23.30 13.80 9.94
C GLN A 956 23.46 12.38 9.46
N LEU A 957 23.04 11.40 10.25
CA LEU A 957 23.12 10.04 9.79
C LEU A 957 21.73 9.45 9.67
N PHE A 958 21.58 8.61 8.65
CA PHE A 958 20.28 7.99 8.33
C PHE A 958 20.49 6.66 7.62
N HIS A 959 19.44 5.81 7.59
CA HIS A 959 19.49 4.52 6.89
C HIS A 959 18.89 4.45 5.52
N ILE A 960 19.41 3.54 4.74
CA ILE A 960 18.86 3.24 3.46
C ILE A 960 18.76 1.72 3.41
N ASP A 961 17.89 1.16 2.57
CA ASP A 961 17.76 -0.32 2.44
C ASP A 961 17.43 -1.10 3.73
N PHE A 962 16.16 -1.05 4.10
CA PHE A 962 15.70 -1.53 5.39
C PHE A 962 15.42 -3.03 5.42
N GLY A 963 16.04 -3.76 4.50
CA GLY A 963 15.66 -5.15 4.25
C GLY A 963 14.18 -5.33 4.53
N HIS A 964 13.87 -6.27 5.42
CA HIS A 964 12.49 -6.58 5.79
C HIS A 964 12.25 -6.23 7.22
N PHE A 965 11.25 -5.39 7.48
CA PHE A 965 10.88 -5.04 8.87
C PHE A 965 10.29 -6.13 9.74
N LEU A 966 9.89 -5.73 10.95
CA LEU A 966 9.24 -6.60 11.90
C LEU A 966 9.93 -7.95 12.11
N ASP A 967 11.26 -7.93 12.23
CA ASP A 967 12.11 -9.14 12.06
C ASP A 967 11.35 -10.26 11.38
N HIS A 968 11.22 -10.12 10.07
CA HIS A 968 10.64 -11.18 9.31
C HIS A 968 11.69 -12.15 8.79
N LYS A 969 12.73 -12.39 9.58
CA LYS A 969 13.69 -13.43 9.28
C LYS A 969 13.80 -14.37 10.50
N LYS A 970 12.86 -14.18 11.45
CA LYS A 970 12.45 -15.23 12.43
C LYS A 970 11.40 -16.23 11.83
N LYS A 971 11.01 -16.04 10.54
CA LYS A 971 10.27 -17.03 9.69
C LYS A 971 10.89 -18.41 9.80
N LYS A 972 12.21 -18.43 9.66
CA LYS A 972 13.08 -19.56 9.92
C LYS A 972 13.79 -19.20 11.27
N PHE A 973 13.43 -19.95 12.34
CA PHE A 973 13.90 -19.76 13.77
C PHE A 973 13.31 -18.54 14.58
N GLY A 974 14.11 -17.46 14.65
CA GLY A 974 13.91 -16.21 15.39
C GLY A 974 13.06 -16.26 16.63
N TYR A 975 13.06 -17.39 17.31
CA TYR A 975 12.25 -17.49 18.51
C TYR A 975 12.75 -16.55 19.64
N LYS A 976 11.87 -15.61 20.02
CA LYS A 976 12.14 -14.49 20.96
C LYS A 976 13.11 -13.45 20.37
N ARG A 977 14.37 -13.82 20.20
CA ARG A 977 15.45 -12.90 19.84
C ARG A 977 15.25 -11.43 20.29
N GLU A 978 14.33 -10.69 19.62
CA GLU A 978 14.18 -9.24 19.79
C GLU A 978 15.57 -8.66 19.58
N ARG A 979 15.97 -8.62 18.32
CA ARG A 979 17.33 -8.26 17.95
C ARG A 979 17.54 -6.74 17.86
N VAL A 980 18.79 -6.33 18.08
CA VAL A 980 19.18 -4.93 17.93
C VAL A 980 19.81 -4.74 16.56
N PRO A 981 19.07 -4.13 15.60
CA PRO A 981 19.58 -3.99 14.23
C PRO A 981 20.70 -2.94 14.15
N PHE A 982 20.48 -1.77 14.75
CA PHE A 982 21.50 -0.75 14.90
C PHE A 982 22.23 -0.90 16.25
N VAL A 983 23.54 -1.15 16.17
CA VAL A 983 24.41 -1.44 17.33
C VAL A 983 25.65 -0.59 17.25
N LEU A 984 25.81 0.34 18.17
CA LEU A 984 26.81 1.39 18.00
C LEU A 984 28.20 0.90 18.28
N THR A 985 29.00 0.71 17.23
CA THR A 985 30.39 0.36 17.42
C THR A 985 31.19 1.53 17.97
N GLN A 986 32.37 1.20 18.49
CA GLN A 986 33.42 2.17 18.85
C GLN A 986 33.34 3.38 17.90
N ASP A 987 33.40 3.11 16.60
CA ASP A 987 33.28 4.13 15.53
C ASP A 987 32.33 5.28 15.82
N PHE A 988 31.09 4.90 16.10
CA PHE A 988 30.00 5.81 16.27
C PHE A 988 30.08 6.42 17.64
N LEU A 989 30.52 5.64 18.62
CA LEU A 989 30.66 6.14 19.97
C LEU A 989 31.70 7.25 20.06
N ILE A 990 32.86 7.02 19.46
CA ILE A 990 33.92 8.02 19.44
C ILE A 990 33.33 9.37 19.04
N VAL A 991 32.57 9.38 17.95
CA VAL A 991 31.95 10.60 17.43
C VAL A 991 30.95 11.21 18.39
N ILE A 992 30.31 10.40 19.23
CA ILE A 992 29.29 10.90 20.14
C ILE A 992 29.88 11.61 21.34
N SER A 993 31.04 11.11 21.76
CA SER A 993 31.78 11.71 22.88
C SER A 993 32.98 12.51 22.39
N LYS A 994 32.66 13.51 21.56
CA LYS A 994 33.59 14.42 20.89
C LYS A 994 35.03 13.98 20.65
N GLY A 995 35.52 12.96 21.34
CA GLY A 995 36.93 12.59 21.25
C GLY A 995 37.49 11.51 22.18
N ALA A 996 37.79 11.88 23.42
CA ALA A 996 38.71 11.08 24.27
C ALA A 996 38.36 9.58 24.42
N GLN A 997 39.34 8.81 24.91
CA GLN A 997 39.14 7.37 25.09
C GLN A 997 38.25 7.06 26.27
N GLU A 998 37.60 5.91 26.19
CA GLU A 998 36.74 5.39 27.25
C GLU A 998 35.34 6.01 27.24
N CYS A 999 34.69 5.87 26.09
CA CYS A 999 33.49 6.60 25.71
C CYS A 999 32.24 6.08 26.39
N THR A 1000 32.19 4.78 26.63
CA THR A 1000 31.14 4.15 27.45
C THR A 1000 30.74 5.08 28.63
N LYS A 1001 31.75 5.78 29.17
CA LYS A 1001 31.60 6.65 30.33
C LYS A 1001 32.05 8.06 30.03
N THR A 1002 31.19 8.85 29.40
CA THR A 1002 31.32 10.31 29.39
C THR A 1002 29.96 10.89 29.77
N ARG A 1003 29.75 12.19 29.54
CA ARG A 1003 28.45 12.82 29.79
C ARG A 1003 27.66 12.77 28.47
N GLU A 1004 28.33 13.05 27.37
CA GLU A 1004 27.69 13.11 26.06
C GLU A 1004 26.94 11.82 25.83
N PHE A 1005 27.52 10.73 26.36
CA PHE A 1005 26.94 9.43 26.25
C PHE A 1005 25.67 9.40 27.10
N GLU A 1006 25.76 9.85 28.34
CA GLU A 1006 24.57 9.90 29.16
C GLU A 1006 23.54 10.73 28.47
N ARG A 1007 23.93 11.91 28.01
CA ARG A 1007 23.03 12.80 27.29
C ARG A 1007 22.22 11.99 26.26
N PHE A 1008 22.95 11.27 25.41
CA PHE A 1008 22.45 10.31 24.44
C PHE A 1008 21.48 9.36 25.11
N GLN A 1009 21.99 8.43 25.91
CA GLN A 1009 21.19 7.46 26.65
C GLN A 1009 19.88 8.13 27.07
N GLU A 1010 20.01 9.21 27.82
CA GLU A 1010 18.84 9.92 28.28
C GLU A 1010 18.00 10.44 27.11
N MET A 1011 18.57 10.55 25.90
CA MET A 1011 17.75 10.86 24.73
C MET A 1011 16.97 9.62 24.33
N CYS A 1012 17.64 8.47 24.31
CA CYS A 1012 17.06 7.21 23.85
C CYS A 1012 15.88 6.81 24.72
N TYR A 1013 16.11 6.77 26.02
CA TYR A 1013 15.04 6.51 26.98
C TYR A 1013 13.82 7.36 26.67
N LYS A 1014 14.02 8.66 26.62
CA LYS A 1014 12.96 9.60 26.32
C LYS A 1014 12.26 9.30 25.01
N ALA A 1015 12.98 8.67 24.10
CA ALA A 1015 12.48 8.49 22.75
C ALA A 1015 11.80 7.13 22.56
N TYR A 1016 12.28 6.12 23.29
CA TYR A 1016 11.60 4.83 23.32
C TYR A 1016 10.32 4.96 24.10
N LEU A 1017 10.37 5.61 25.25
CA LEU A 1017 9.20 5.76 26.10
C LEU A 1017 8.11 6.56 25.42
N ALA A 1018 8.50 7.45 24.51
CA ALA A 1018 7.55 8.34 23.83
C ALA A 1018 6.73 7.57 22.81
N ILE A 1019 7.38 6.69 22.06
CA ILE A 1019 6.70 5.80 21.13
C ILE A 1019 5.80 4.83 21.87
N ARG A 1020 6.31 4.25 22.95
CA ARG A 1020 5.51 3.41 23.84
C ARG A 1020 4.13 4.02 24.21
N GLN A 1021 4.06 5.35 24.29
CA GLN A 1021 2.82 6.07 24.65
C GLN A 1021 1.78 6.08 23.54
N HIS A 1022 2.25 5.76 22.33
CA HIS A 1022 1.41 5.82 21.15
C HIS A 1022 1.22 4.51 20.45
N ALA A 1023 1.82 3.47 21.01
CA ALA A 1023 1.73 2.14 20.43
C ALA A 1023 0.41 1.84 19.69
N ASN A 1024 -0.75 2.15 20.28
CA ASN A 1024 -2.02 1.85 19.57
C ASN A 1024 -1.97 2.30 18.13
N LEU A 1025 -1.61 3.57 17.92
CA LEU A 1025 -1.54 4.10 16.56
C LEU A 1025 -0.64 3.24 15.68
N PHE A 1026 0.49 2.84 16.25
CA PHE A 1026 1.44 2.08 15.51
C PHE A 1026 0.98 0.68 15.16
N ILE A 1027 0.19 0.02 16.04
CA ILE A 1027 -0.37 -1.30 15.74
C ILE A 1027 -1.45 -1.14 14.69
N ASN A 1028 -2.41 -0.26 14.99
CA ASN A 1028 -3.46 0.19 14.07
C ASN A 1028 -2.95 0.54 12.71
N LEU A 1029 -1.72 1.01 12.67
CA LEU A 1029 -1.05 1.37 11.44
C LEU A 1029 -0.66 0.13 10.69
N PHE A 1030 0.06 -0.78 11.34
CA PHE A 1030 0.45 -2.01 10.69
C PHE A 1030 -0.74 -2.89 10.42
N SER A 1031 -1.76 -2.81 11.28
CA SER A 1031 -3.02 -3.52 11.10
C SER A 1031 -3.69 -3.23 9.77
N MET A 1032 -3.82 -1.97 9.40
CA MET A 1032 -4.43 -1.59 8.15
C MET A 1032 -3.60 -2.10 6.97
N MET A 1033 -2.34 -2.46 7.24
CA MET A 1033 -1.48 -2.91 6.15
C MET A 1033 -1.65 -4.37 5.78
N LEU A 1034 -2.17 -5.18 6.68
CA LEU A 1034 -2.36 -6.61 6.42
C LEU A 1034 -2.99 -6.88 5.06
N GLY A 1035 -3.82 -5.91 4.67
CA GLY A 1035 -4.54 -5.89 3.38
C GLY A 1035 -3.66 -6.00 2.13
N SER A 1036 -2.51 -5.33 2.19
CA SER A 1036 -1.45 -5.45 1.18
C SER A 1036 -0.90 -6.86 1.00
N GLY A 1037 -0.26 -7.07 -0.14
CA GLY A 1037 0.23 -8.40 -0.51
C GLY A 1037 1.61 -8.66 0.06
N MET A 1038 2.02 -7.77 0.97
CA MET A 1038 3.35 -7.79 1.55
C MET A 1038 3.54 -9.04 2.37
N PRO A 1039 4.62 -9.80 2.08
CA PRO A 1039 4.69 -11.11 2.69
C PRO A 1039 5.30 -11.06 4.09
N GLU A 1040 5.67 -9.88 4.55
CA GLU A 1040 6.13 -9.78 5.92
C GLU A 1040 5.00 -9.30 6.82
N LEU A 1041 3.82 -9.13 6.21
CA LEU A 1041 2.56 -8.72 6.87
C LEU A 1041 1.36 -9.62 6.47
N GLN A 1042 1.31 -10.81 7.06
CA GLN A 1042 0.32 -11.82 6.68
C GLN A 1042 -0.81 -11.95 7.68
N SER A 1043 -0.52 -11.62 8.93
CA SER A 1043 -1.48 -11.88 9.98
C SER A 1043 -1.00 -11.33 11.31
N PHE A 1044 -1.93 -10.89 12.14
CA PHE A 1044 -1.66 -10.19 13.40
C PHE A 1044 -0.48 -10.70 14.21
N ASP A 1045 -0.15 -11.98 14.05
CA ASP A 1045 1.02 -12.55 14.69
C ASP A 1045 2.31 -11.96 14.09
N ASP A 1046 2.22 -11.52 12.84
CA ASP A 1046 3.32 -10.81 12.18
C ASP A 1046 3.60 -9.49 12.93
N ILE A 1047 2.54 -8.72 13.17
CA ILE A 1047 2.57 -7.49 13.95
C ILE A 1047 3.04 -7.70 15.39
N ALA A 1048 2.65 -8.81 16.00
CA ALA A 1048 2.89 -9.11 17.43
C ALA A 1048 4.29 -8.80 18.00
N TYR A 1049 5.29 -8.75 17.11
CA TYR A 1049 6.68 -8.40 17.48
C TYR A 1049 6.71 -7.07 18.24
N ILE A 1050 6.22 -6.03 17.58
CA ILE A 1050 6.09 -4.70 18.16
C ILE A 1050 5.68 -4.72 19.62
N ARG A 1051 4.76 -5.60 19.98
CA ARG A 1051 4.25 -5.68 21.32
C ARG A 1051 5.24 -6.28 22.30
N LYS A 1052 6.36 -6.75 21.76
CA LYS A 1052 7.37 -7.27 22.62
C LYS A 1052 8.41 -6.20 22.71
N THR A 1053 8.88 -5.77 21.56
CA THR A 1053 9.74 -4.62 21.50
C THR A 1053 9.30 -3.47 22.44
N LEU A 1054 8.03 -3.08 22.37
CA LEU A 1054 7.55 -1.95 23.14
C LEU A 1054 7.20 -2.30 24.57
N ALA A 1055 7.33 -3.59 24.90
CA ALA A 1055 7.05 -4.06 26.26
C ALA A 1055 5.72 -3.48 26.77
N LEU A 1056 4.65 -3.90 26.13
CA LEU A 1056 3.32 -3.36 26.36
C LEU A 1056 2.63 -4.15 27.46
N ASP A 1057 3.02 -5.39 27.58
CA ASP A 1057 2.53 -6.18 28.67
C ASP A 1057 3.00 -5.70 30.07
N LYS A 1058 3.94 -4.74 30.11
CA LYS A 1058 4.51 -4.28 31.39
C LYS A 1058 4.18 -2.82 31.72
N THR A 1059 4.69 -2.34 32.86
CA THR A 1059 4.73 -0.91 33.17
C THR A 1059 6.00 -0.30 32.61
N GLU A 1060 5.83 0.89 32.08
CA GLU A 1060 6.94 1.67 31.61
C GLU A 1060 8.21 1.48 32.44
N GLN A 1061 8.08 1.67 33.75
CA GLN A 1061 9.20 1.43 34.63
C GLN A 1061 9.97 0.20 34.14
N GLU A 1062 9.28 -0.93 33.94
CA GLU A 1062 9.95 -2.17 33.59
C GLU A 1062 10.52 -2.09 32.20
N ALA A 1063 9.74 -1.53 31.27
CA ALA A 1063 10.15 -1.43 29.86
C ALA A 1063 11.51 -0.76 29.76
N LEU A 1064 11.62 0.48 30.27
CA LEU A 1064 12.90 1.19 30.31
C LEU A 1064 14.05 0.20 30.49
N GLU A 1065 13.95 -0.60 31.54
CA GLU A 1065 15.01 -1.54 31.95
C GLU A 1065 15.21 -2.66 30.93
N TYR A 1066 14.10 -3.22 30.45
CA TYR A 1066 14.14 -4.23 29.40
C TYR A 1066 14.89 -3.68 28.21
N PHE A 1067 14.66 -2.40 27.94
CA PHE A 1067 15.21 -1.71 26.77
C PHE A 1067 16.67 -1.49 26.96
N MET A 1068 17.00 -0.83 28.06
CA MET A 1068 18.39 -0.61 28.40
C MET A 1068 19.15 -1.92 28.40
N LYS A 1069 18.61 -2.92 29.08
CA LYS A 1069 19.22 -4.24 29.10
C LYS A 1069 19.49 -4.70 27.66
N GLN A 1070 18.46 -4.63 26.83
CA GLN A 1070 18.61 -5.09 25.48
C GLN A 1070 19.77 -4.35 24.81
N MET A 1071 19.88 -3.03 25.02
CA MET A 1071 21.01 -2.26 24.46
C MET A 1071 22.31 -2.73 25.09
N ASN A 1072 22.31 -2.79 26.42
CA ASN A 1072 23.47 -3.17 27.20
C ASN A 1072 24.14 -4.45 26.70
N ASP A 1073 23.35 -5.32 26.06
CA ASP A 1073 23.76 -6.69 25.68
C ASP A 1073 24.38 -6.94 24.25
N ALA A 1074 23.76 -6.38 23.19
CA ALA A 1074 24.39 -6.36 21.87
C ALA A 1074 25.58 -5.40 21.90
N HIS A 1075 25.51 -4.39 22.77
CA HIS A 1075 26.62 -3.44 23.06
C HIS A 1075 27.67 -3.97 24.04
N HIS A 1076 27.60 -5.27 24.34
CA HIS A 1076 28.58 -5.98 25.20
C HIS A 1076 28.95 -5.22 26.46
N GLY A 1077 27.91 -4.87 27.25
CA GLY A 1077 28.08 -4.21 28.57
C GLY A 1077 27.86 -2.70 28.53
N GLY A 1078 28.07 -2.05 29.70
CA GLY A 1078 27.98 -0.57 29.90
C GLY A 1078 26.79 0.27 29.37
N TRP A 1079 25.58 0.02 29.88
CA TRP A 1079 24.36 0.75 29.46
C TRP A 1079 23.37 0.86 30.57
N THR A 1080 23.86 1.33 31.72
CA THR A 1080 23.07 1.52 32.92
C THR A 1080 23.53 2.87 33.46
N THR A 1081 24.37 2.82 34.52
CA THR A 1081 25.00 3.98 35.18
C THR A 1081 26.50 3.74 35.41
N SER B 6 2.66 -30.50 41.57
CA SER B 6 1.67 -30.72 40.49
C SER B 6 1.49 -29.47 39.65
N LEU B 7 1.66 -28.29 40.26
CA LEU B 7 1.43 -26.99 39.57
C LEU B 7 2.52 -26.59 38.56
N GLN B 8 3.77 -26.83 38.92
CA GLN B 8 4.93 -26.53 38.06
C GLN B 8 5.04 -27.47 36.88
N ASP B 9 5.02 -28.77 37.16
CA ASP B 9 4.99 -29.83 36.15
C ASP B 9 3.71 -29.66 35.33
N ALA B 10 2.56 -29.87 35.97
CA ALA B 10 1.22 -29.56 35.43
C ALA B 10 0.97 -29.81 33.94
N GLU B 11 2.04 -30.02 33.19
CA GLU B 11 2.01 -30.40 31.77
C GLU B 11 1.53 -29.33 30.79
N TRP B 12 0.44 -28.62 31.11
CA TRP B 12 -0.02 -27.51 30.28
C TRP B 12 0.21 -26.17 30.92
N TYR B 13 1.00 -26.13 32.00
CA TYR B 13 1.34 -24.87 32.70
C TYR B 13 2.68 -24.36 32.20
N TRP B 14 2.70 -23.96 30.92
CA TRP B 14 3.93 -23.51 30.24
C TRP B 14 4.58 -22.29 30.87
N GLY B 15 4.04 -21.86 32.01
CA GLY B 15 4.67 -20.85 32.86
C GLY B 15 4.48 -19.40 32.47
N ASP B 16 5.61 -18.73 32.22
CA ASP B 16 5.68 -17.27 32.01
C ASP B 16 5.28 -16.82 30.60
N ILE B 17 5.31 -17.77 29.64
CA ILE B 17 5.00 -17.52 28.23
C ILE B 17 3.83 -16.55 28.06
N SER B 18 4.17 -15.28 27.86
CA SER B 18 3.18 -14.23 27.65
C SER B 18 2.39 -14.43 26.33
N ARG B 19 1.34 -13.62 26.19
CA ARG B 19 0.38 -13.67 25.08
C ARG B 19 0.89 -14.14 23.72
N GLU B 20 2.16 -13.86 23.43
CA GLU B 20 2.69 -14.16 22.11
C GLU B 20 3.38 -15.53 22.02
N GLU B 21 4.13 -15.94 23.05
CA GLU B 21 4.63 -17.33 23.06
C GLU B 21 3.46 -18.34 23.04
N VAL B 22 2.35 -17.99 23.74
CA VAL B 22 1.11 -18.82 23.84
C VAL B 22 0.42 -19.00 22.49
N ASN B 23 0.10 -17.86 21.87
CA ASN B 23 -0.58 -17.82 20.57
C ASN B 23 0.26 -18.51 19.45
N GLU B 24 1.58 -18.39 19.53
CA GLU B 24 2.48 -19.02 18.54
C GLU B 24 2.91 -20.42 19.00
N LYS B 25 2.14 -20.94 19.95
CA LYS B 25 2.08 -22.37 20.36
C LYS B 25 0.61 -22.87 20.31
N LEU B 26 -0.28 -22.00 19.84
CA LEU B 26 -1.70 -22.33 19.60
C LEU B 26 -2.04 -22.35 18.10
N ARG B 27 -1.21 -21.68 17.29
CA ARG B 27 -1.42 -21.68 15.86
C ARG B 27 -1.28 -23.08 15.29
N ASP B 28 -2.43 -23.60 14.81
CA ASP B 28 -2.59 -24.84 13.98
C ASP B 28 -3.09 -26.14 14.63
N THR B 29 -3.10 -26.20 15.97
CA THR B 29 -3.88 -27.22 16.70
C THR B 29 -5.38 -26.92 16.49
N ALA B 30 -6.29 -27.83 16.89
CA ALA B 30 -7.74 -27.70 16.53
C ALA B 30 -8.63 -27.33 17.71
N ASP B 31 -9.86 -27.83 17.68
CA ASP B 31 -10.77 -27.71 18.84
C ASP B 31 -10.17 -28.42 20.08
N GLY B 32 -10.84 -28.34 21.24
CA GLY B 32 -10.41 -29.09 22.43
C GLY B 32 -9.15 -28.60 23.12
N THR B 33 -8.20 -28.07 22.31
CA THR B 33 -6.88 -27.57 22.76
C THR B 33 -6.97 -26.57 23.91
N PHE B 34 -6.27 -26.86 25.01
CA PHE B 34 -6.18 -25.95 26.16
C PHE B 34 -4.73 -25.72 26.60
N LEU B 35 -4.49 -24.62 27.31
CA LEU B 35 -3.23 -24.38 28.01
C LEU B 35 -3.24 -23.11 28.86
N VAL B 36 -2.60 -23.20 30.03
CA VAL B 36 -2.69 -22.20 31.07
C VAL B 36 -1.42 -21.31 31.06
N ARG B 37 -1.56 -20.04 31.41
CA ARG B 37 -0.45 -19.09 31.32
C ARG B 37 0.19 -18.84 32.68
N THR B 41 -0.12 -8.35 33.95
CA THR B 41 0.10 -7.67 35.22
C THR B 41 -0.89 -8.16 36.32
N LYS B 42 -0.66 -7.75 37.57
CA LYS B 42 -1.66 -7.88 38.67
C LYS B 42 -2.46 -6.57 38.94
N MET B 43 -2.62 -5.77 37.87
CA MET B 43 -3.72 -4.81 37.75
C MET B 43 -4.86 -5.51 37.01
N HIS B 44 -4.60 -6.77 36.66
CA HIS B 44 -5.51 -7.62 35.88
C HIS B 44 -5.92 -8.85 36.65
N GLY B 45 -4.96 -9.69 37.06
CA GLY B 45 -5.28 -10.88 37.84
C GLY B 45 -4.22 -11.98 37.90
N ASP B 46 -4.67 -13.24 37.79
CA ASP B 46 -3.82 -14.43 37.89
C ASP B 46 -3.68 -15.15 36.52
N TYR B 47 -3.86 -16.48 36.47
CA TYR B 47 -3.59 -17.31 35.28
C TYR B 47 -4.76 -17.38 34.27
N THR B 48 -4.42 -17.64 32.99
CA THR B 48 -5.39 -17.66 31.87
C THR B 48 -5.47 -19.00 31.15
N LEU B 49 -6.69 -19.47 30.90
CA LEU B 49 -6.91 -20.60 30.01
C LEU B 49 -7.11 -20.08 28.61
N THR B 50 -6.53 -20.79 27.64
CA THR B 50 -6.52 -20.34 26.23
C THR B 50 -6.84 -21.50 25.25
N LEU B 51 -8.13 -21.74 25.03
CA LEU B 51 -8.61 -22.86 24.20
C LEU B 51 -8.39 -22.68 22.70
N ARG B 52 -9.47 -22.84 21.93
CA ARG B 52 -9.44 -22.74 20.46
C ARG B 52 -10.77 -23.18 19.85
N ASN B 56 -9.29 -20.14 16.05
CA ASN B 56 -9.50 -18.89 16.78
C ASN B 56 -9.29 -19.08 18.29
N ASN B 57 -8.78 -18.04 18.97
CA ASN B 57 -8.31 -18.12 20.36
C ASN B 57 -9.25 -17.59 21.46
N LYS B 58 -9.51 -18.43 22.49
CA LYS B 58 -10.47 -18.11 23.58
C LYS B 58 -9.86 -18.04 25.00
N LEU B 59 -9.60 -16.81 25.45
CA LEU B 59 -8.95 -16.57 26.73
C LEU B 59 -9.96 -16.52 27.87
N ILE B 60 -9.78 -17.39 28.88
CA ILE B 60 -10.58 -17.34 30.10
C ILE B 60 -9.69 -17.21 31.33
N LYS B 61 -10.06 -16.30 32.23
CA LYS B 61 -9.29 -16.03 33.44
C LYS B 61 -9.42 -17.12 34.48
N GLY B 70 -11.86 -20.92 40.66
CA GLY B 70 -12.83 -20.81 39.56
C GLY B 70 -12.75 -19.55 38.68
N PHE B 71 -13.39 -19.63 37.49
CA PHE B 71 -13.49 -18.49 36.53
C PHE B 71 -14.46 -17.43 37.04
N SER B 72 -15.51 -17.91 37.71
CA SER B 72 -16.58 -17.07 38.22
C SER B 72 -16.89 -17.50 39.66
N ASP B 73 -17.97 -16.98 40.22
CA ASP B 73 -18.37 -17.19 41.63
C ASP B 73 -18.31 -18.61 42.23
N PRO B 74 -18.68 -19.66 41.44
CA PRO B 74 -18.65 -21.04 41.98
C PRO B 74 -17.25 -21.65 42.19
N LEU B 75 -16.28 -20.81 42.56
CA LEU B 75 -14.93 -21.28 42.87
C LEU B 75 -14.94 -22.14 44.12
N THR B 76 -15.29 -23.43 44.01
CA THR B 76 -14.90 -24.40 45.07
C THR B 76 -13.46 -24.88 44.70
N PHE B 77 -12.71 -23.94 44.10
CA PHE B 77 -11.31 -24.13 43.69
C PHE B 77 -11.06 -25.54 43.10
N SER B 78 -10.52 -26.51 43.87
CA SER B 78 -9.85 -26.28 45.15
C SER B 78 -8.40 -25.94 44.84
N SER B 79 -8.03 -26.24 43.59
CA SER B 79 -6.68 -26.04 43.08
C SER B 79 -6.74 -25.32 41.75
N VAL B 80 -5.56 -25.09 41.17
CA VAL B 80 -5.46 -24.75 39.77
C VAL B 80 -5.85 -26.00 38.96
N VAL B 81 -5.47 -27.20 39.45
CA VAL B 81 -5.68 -28.47 38.72
C VAL B 81 -7.07 -29.11 38.97
N GLU B 82 -7.62 -28.96 40.18
CA GLU B 82 -8.99 -29.42 40.46
C GLU B 82 -10.03 -28.70 39.56
N LEU B 83 -9.67 -27.51 39.08
CA LEU B 83 -10.49 -26.79 38.10
C LEU B 83 -10.39 -27.43 36.73
N ILE B 84 -9.22 -27.92 36.37
CA ILE B 84 -8.94 -28.30 34.98
C ILE B 84 -9.60 -29.61 34.52
N ASN B 85 -9.66 -30.61 35.39
CA ASN B 85 -10.18 -31.91 35.00
C ASN B 85 -11.71 -32.08 34.98
N HIS B 86 -12.46 -31.00 35.24
CA HIS B 86 -13.92 -30.99 35.08
C HIS B 86 -14.28 -30.41 33.72
N TYR B 87 -13.28 -29.78 33.10
CA TYR B 87 -13.43 -29.09 31.82
C TYR B 87 -12.43 -29.67 30.83
N ARG B 88 -11.80 -30.75 31.28
CA ARG B 88 -11.14 -31.68 30.39
C ARG B 88 -12.08 -32.91 30.38
N ASN B 89 -13.11 -32.89 31.25
CA ASN B 89 -14.19 -33.89 31.29
C ASN B 89 -15.44 -33.40 30.58
N SER B 91 -18.47 -30.31 29.73
CA SER B 91 -17.55 -29.21 29.98
C SER B 91 -18.15 -27.80 29.76
N LEU B 92 -17.44 -26.91 29.04
CA LEU B 92 -17.68 -25.45 29.09
C LEU B 92 -18.91 -24.93 28.32
N ALA B 93 -19.70 -25.86 27.79
CA ALA B 93 -21.06 -25.55 27.40
C ALA B 93 -21.73 -24.90 28.63
N GLN B 94 -21.65 -25.58 29.79
CA GLN B 94 -22.34 -25.15 31.04
C GLN B 94 -21.69 -24.02 31.90
N TYR B 95 -21.47 -22.87 31.26
CA TYR B 95 -21.19 -21.56 31.90
C TYR B 95 -21.33 -20.46 30.82
N ASN B 96 -20.97 -20.81 29.59
CA ASN B 96 -21.10 -19.93 28.44
C ASN B 96 -21.44 -20.71 27.15
N PRO B 97 -22.48 -20.24 26.43
CA PRO B 97 -22.63 -20.41 24.99
C PRO B 97 -21.44 -19.86 24.19
N TYR B 105 -8.38 -32.49 26.43
CA TYR B 105 -7.54 -32.48 25.23
C TYR B 105 -6.19 -31.74 25.44
N PRO B 106 -5.26 -32.36 26.21
CA PRO B 106 -4.11 -31.65 26.81
C PRO B 106 -3.30 -30.74 25.88
N VAL B 107 -3.11 -31.16 24.63
CA VAL B 107 -2.20 -30.50 23.67
C VAL B 107 -1.10 -29.67 24.38
N SER B 108 -0.15 -30.40 24.95
CA SER B 108 0.95 -29.87 25.76
C SER B 108 1.96 -31.00 25.99
N LYS B 109 1.63 -32.16 25.42
CA LYS B 109 2.31 -33.47 25.60
C LYS B 109 3.84 -33.48 25.69
N TYR B 110 4.34 -33.30 26.94
CA TYR B 110 5.72 -32.90 27.34
C TYR B 110 6.93 -33.23 26.48
N GLN B 111 6.83 -32.83 25.20
CA GLN B 111 7.81 -33.12 24.15
C GLN B 111 8.50 -34.44 24.36
N GLN B 112 7.69 -35.44 24.72
CA GLN B 112 8.22 -36.78 24.89
C GLN B 112 7.87 -37.63 23.65
N ASP B 113 6.60 -37.53 23.22
CA ASP B 113 6.07 -38.16 21.98
C ASP B 113 7.14 -38.67 21.00
N GLN B 114 7.60 -37.79 20.13
CA GLN B 114 8.72 -38.13 19.28
C GLN B 114 10.03 -37.53 19.80
N VAL B 115 10.46 -36.38 19.25
CA VAL B 115 11.83 -35.88 19.49
C VAL B 115 12.81 -37.06 19.68
N VAL B 116 12.56 -38.13 18.91
CA VAL B 116 13.34 -39.39 18.83
C VAL B 116 14.18 -39.75 20.10
N LYS B 117 13.59 -39.46 21.28
CA LYS B 117 14.14 -39.70 22.63
C LYS B 117 15.68 -39.62 22.75
N GLU B 118 16.30 -38.78 21.92
CA GLU B 118 17.76 -38.63 21.82
C GLU B 118 18.28 -37.76 22.95
N ASP B 119 18.57 -38.38 24.09
CA ASP B 119 18.78 -37.65 25.35
C ASP B 119 20.18 -37.07 25.57
N ASN B 120 20.66 -36.28 24.61
CA ASN B 120 22.00 -35.69 24.65
C ASN B 120 22.01 -34.21 25.07
N ILE B 121 20.88 -33.51 24.90
CA ILE B 121 20.80 -32.04 25.08
C ILE B 121 21.58 -31.38 23.93
N GLU B 122 22.20 -32.21 23.09
CA GLU B 122 23.06 -31.72 22.05
C GLU B 122 22.81 -32.48 20.77
N ALA B 123 22.43 -33.75 20.91
CA ALA B 123 22.01 -34.56 19.75
C ALA B 123 20.61 -34.12 19.39
N VAL B 124 19.83 -33.80 20.43
CA VAL B 124 18.55 -33.14 20.25
C VAL B 124 18.77 -31.75 19.63
N GLY B 125 19.87 -31.09 19.99
CA GLY B 125 20.16 -29.76 19.52
C GLY B 125 20.69 -29.64 18.10
N LYS B 126 21.62 -30.51 17.75
CA LYS B 126 22.21 -30.52 16.42
C LYS B 126 21.15 -30.98 15.44
N LYS B 127 20.28 -31.87 15.90
CA LYS B 127 19.15 -32.36 15.14
C LYS B 127 18.31 -31.19 14.70
N LEU B 128 18.03 -30.32 15.66
CA LEU B 128 17.30 -29.09 15.41
C LEU B 128 17.79 -28.43 14.13
N HIS B 129 19.09 -28.14 14.07
CA HIS B 129 19.70 -27.59 12.87
C HIS B 129 19.44 -28.42 11.62
N GLU B 130 19.56 -29.74 11.76
CA GLU B 130 19.37 -30.67 10.63
C GLU B 130 17.95 -30.55 10.01
N TYR B 131 16.91 -30.33 10.83
CA TYR B 131 15.56 -30.07 10.27
C TYR B 131 15.38 -28.61 9.87
N ASN B 132 16.15 -27.72 10.49
CA ASN B 132 16.03 -26.29 10.29
C ASN B 132 16.67 -25.80 8.97
N THR B 133 17.73 -26.47 8.52
CA THR B 133 18.30 -26.20 7.20
C THR B 133 17.38 -26.81 6.15
N GLN B 134 16.75 -27.94 6.52
CA GLN B 134 15.81 -28.64 5.67
C GLN B 134 14.53 -27.90 5.46
N PHE B 135 14.09 -27.20 6.50
CA PHE B 135 12.97 -26.32 6.38
C PHE B 135 13.32 -25.14 5.52
N GLN B 136 14.49 -24.56 5.78
CA GLN B 136 15.01 -23.45 4.99
C GLN B 136 15.13 -23.84 3.53
N GLU B 137 15.53 -25.10 3.30
CA GLU B 137 15.79 -25.62 1.96
C GLU B 137 14.53 -25.67 1.15
N LYS B 138 13.44 -26.07 1.81
CA LYS B 138 12.13 -26.21 1.19
C LYS B 138 11.45 -24.85 0.91
N SER B 139 11.41 -23.97 1.93
CA SER B 139 10.91 -22.58 1.76
C SER B 139 11.56 -21.93 0.56
N ARG B 140 12.80 -22.32 0.27
CA ARG B 140 13.54 -21.80 -0.87
C ARG B 140 13.02 -22.42 -2.19
N GLU B 141 12.84 -23.75 -2.23
CA GLU B 141 12.19 -24.36 -3.40
C GLU B 141 10.75 -23.86 -3.48
N TYR B 142 10.10 -23.65 -2.33
CA TYR B 142 8.69 -23.22 -2.31
C TYR B 142 8.53 -21.85 -2.94
N ASP B 143 9.25 -20.88 -2.43
CA ASP B 143 9.08 -19.52 -2.90
C ASP B 143 9.54 -19.40 -4.34
N ARG B 144 10.61 -20.12 -4.72
CA ARG B 144 11.00 -20.26 -6.16
C ARG B 144 9.74 -20.55 -6.94
N LEU B 145 8.90 -21.43 -6.41
CA LEU B 145 7.70 -21.89 -7.09
C LEU B 145 6.56 -20.88 -6.97
N TYR B 146 6.40 -20.27 -5.80
CA TYR B 146 5.31 -19.32 -5.65
C TYR B 146 5.38 -18.26 -6.73
N GLU B 147 6.59 -17.77 -6.99
CA GLU B 147 6.81 -16.69 -7.95
C GLU B 147 6.64 -17.12 -9.42
N GLU B 148 7.04 -18.35 -9.76
CA GLU B 148 6.88 -18.90 -11.13
C GLU B 148 5.41 -19.04 -11.56
N TYR B 149 4.59 -19.60 -10.67
CA TYR B 149 3.14 -19.57 -10.76
C TYR B 149 2.70 -18.13 -11.08
N THR B 150 2.96 -17.19 -10.18
CA THR B 150 2.52 -15.81 -10.37
C THR B 150 3.04 -15.23 -11.65
N ARG B 151 4.26 -15.58 -12.04
CA ARG B 151 4.74 -15.18 -13.34
C ARG B 151 3.86 -15.88 -14.38
N THR B 152 3.85 -17.21 -14.36
CA THR B 152 3.18 -17.96 -15.41
C THR B 152 1.72 -17.52 -15.56
N SER B 153 1.03 -17.31 -14.47
CA SER B 153 -0.33 -16.78 -14.60
C SER B 153 -0.35 -15.59 -15.53
N GLN B 154 0.54 -14.63 -15.30
CA GLN B 154 0.53 -13.36 -16.01
C GLN B 154 1.00 -13.50 -17.46
N GLU B 155 1.84 -14.49 -17.76
CA GLU B 155 2.23 -14.75 -19.14
C GLU B 155 1.07 -15.39 -19.87
N ILE B 156 0.27 -16.17 -19.14
CA ILE B 156 -0.90 -16.85 -19.70
C ILE B 156 -1.99 -15.85 -20.10
N GLN B 157 -2.37 -14.96 -19.20
CA GLN B 157 -3.34 -13.91 -19.55
C GLN B 157 -2.85 -13.01 -20.69
N MET B 158 -1.58 -12.64 -20.65
CA MET B 158 -0.94 -11.88 -21.73
C MET B 158 -0.94 -12.65 -23.06
N LYS B 159 -0.98 -13.98 -22.98
CA LYS B 159 -1.12 -14.81 -24.18
C LYS B 159 -2.59 -14.94 -24.60
N ARG B 160 -3.53 -14.75 -23.65
CA ARG B 160 -4.98 -14.75 -23.92
C ARG B 160 -5.50 -13.48 -24.64
N THR B 161 -4.94 -12.32 -24.28
CA THR B 161 -5.28 -11.09 -24.98
C THR B 161 -4.25 -10.78 -26.02
N ALA B 162 -3.55 -11.80 -26.47
CA ALA B 162 -2.78 -11.69 -27.69
C ALA B 162 -3.57 -12.45 -28.73
N ILE B 163 -3.77 -13.73 -28.45
CA ILE B 163 -4.68 -14.59 -29.19
C ILE B 163 -5.89 -13.83 -29.75
N GLU B 164 -6.37 -12.85 -28.99
CA GLU B 164 -7.51 -12.04 -29.37
C GLU B 164 -7.10 -10.74 -30.04
N ALA B 165 -5.82 -10.40 -29.93
CA ALA B 165 -5.33 -9.24 -30.61
C ALA B 165 -4.96 -9.69 -31.98
N PHE B 166 -4.72 -10.99 -32.11
CA PHE B 166 -4.56 -11.58 -33.42
C PHE B 166 -5.95 -11.65 -34.08
N ASN B 167 -6.92 -12.29 -33.42
CA ASN B 167 -8.27 -12.47 -33.96
C ASN B 167 -8.84 -11.15 -34.43
N GLU B 168 -8.48 -10.08 -33.75
CA GLU B 168 -9.01 -8.79 -34.12
C GLU B 168 -8.30 -8.29 -35.35
N THR B 169 -7.00 -8.54 -35.42
CA THR B 169 -6.17 -8.09 -36.53
C THR B 169 -6.69 -8.64 -37.82
N ILE B 170 -7.07 -9.91 -37.79
CA ILE B 170 -7.53 -10.65 -38.95
C ILE B 170 -8.92 -10.20 -39.35
N LYS B 171 -9.84 -10.16 -38.40
CA LYS B 171 -11.12 -9.50 -38.63
C LYS B 171 -10.92 -8.27 -39.50
N ILE B 172 -9.98 -7.40 -39.15
CA ILE B 172 -9.71 -6.16 -39.90
C ILE B 172 -9.20 -6.42 -41.29
N PHE B 173 -8.34 -7.42 -41.43
CA PHE B 173 -7.75 -7.71 -42.72
C PHE B 173 -8.80 -8.34 -43.62
N GLU B 174 -9.59 -9.25 -43.06
CA GLU B 174 -10.70 -9.88 -43.80
C GLU B 174 -11.60 -8.77 -44.30
N GLU B 175 -12.17 -8.02 -43.36
CA GLU B 175 -12.97 -6.84 -43.65
C GLU B 175 -12.34 -6.04 -44.77
N GLN B 176 -11.01 -5.92 -44.76
CA GLN B 176 -10.30 -5.16 -45.78
C GLN B 176 -10.33 -5.86 -47.12
N CYS B 177 -9.75 -7.06 -47.18
CA CYS B 177 -9.60 -7.75 -48.46
C CYS B 177 -10.95 -8.05 -49.16
N GLN B 178 -12.05 -8.00 -48.41
CA GLN B 178 -13.39 -8.02 -49.00
C GLN B 178 -13.74 -6.67 -49.66
N THR B 179 -13.56 -5.57 -48.92
CA THR B 179 -13.76 -4.25 -49.48
C THR B 179 -12.83 -4.02 -50.65
N GLN B 180 -11.75 -4.79 -50.69
CA GLN B 180 -10.86 -4.83 -51.84
C GLN B 180 -11.61 -5.40 -53.03
N GLU B 181 -12.35 -6.50 -52.83
CA GLU B 181 -13.12 -7.06 -53.94
C GLU B 181 -14.41 -6.30 -54.26
N ARG B 182 -15.00 -5.66 -53.26
CA ARG B 182 -16.15 -4.78 -53.50
C ARG B 182 -15.83 -3.67 -54.52
N TYR B 183 -14.69 -3.01 -54.32
CA TYR B 183 -14.23 -1.94 -55.23
C TYR B 183 -13.46 -2.42 -56.47
N SER B 184 -12.74 -3.53 -56.34
CA SER B 184 -11.98 -4.10 -57.45
C SER B 184 -12.91 -4.53 -58.61
N LYS B 185 -13.73 -5.56 -58.36
CA LYS B 185 -14.71 -6.08 -59.34
C LYS B 185 -15.80 -5.04 -59.63
N GLU B 186 -15.38 -3.79 -59.78
CA GLU B 186 -16.26 -2.63 -59.92
C GLU B 186 -15.51 -1.58 -60.71
N TYR B 187 -14.18 -1.75 -60.73
CA TYR B 187 -13.31 -0.91 -61.56
C TYR B 187 -12.67 -1.75 -62.64
N ILE B 188 -13.07 -3.00 -62.72
CA ILE B 188 -12.51 -3.88 -63.72
C ILE B 188 -13.54 -4.19 -64.82
N GLU B 189 -14.39 -3.22 -65.09
CA GLU B 189 -15.21 -3.22 -66.29
C GLU B 189 -14.30 -2.86 -67.47
N LYS B 190 -13.01 -3.09 -67.29
CA LYS B 190 -11.96 -2.68 -68.22
C LYS B 190 -11.28 -3.88 -68.91
N ASN B 196 -6.75 -0.07 -70.71
CA ASN B 196 -7.64 -1.02 -70.04
C ASN B 196 -6.88 -2.14 -69.31
N GLU B 197 -5.82 -2.63 -69.95
CA GLU B 197 -5.18 -3.91 -69.63
C GLU B 197 -4.25 -3.93 -68.41
N LYS B 198 -3.40 -2.92 -68.29
CA LYS B 198 -2.42 -2.79 -67.19
C LYS B 198 -3.09 -3.01 -65.83
N GLU B 199 -3.69 -1.94 -65.32
CA GLU B 199 -4.40 -1.92 -64.05
C GLU B 199 -4.91 -3.31 -63.62
N ILE B 200 -5.71 -3.93 -64.50
CA ILE B 200 -6.22 -5.30 -64.33
C ILE B 200 -5.23 -6.12 -63.50
N GLN B 201 -4.00 -6.22 -64.01
CA GLN B 201 -2.94 -6.99 -63.39
C GLN B 201 -2.61 -6.48 -61.98
N ARG B 202 -2.08 -5.27 -61.91
CA ARG B 202 -1.49 -4.74 -60.68
C ARG B 202 -2.53 -4.34 -59.62
N ILE B 203 -3.76 -4.83 -59.76
CA ILE B 203 -4.77 -4.75 -58.68
C ILE B 203 -4.85 -6.11 -58.02
N MET B 204 -4.95 -7.14 -58.84
CA MET B 204 -4.99 -8.51 -58.38
C MET B 204 -3.71 -8.79 -57.54
N HIS B 205 -2.66 -8.03 -57.85
CA HIS B 205 -1.33 -8.20 -57.25
C HIS B 205 -1.37 -7.90 -55.78
N ASN B 206 -1.71 -6.67 -55.46
CA ASN B 206 -1.79 -6.21 -54.09
C ASN B 206 -2.95 -6.87 -53.35
N TYR B 207 -4.01 -7.23 -54.06
CA TYR B 207 -5.06 -8.02 -53.44
C TYR B 207 -4.47 -9.35 -53.03
N ASP B 208 -3.54 -9.86 -53.82
CA ASP B 208 -2.93 -11.11 -53.43
C ASP B 208 -1.69 -10.99 -52.56
N LYS B 209 -1.19 -9.77 -52.35
CA LYS B 209 -0.20 -9.54 -51.31
C LYS B 209 -0.92 -9.63 -49.97
N LEU B 210 -2.23 -9.34 -50.02
CA LEU B 210 -3.08 -9.15 -48.86
C LEU B 210 -3.53 -10.46 -48.24
N LYS B 211 -3.95 -11.39 -49.10
CA LYS B 211 -4.51 -12.68 -48.65
C LYS B 211 -3.47 -13.73 -48.27
N SER B 212 -2.22 -13.52 -48.69
CA SER B 212 -1.10 -14.29 -48.17
C SER B 212 -0.82 -13.79 -46.76
N ARG B 213 -0.85 -12.48 -46.60
CA ARG B 213 -0.56 -11.83 -45.34
C ARG B 213 -1.59 -12.30 -44.30
N ILE B 214 -2.85 -12.43 -44.71
CA ILE B 214 -3.91 -13.01 -43.86
C ILE B 214 -3.57 -14.43 -43.42
N SER B 215 -2.94 -15.18 -44.31
CA SER B 215 -2.56 -16.53 -43.97
C SER B 215 -1.38 -16.45 -43.05
N GLU B 216 -0.49 -15.51 -43.32
CA GLU B 216 0.73 -15.42 -42.57
C GLU B 216 0.43 -15.17 -41.09
N ILE B 217 -0.52 -14.28 -40.82
CA ILE B 217 -0.90 -13.94 -39.45
C ILE B 217 -1.50 -15.14 -38.78
N ILE B 218 -2.42 -15.81 -39.46
CA ILE B 218 -3.05 -17.05 -39.00
C ILE B 218 -1.99 -18.10 -38.65
N ASP B 219 -0.92 -18.16 -39.45
CA ASP B 219 0.25 -18.98 -39.12
C ASP B 219 0.68 -18.65 -37.69
N SER B 220 0.63 -17.37 -37.31
CA SER B 220 1.04 -16.94 -35.98
C SER B 220 0.10 -17.22 -34.81
N ARG B 221 -1.22 -17.15 -35.02
CA ARG B 221 -2.17 -17.31 -33.91
C ARG B 221 -2.39 -18.75 -33.49
N ARG B 222 -2.19 -19.71 -34.39
CA ARG B 222 -2.19 -21.10 -33.92
C ARG B 222 -0.88 -21.37 -33.17
N ARG B 223 0.23 -20.81 -33.68
CA ARG B 223 1.56 -21.00 -33.09
C ARG B 223 1.61 -20.52 -31.65
N LEU B 224 1.12 -19.31 -31.40
CA LEU B 224 1.04 -18.75 -30.06
C LEU B 224 0.18 -19.64 -29.20
N GLU B 225 -0.90 -20.15 -29.81
CA GLU B 225 -1.84 -20.97 -29.08
C GLU B 225 -1.17 -22.26 -28.65
N GLU B 226 -0.41 -22.86 -29.56
CA GLU B 226 0.31 -24.09 -29.24
C GLU B 226 1.34 -23.90 -28.11
N ASP B 227 1.77 -22.66 -27.89
CA ASP B 227 2.66 -22.34 -26.76
C ASP B 227 1.81 -22.00 -25.54
N LEU B 228 0.62 -21.46 -25.80
CA LEU B 228 -0.31 -21.14 -24.73
C LEU B 228 -0.62 -22.42 -24.02
N LYS B 229 -1.18 -23.38 -24.75
CA LYS B 229 -1.63 -24.59 -24.12
C LYS B 229 -0.43 -25.44 -23.70
N LYS B 230 0.76 -25.09 -24.20
CA LYS B 230 2.01 -25.68 -23.74
C LYS B 230 2.31 -25.18 -22.33
N GLN B 231 2.13 -23.88 -22.12
CA GLN B 231 2.25 -23.27 -20.80
C GLN B 231 1.07 -23.59 -19.89
N ALA B 232 -0.14 -23.41 -20.38
CA ALA B 232 -1.30 -23.80 -19.60
C ALA B 232 -1.01 -25.15 -18.95
N ALA B 233 -0.27 -26.00 -19.66
CA ALA B 233 0.13 -27.28 -19.12
C ALA B 233 1.04 -27.11 -17.90
N GLU B 234 2.28 -26.69 -18.15
CA GLU B 234 3.30 -26.58 -17.11
C GLU B 234 2.93 -25.68 -15.91
N TYR B 235 1.88 -24.89 -16.09
CA TYR B 235 1.26 -24.13 -15.00
C TYR B 235 0.79 -25.12 -13.92
N ARG B 236 0.11 -26.20 -14.34
CA ARG B 236 -0.36 -27.26 -13.44
C ARG B 236 0.80 -27.92 -12.72
N GLU B 237 1.85 -28.22 -13.47
CA GLU B 237 3.02 -28.82 -12.88
C GLU B 237 3.63 -27.95 -11.77
N ILE B 238 3.21 -26.70 -11.67
CA ILE B 238 3.61 -25.88 -10.54
C ILE B 238 2.62 -26.02 -9.35
N ASP B 239 1.31 -25.87 -9.60
CA ASP B 239 0.29 -26.03 -8.54
C ASP B 239 0.36 -27.46 -8.02
N LYS B 240 0.81 -28.38 -8.87
CA LYS B 240 1.01 -29.77 -8.48
C LYS B 240 2.06 -29.87 -7.40
N ARG B 241 3.26 -29.37 -7.68
CA ARG B 241 4.40 -29.55 -6.77
C ARG B 241 4.42 -28.49 -5.67
N MET B 242 3.45 -27.60 -5.71
CA MET B 242 3.23 -26.71 -4.61
C MET B 242 2.44 -27.46 -3.54
N ASN B 243 1.25 -27.89 -3.93
CA ASN B 243 0.38 -28.66 -3.06
C ASN B 243 0.90 -30.09 -2.80
N SER B 244 2.02 -30.43 -3.45
CA SER B 244 2.80 -31.65 -3.16
C SER B 244 3.88 -31.39 -2.10
N ILE B 245 4.39 -30.16 -2.07
CA ILE B 245 5.52 -29.78 -1.22
C ILE B 245 5.05 -28.82 -0.14
N LYS B 246 3.74 -28.77 0.06
CA LYS B 246 3.20 -28.08 1.23
C LYS B 246 3.03 -29.06 2.39
N PRO B 247 2.61 -30.32 2.10
CA PRO B 247 2.55 -31.29 3.18
C PRO B 247 3.80 -31.27 4.04
N ASP B 248 4.96 -31.49 3.39
CA ASP B 248 6.26 -31.45 4.05
C ASP B 248 6.38 -30.21 4.89
N LEU B 249 6.40 -29.07 4.21
CA LEU B 249 6.76 -27.79 4.80
C LEU B 249 5.91 -27.40 6.00
N ILE B 250 4.94 -28.23 6.38
CA ILE B 250 4.30 -28.03 7.68
C ILE B 250 4.72 -29.10 8.69
N GLN B 251 4.90 -30.33 8.23
CA GLN B 251 5.38 -31.40 9.10
C GLN B 251 6.80 -31.13 9.51
N LEU B 252 7.68 -30.99 8.53
CA LEU B 252 9.08 -30.64 8.77
C LEU B 252 9.09 -29.42 9.68
N ARG B 253 8.23 -28.46 9.39
CA ARG B 253 8.07 -27.33 10.27
C ARG B 253 7.64 -27.80 11.63
N LYS B 254 6.59 -28.62 11.72
CA LYS B 254 6.01 -28.93 13.02
C LYS B 254 7.04 -29.50 13.98
N THR B 255 7.61 -30.64 13.60
CA THR B 255 8.58 -31.37 14.43
C THR B 255 9.73 -30.49 14.89
N ARG B 256 10.00 -29.42 14.16
CA ARG B 256 10.97 -28.45 14.61
C ARG B 256 10.48 -27.71 15.85
N ASP B 257 9.27 -27.20 15.83
CA ASP B 257 8.77 -26.57 17.02
C ASP B 257 8.49 -27.57 18.12
N GLN B 258 8.46 -28.85 17.74
CA GLN B 258 8.54 -29.97 18.68
C GLN B 258 9.97 -30.09 19.32
N TYR B 259 11.01 -30.39 18.52
CA TYR B 259 12.41 -30.45 18.99
C TYR B 259 12.87 -29.18 19.73
N LEU B 260 12.69 -28.03 19.08
CA LEU B 260 13.08 -26.72 19.59
C LEU B 260 12.53 -26.51 20.98
N MET B 261 11.37 -27.10 21.22
CA MET B 261 10.66 -26.97 22.48
C MET B 261 11.24 -27.81 23.61
N TRP B 262 11.87 -28.95 23.29
CA TRP B 262 12.47 -29.80 24.33
C TRP B 262 13.77 -29.25 24.84
N LEU B 263 14.27 -28.25 24.12
CA LEU B 263 15.45 -27.52 24.53
C LEU B 263 15.08 -26.45 25.58
N THR B 264 14.22 -25.51 25.20
CA THR B 264 13.70 -24.49 26.12
C THR B 264 12.87 -25.03 27.35
N GLN B 265 12.50 -26.31 27.33
CA GLN B 265 11.89 -26.96 28.52
C GLN B 265 12.99 -27.32 29.52
N LYS B 266 14.15 -27.75 29.00
CA LYS B 266 15.33 -27.96 29.85
C LYS B 266 16.41 -26.83 29.80
N GLY B 267 16.83 -26.41 28.61
CA GLY B 267 17.89 -25.39 28.47
C GLY B 267 17.48 -24.14 27.70
N LYS B 272 20.75 -18.98 24.01
CA LYS B 272 21.98 -19.61 23.49
C LYS B 272 21.65 -20.47 22.27
N LEU B 273 20.37 -20.86 22.19
CA LEU B 273 19.81 -21.71 21.12
C LEU B 273 20.00 -21.16 19.69
N ASN B 274 20.68 -20.02 19.62
CA ASN B 274 21.01 -19.34 18.38
C ASN B 274 21.79 -20.22 17.43
N GLU B 275 22.88 -20.85 17.90
CA GLU B 275 23.87 -21.42 16.97
C GLU B 275 23.27 -22.38 15.90
N TRP B 276 22.26 -23.15 16.30
CA TRP B 276 21.67 -24.22 15.48
C TRP B 276 20.57 -23.81 14.55
N LEU B 277 20.67 -22.62 13.97
CA LEU B 277 19.54 -22.03 13.28
C LEU B 277 19.98 -21.13 12.14
P1 PBU C . 17.00 -8.59 -29.60
P4 PBU C . 13.14 -15.42 -27.82
P5 PBU C . 10.63 -11.53 -28.25
C3' PBU C . 16.55 -7.52 -32.09
C2' PBU C . 17.34 -6.25 -32.55
O2' PBU C . 17.08 -6.00 -33.97
C1' PBU C . 18.88 -6.39 -32.18
O1' PBU C . 19.72 -7.18 -33.07
C1 PBU C . 15.25 -10.29 -28.47
O1 PBU C . 15.76 -9.62 -29.63
C2 PBU C . 16.29 -11.28 -27.86
O2 PBU C . 17.17 -11.81 -28.90
C3 PBU C . 15.68 -12.48 -27.07
O3 PBU C . 16.62 -13.58 -26.96
C4 PBU C . 14.40 -13.01 -27.77
O4 PBU C . 13.84 -14.13 -27.06
C5 PBU C . 13.38 -11.87 -28.03
O5 PBU C . 12.08 -12.31 -28.52
C6 PBU C . 14.03 -10.97 -29.08
O6 PBU C . 13.12 -10.00 -29.67
C7 PBU C . 17.17 -4.59 -34.40
O7 PBU C . 16.57 -3.76 -33.73
C8 PBU C . 17.96 -4.14 -35.63
C9 PBU C . 17.73 -5.04 -36.89
C10 PBU C . 16.71 -4.38 -37.88
C11 PBU C . 20.92 -6.54 -33.68
O11 PBU C . 21.14 -5.35 -33.43
C12 PBU C . 21.94 -7.27 -34.58
C13 PBU C . 21.27 -8.06 -35.73
C14 PBU C . 22.29 -8.96 -36.44
O41 PBU C . 14.22 -16.53 -27.83
O42 PBU C . 12.76 -14.95 -29.24
O43 PBU C . 11.88 -15.67 -26.94
O51 PBU C . 9.89 -12.37 -27.20
O52 PBU C . 10.01 -11.64 -29.66
O53 PBU C . 10.90 -10.09 -27.71
OP1 PBU C . 16.45 -7.43 -30.63
OP2 PBU C . 17.01 -8.07 -28.15
OP3 PBU C . 18.20 -9.32 -30.20
P PO4 D . -43.20 -0.12 25.95
O1 PO4 D . -44.29 -0.54 24.91
O2 PO4 D . -43.67 1.15 26.71
O3 PO4 D . -42.86 -1.27 26.94
O4 PO4 D . -41.90 0.24 25.18
P1 PBU E . 18.88 -12.22 -5.30
P4 PBU E . 22.31 -12.92 2.45
P5 PBU E . 23.06 -15.10 -2.38
C3' PBU E . 20.10 -11.34 -7.62
C2' PBU E . 21.29 -12.25 -8.00
O2' PBU E . 21.46 -12.10 -9.43
C1' PBU E . 21.11 -13.77 -7.67
O1' PBU E . 19.81 -14.34 -8.03
C1 PBU E . 19.45 -12.18 -2.54
O1 PBU E . 19.00 -11.52 -3.79
C2 PBU E . 18.98 -11.38 -1.31
O2 PBU E . 19.47 -10.02 -1.42
C3 PBU E . 19.48 -11.99 0.02
O3 PBU E . 19.24 -10.98 1.05
C4 PBU E . 20.96 -12.55 0.04
O4 PBU E . 21.26 -13.35 1.23
C5 PBU E . 21.30 -13.31 -1.28
O5 PBU E . 22.66 -13.81 -1.41
C6 PBU E . 20.98 -12.39 -2.47
O6 PBU E . 21.52 -12.95 -3.71
C7 PBU E . 22.85 -12.31 -9.86
O7 PBU E . 23.54 -11.31 -10.08
C8 PBU E . 23.39 -13.73 -10.08
C9 PBU E . 24.94 -13.79 -10.26
C10 PBU E . 25.35 -15.29 -10.30
C11 PBU E . 19.40 -15.77 -7.80
O11 PBU E . 20.16 -16.62 -7.33
C12 PBU E . 17.95 -16.17 -8.16
C13 PBU E . 17.93 -16.99 -9.52
C14 PBU E . 16.72 -16.64 -10.43
O41 PBU E . 22.58 -11.39 2.31
O42 PBU E . 23.58 -13.74 2.21
O43 PBU E . 21.63 -13.38 3.76
O51 PBU E . 23.98 -16.05 -1.58
O52 PBU E . 23.79 -14.41 -3.56
O53 PBU E . 21.72 -15.79 -2.71
OP1 PBU E . 19.99 -11.36 -6.18
OP2 PBU E . 19.19 -13.75 -5.16
OP3 PBU E . 17.51 -11.92 -5.97
#